data_4UE3
#
_entry.id   4UE3
#
_cell.length_a   93.521
_cell.length_b   97.405
_cell.length_c   183.229
_cell.angle_alpha   90.000
_cell.angle_beta   90.000
_cell.angle_gamma   90.000
#
_symmetry.space_group_name_H-M   'P 21 21 21'
#
loop_
_entity.id
_entity.type
_entity.pdbx_description
1 polymer 'Hydrogenase-1 small chain'
2 polymer 'Hydrogenase-1 large chain'
3 non-polymer 'IRON/SULFUR CLUSTER'
4 non-polymer 'FE3-S4 CLUSTER'
5 non-polymer 'FE4-S3 CLUSTER'
6 non-polymer 'CHLORIDE ION'
7 non-polymer 'SULFATE ION'
8 non-polymer 'CARBONMONOXIDE-(DICYANO) IRON'
9 non-polymer 'NICKEL (II) ION'
10 non-polymer 'MAGNESIUM ION'
11 non-polymer 'LITHIUM ION'
12 water water
#
loop_
_entity_poly.entity_id
_entity_poly.type
_entity_poly.pdbx_seq_one_letter_code
_entity_poly.pdbx_strand_id
1 'polypeptide(L)'
;KPRIPVVWIHGLECTCCTESFIRSAHPLAKDVILSLISLDYDDTLMAAAGTQAEEVFEDIITQYNGKYILAVEGNPPLGE
QGMFCISSGRPFIEKLKRAAAGASAIIAWGTCASWGCVQAARPNPTQATPIDKVITDKPIIKVPGCPPIPDVMSAIITYM
VTFDRLPDVDRMGRPLMFYGQRIHDKCYRRAHFDAGEFVQSWDDDAARKGYCLYKMGCKGPTTYNACSSTRWNDGVSFPI
QSGHGCLGCAENGFWDRGSFYSRV
;
SSS,TTT
2 'polypeptide(L)'
;STQYETQGYTINNAGRRLVVDPITRIEGHMRCEVNINDQNVITNAVSCGTMFRGLEIILQGRDPRDAWAFVERICGV
(CSO)TGVHALASVYAIEDAIGIKVPDNANIIRNIMLATLWCHDHLVHFYQLAGMDWIDVLDALKADPRKTSELAQSLSS
WPKSSPGYFFDVQNRLKKFVEGGQLGIFRNGYWGHPQYKLPPEANLMGFAHYLEALDFQREIVKIHAVFGGKNPHPNWIV
GGMPCAINIDESGAVGAVNMERLNLVQSIITRTADFINNVMIPDALAIGQFNKPWSEIGTGLSDKCVLSYGAFPDIANDF
GEKSLLMPGGAVINGDFNNVLPVDLVDPQQVQEFVDHAWYRYPNDQVGRHPFDGITDPWYNPGDVKGSDTNIQQLNEQER
YSWIKAPRWRGNAMEVGPLARTLIAYHKGDAATVESVDRMMSALNLPLSGIQSTLGRILCRAHEAQWAAGKLQYFFDKLM
TNLKNGNLATASTEKWEPATWPTECRGVGFTEAPKGALGHWAAIRDGKIDLYQCVVPTTWNASPRDPKGQIGAYEAALMN
TKMAIPEQPLEILRTLHSFDPCLACSTH
;
LLL,MMM
#
# COMPACT_ATOMS: atom_id res chain seq x y z
N LYS A 1 -13.21 -27.01 1.05
CA LYS A 1 -12.25 -27.69 1.98
C LYS A 1 -12.27 -27.01 3.36
N PRO A 2 -12.52 -27.75 4.47
CA PRO A 2 -12.68 -27.11 5.78
C PRO A 2 -11.45 -26.30 6.20
N ARG A 3 -11.72 -25.21 6.91
CA ARG A 3 -10.66 -24.31 7.42
C ARG A 3 -10.41 -24.63 8.89
N ILE A 4 -9.20 -24.39 9.33
CA ILE A 4 -8.80 -24.77 10.71
C ILE A 4 -9.60 -23.93 11.70
N PRO A 5 -10.25 -24.57 12.67
CA PRO A 5 -11.00 -23.85 13.69
C PRO A 5 -10.08 -23.10 14.66
N VAL A 6 -10.44 -21.85 14.88
CA VAL A 6 -9.71 -20.97 15.83
C VAL A 6 -10.73 -20.43 16.82
N VAL A 7 -10.41 -20.52 18.11
CA VAL A 7 -11.17 -19.90 19.21
C VAL A 7 -10.28 -18.80 19.77
N TRP A 8 -10.77 -17.56 19.76
CA TRP A 8 -10.00 -16.38 20.25
C TRP A 8 -10.68 -15.85 21.49
N ILE A 9 -10.01 -15.97 22.64
CA ILE A 9 -10.55 -15.48 23.93
C ILE A 9 -9.73 -14.28 24.41
N HIS A 10 -10.34 -13.55 25.33
CA HIS A 10 -9.87 -12.25 25.80
C HIS A 10 -9.93 -12.23 27.32
N GLY A 11 -8.79 -12.08 27.97
CA GLY A 11 -8.76 -11.86 29.43
C GLY A 11 -8.69 -10.38 29.75
N LEU A 12 -7.87 -9.99 30.72
CA LEU A 12 -7.61 -8.55 30.99
C LEU A 12 -6.72 -8.09 29.84
N GLU A 13 -7.14 -7.03 29.16
CA GLU A 13 -6.42 -6.57 27.93
CA GLU A 13 -6.55 -6.63 27.85
C GLU A 13 -6.98 -5.22 27.53
N CYS A 14 -6.34 -4.65 26.54
CA CYS A 14 -6.78 -3.36 25.95
C CYS A 14 -7.32 -3.56 24.53
N THR A 15 -7.19 -4.76 23.97
CA THR A 15 -7.67 -5.14 22.60
C THR A 15 -6.73 -4.64 21.52
N CYS A 16 -5.53 -4.20 21.86
CA CYS A 16 -4.59 -3.73 20.83
C CYS A 16 -4.19 -4.89 19.92
N CYS A 17 -4.08 -6.12 20.44
CA CYS A 17 -3.63 -7.23 19.54
C CYS A 17 -4.70 -7.55 18.50
N THR A 18 -5.98 -7.52 18.87
CA THR A 18 -7.07 -7.71 17.90
C THR A 18 -7.01 -6.58 16.84
N GLU A 19 -6.87 -5.35 17.31
CA GLU A 19 -6.75 -4.22 16.37
C GLU A 19 -5.54 -4.43 15.44
N SER A 20 -4.40 -4.85 15.99
CA SER A 20 -3.21 -5.06 15.16
C SER A 20 -3.52 -6.13 14.08
N PHE A 21 -4.16 -7.22 14.50
CA PHE A 21 -4.48 -8.29 13.56
C PHE A 21 -5.29 -7.73 12.38
N ILE A 22 -6.29 -6.89 12.64
CA ILE A 22 -7.12 -6.41 11.52
C ILE A 22 -6.38 -5.41 10.66
N ARG A 23 -5.24 -4.87 11.10
CA ARG A 23 -4.42 -4.02 10.23
C ARG A 23 -3.67 -4.82 9.16
N SER A 24 -3.63 -6.14 9.27
CA SER A 24 -2.81 -6.92 8.32
C SER A 24 -2.98 -6.49 6.87
N ALA A 25 -1.86 -6.31 6.20
CA ALA A 25 -1.86 -5.85 4.78
C ALA A 25 -1.81 -7.04 3.83
N HIS A 26 -1.21 -8.15 4.28
CA HIS A 26 -1.00 -9.29 3.35
C HIS A 26 -0.71 -10.54 4.14
N PRO A 27 -1.63 -11.50 4.25
CA PRO A 27 -2.99 -11.39 3.75
C PRO A 27 -3.84 -10.41 4.54
N LEU A 28 -4.81 -9.80 3.84
CA LEU A 28 -5.83 -8.98 4.52
C LEU A 28 -6.53 -9.80 5.59
N ALA A 29 -6.89 -9.21 6.71
CA ALA A 29 -7.61 -9.92 7.76
C ALA A 29 -8.91 -10.46 7.18
N LYS A 30 -9.54 -9.75 6.29
CA LYS A 30 -10.72 -10.26 5.59
C LYS A 30 -10.44 -11.64 5.02
N ASP A 31 -9.37 -11.75 4.26
CA ASP A 31 -9.09 -13.05 3.58
C ASP A 31 -8.60 -14.08 4.59
N VAL A 32 -7.96 -13.68 5.70
CA VAL A 32 -7.66 -14.69 6.72
C VAL A 32 -8.99 -15.29 7.24
N ILE A 33 -9.93 -14.42 7.55
CA ILE A 33 -11.22 -14.84 8.17
C ILE A 33 -12.04 -15.63 7.16
N LEU A 34 -12.07 -15.22 5.90
CA LEU A 34 -13.01 -15.87 4.96
C LEU A 34 -12.37 -17.12 4.37
N SER A 35 -11.06 -17.18 4.22
CA SER A 35 -10.40 -18.23 3.39
C SER A 35 -9.38 -19.05 4.12
N LEU A 36 -8.73 -18.57 5.16
CA LEU A 36 -7.57 -19.30 5.71
C LEU A 36 -7.89 -20.02 7.00
N ILE A 37 -8.69 -19.45 7.88
CA ILE A 37 -9.06 -20.06 9.17
C ILE A 37 -10.58 -20.03 9.26
N SER A 38 -11.12 -20.73 10.25
CA SER A 38 -12.51 -20.53 10.72
C SER A 38 -12.47 -19.91 12.10
N LEU A 39 -12.66 -18.59 12.14
CA LEU A 39 -12.62 -17.84 13.41
C LEU A 39 -13.98 -18.05 14.06
N ASP A 40 -14.05 -19.05 14.92
CA ASP A 40 -15.36 -19.62 15.34
C ASP A 40 -15.82 -18.98 16.62
N TYR A 41 -14.98 -18.28 17.36
CA TYR A 41 -15.37 -17.57 18.60
C TYR A 41 -14.44 -16.37 18.71
N ASP A 42 -15.00 -15.18 18.96
CA ASP A 42 -14.15 -13.97 19.15
C ASP A 42 -15.07 -12.87 19.67
N ASP A 43 -14.99 -12.54 20.95
CA ASP A 43 -15.93 -11.58 21.54
C ASP A 43 -15.93 -10.26 20.77
N THR A 44 -14.84 -9.82 20.20
CA THR A 44 -14.78 -8.47 19.59
C THR A 44 -15.62 -8.43 18.32
N LEU A 45 -15.71 -9.51 17.55
CA LEU A 45 -16.24 -9.47 16.17
C LEU A 45 -17.51 -10.30 15.97
N MET A 46 -17.83 -11.19 16.89
CA MET A 46 -18.90 -12.17 16.60
C MET A 46 -20.32 -11.57 16.75
N ALA A 47 -21.26 -12.05 15.94
CA ALA A 47 -22.65 -11.60 15.95
C ALA A 47 -23.30 -11.94 17.30
N ALA A 48 -23.15 -13.19 17.73
CA ALA A 48 -23.88 -13.68 18.91
C ALA A 48 -23.36 -13.00 20.17
N ALA A 49 -24.23 -12.78 21.17
CA ALA A 49 -23.86 -12.30 22.51
C ALA A 49 -24.45 -13.22 23.55
N GLY A 50 -24.04 -13.05 24.78
CA GLY A 50 -24.69 -13.69 25.93
C GLY A 50 -24.90 -15.16 25.71
N THR A 51 -26.14 -15.64 25.94
CA THR A 51 -26.36 -17.10 25.90
C THR A 51 -26.05 -17.65 24.52
N GLN A 52 -26.30 -16.90 23.46
CA GLN A 52 -25.99 -17.40 22.12
C GLN A 52 -24.46 -17.54 21.97
N ALA A 53 -23.67 -16.59 22.49
CA ALA A 53 -22.19 -16.70 22.44
C ALA A 53 -21.69 -17.85 23.30
N GLU A 54 -22.29 -18.06 24.47
CA GLU A 54 -21.92 -19.23 25.33
C GLU A 54 -22.19 -20.53 24.55
N GLU A 55 -23.28 -20.60 23.78
CA GLU A 55 -23.65 -21.81 22.97
C GLU A 55 -22.57 -22.02 21.93
N VAL A 56 -22.13 -20.96 21.25
CA VAL A 56 -21.10 -21.12 20.20
C VAL A 56 -19.85 -21.67 20.87
N PHE A 57 -19.40 -21.04 21.96
CA PHE A 57 -18.19 -21.45 22.67
C PHE A 57 -18.24 -22.94 23.01
N GLU A 58 -19.32 -23.34 23.68
CA GLU A 58 -19.46 -24.75 24.14
C GLU A 58 -19.51 -25.68 22.92
N ASP A 59 -20.24 -25.34 21.88
CA ASP A 59 -20.38 -26.23 20.71
C ASP A 59 -19.04 -26.43 20.03
N ILE A 60 -18.28 -25.32 19.84
CA ILE A 60 -17.04 -25.39 19.05
C ILE A 60 -16.02 -26.19 19.83
N ILE A 61 -15.87 -25.92 21.13
CA ILE A 61 -14.78 -26.62 21.87
C ILE A 61 -15.16 -28.11 22.00
N THR A 62 -16.44 -28.45 21.98
CA THR A 62 -16.90 -29.87 22.08
C THR A 62 -16.74 -30.54 20.73
N GLN A 63 -17.31 -29.95 19.68
CA GLN A 63 -17.26 -30.53 18.34
C GLN A 63 -15.81 -30.69 17.85
N TYR A 64 -14.98 -29.68 18.07
CA TYR A 64 -13.59 -29.65 17.57
C TYR A 64 -12.58 -29.97 18.66
N ASN A 65 -13.00 -30.65 19.72
CA ASN A 65 -12.09 -31.01 20.83
C ASN A 65 -10.82 -31.64 20.25
N GLY A 66 -9.66 -31.14 20.64
CA GLY A 66 -8.37 -31.64 20.18
C GLY A 66 -7.90 -31.06 18.86
N LYS A 67 -8.72 -30.26 18.18
CA LYS A 67 -8.47 -29.86 16.78
C LYS A 67 -8.51 -28.36 16.52
N TYR A 68 -8.81 -27.55 17.52
CA TYR A 68 -8.83 -26.09 17.29
C TYR A 68 -7.56 -25.49 17.86
N ILE A 69 -7.18 -24.37 17.26
CA ILE A 69 -6.15 -23.45 17.83
C ILE A 69 -6.85 -22.50 18.80
N LEU A 70 -6.28 -22.33 19.96
CA LEU A 70 -6.76 -21.31 20.92
C LEU A 70 -5.83 -20.10 20.83
N ALA A 71 -6.39 -18.98 20.42
CA ALA A 71 -5.70 -17.68 20.49
C ALA A 71 -6.12 -16.99 21.77
N VAL A 72 -5.15 -16.51 22.53
CA VAL A 72 -5.47 -15.82 23.80
C VAL A 72 -4.85 -14.44 23.69
N GLU A 73 -5.70 -13.45 23.98
N GLU A 73 -5.70 -13.43 23.88
CA GLU A 73 -5.31 -12.04 24.12
CA GLU A 73 -5.24 -12.03 24.12
C GLU A 73 -5.56 -11.69 25.59
C GLU A 73 -5.54 -11.71 25.59
N GLY A 74 -4.66 -10.95 26.21
CA GLY A 74 -4.82 -10.61 27.62
C GLY A 74 -4.48 -11.74 28.54
N ASN A 75 -4.79 -11.57 29.81
CA ASN A 75 -4.35 -12.54 30.83
C ASN A 75 -5.37 -12.67 31.96
N PRO A 76 -5.25 -13.73 32.75
CA PRO A 76 -6.11 -13.90 33.92
C PRO A 76 -5.51 -13.22 35.15
N PRO A 77 -6.36 -12.53 35.96
CA PRO A 77 -5.96 -12.01 37.25
C PRO A 77 -6.22 -13.04 38.36
N LEU A 78 -5.26 -13.28 39.23
CA LEU A 78 -5.53 -14.24 40.32
C LEU A 78 -6.15 -13.54 41.51
N GLY A 79 -6.12 -12.21 41.60
CA GLY A 79 -6.71 -11.50 42.73
C GLY A 79 -8.23 -11.60 42.76
N GLU A 80 -8.78 -11.40 43.96
CA GLU A 80 -10.25 -11.41 44.19
C GLU A 80 -10.87 -12.69 43.64
N GLN A 81 -10.24 -13.82 43.86
CA GLN A 81 -10.69 -15.16 43.36
CA GLN A 81 -10.75 -15.14 43.38
C GLN A 81 -10.92 -15.13 41.86
N GLY A 82 -10.16 -14.30 41.13
CA GLY A 82 -10.27 -14.22 39.68
C GLY A 82 -11.35 -13.29 39.20
N MET A 83 -12.08 -12.65 40.10
CA MET A 83 -13.23 -11.81 39.69
C MET A 83 -12.86 -10.36 39.33
N PHE A 84 -11.58 -10.08 39.19
CA PHE A 84 -11.12 -8.92 38.39
C PHE A 84 -11.40 -9.11 36.91
N CYS A 85 -11.75 -10.30 36.42
CA CYS A 85 -12.12 -10.48 35.02
C CYS A 85 -13.20 -11.55 34.98
N ILE A 86 -14.41 -11.16 34.67
CA ILE A 86 -15.61 -12.04 34.85
C ILE A 86 -16.15 -12.32 33.47
N SER A 87 -16.43 -13.57 33.21
CA SER A 87 -16.93 -14.11 31.92
CA SER A 87 -17.07 -13.97 31.93
C SER A 87 -18.18 -14.97 32.23
N SER A 88 -19.38 -14.59 31.78
CA SER A 88 -20.62 -15.36 32.05
C SER A 88 -20.73 -15.58 33.55
N GLY A 89 -20.43 -14.58 34.37
CA GLY A 89 -20.67 -14.62 35.81
C GLY A 89 -19.59 -15.33 36.58
N ARG A 90 -18.57 -15.86 35.92
CA ARG A 90 -17.55 -16.66 36.60
C ARG A 90 -16.15 -16.16 36.26
N PRO A 91 -15.13 -16.57 37.00
CA PRO A 91 -13.80 -16.06 36.69
C PRO A 91 -13.38 -16.41 35.27
N PHE A 92 -12.76 -15.46 34.57
CA PHE A 92 -12.21 -15.71 33.22
C PHE A 92 -11.29 -16.96 33.20
N ILE A 93 -10.52 -17.14 34.27
CA ILE A 93 -9.57 -18.27 34.29
C ILE A 93 -10.33 -19.58 34.01
N GLU A 94 -11.56 -19.71 34.45
CA GLU A 94 -12.33 -20.95 34.20
C GLU A 94 -12.54 -21.12 32.69
N LYS A 95 -12.87 -20.07 31.96
CA LYS A 95 -13.08 -20.14 30.52
C LYS A 95 -11.74 -20.42 29.82
N LEU A 96 -10.68 -19.77 30.26
CA LEU A 96 -9.31 -20.08 29.77
C LEU A 96 -8.98 -21.55 29.92
N LYS A 97 -9.17 -22.12 31.11
CA LYS A 97 -8.81 -23.54 31.31
C LYS A 97 -9.72 -24.43 30.46
N ARG A 98 -11.02 -24.17 30.36
CA ARG A 98 -11.90 -24.99 29.51
C ARG A 98 -11.42 -24.93 28.07
N ALA A 99 -11.16 -23.71 27.55
CA ALA A 99 -10.73 -23.55 26.15
C ALA A 99 -9.37 -24.23 25.94
N ALA A 100 -8.47 -24.08 26.88
CA ALA A 100 -7.12 -24.66 26.74
C ALA A 100 -7.18 -26.19 26.70
N ALA A 101 -8.08 -26.77 27.47
CA ALA A 101 -8.08 -28.26 27.59
C ALA A 101 -8.34 -28.90 26.23
N GLY A 102 -9.18 -28.31 25.38
CA GLY A 102 -9.54 -28.87 24.08
C GLY A 102 -8.64 -28.40 22.95
N ALA A 103 -7.67 -27.49 23.19
CA ALA A 103 -6.92 -26.91 22.06
C ALA A 103 -5.79 -27.86 21.63
N SER A 104 -5.43 -27.85 20.37
CA SER A 104 -4.26 -28.56 19.85
C SER A 104 -3.02 -27.74 20.19
N ALA A 105 -3.16 -26.41 20.19
CA ALA A 105 -2.05 -25.50 20.51
C ALA A 105 -2.60 -24.12 20.84
N ILE A 106 -1.79 -23.32 21.50
CA ILE A 106 -2.21 -21.98 22.01
C ILE A 106 -1.26 -20.95 21.44
N ILE A 107 -1.85 -19.88 20.92
CA ILE A 107 -1.08 -18.67 20.55
CA ILE A 107 -1.10 -18.67 20.53
C ILE A 107 -1.35 -17.64 21.62
N ALA A 108 -0.31 -17.21 22.30
CA ALA A 108 -0.37 -16.13 23.29
C ALA A 108 -0.03 -14.84 22.55
N TRP A 109 -1.04 -14.10 22.13
CA TRP A 109 -0.82 -12.85 21.42
C TRP A 109 -0.44 -11.77 22.39
N GLY A 110 0.62 -11.06 22.08
CA GLY A 110 0.95 -9.86 22.82
C GLY A 110 1.66 -10.07 24.13
N THR A 111 2.30 -9.02 24.60
CA THR A 111 2.98 -9.05 25.89
C THR A 111 2.00 -9.38 27.01
N CYS A 112 0.72 -9.03 26.94
CA CYS A 112 -0.19 -9.39 28.05
C CYS A 112 -0.26 -10.93 28.20
N ALA A 113 -0.51 -11.67 27.12
CA ALA A 113 -0.74 -13.13 27.21
C ALA A 113 0.63 -13.79 27.45
N SER A 114 1.68 -13.22 26.89
CA SER A 114 3.03 -13.81 26.96
C SER A 114 3.64 -13.61 28.35
N TRP A 115 3.54 -12.42 28.96
CA TRP A 115 4.34 -12.04 30.14
C TRP A 115 3.52 -11.33 31.22
N GLY A 116 2.57 -10.47 30.84
CA GLY A 116 1.84 -9.67 31.86
C GLY A 116 1.43 -8.32 31.32
N CYS A 117 2.36 -7.61 30.72
CA CYS A 117 2.19 -6.26 30.16
C CYS A 117 1.68 -5.32 31.26
N VAL A 118 0.96 -4.28 30.89
CA VAL A 118 0.87 -3.08 31.76
C VAL A 118 0.17 -3.43 33.07
N GLN A 119 -0.85 -4.28 33.06
CA GLN A 119 -1.57 -4.59 34.31
C GLN A 119 -0.66 -5.35 35.28
N ALA A 120 0.39 -6.00 34.78
CA ALA A 120 1.31 -6.71 35.67
C ALA A 120 2.44 -5.81 36.13
N ALA A 121 2.53 -4.58 35.62
CA ALA A 121 3.57 -3.65 36.05
C ALA A 121 3.32 -3.29 37.52
N ARG A 122 4.37 -2.91 38.25
CA ARG A 122 4.28 -2.67 39.72
C ARG A 122 3.13 -1.71 39.98
N PRO A 123 2.28 -1.98 41.00
CA PRO A 123 2.36 -3.10 41.91
C PRO A 123 1.48 -4.30 41.58
N ASN A 124 1.10 -4.42 40.33
CA ASN A 124 0.24 -5.52 39.81
C ASN A 124 -0.97 -5.70 40.72
N PRO A 125 -1.88 -4.74 40.73
CA PRO A 125 -3.02 -4.78 41.65
C PRO A 125 -3.93 -6.00 41.50
N THR A 126 -4.05 -6.58 40.32
CA THR A 126 -5.00 -7.69 40.09
C THR A 126 -4.27 -9.06 40.13
N GLN A 127 -2.98 -9.09 40.37
CA GLN A 127 -2.20 -10.34 40.23
C GLN A 127 -2.42 -10.92 38.83
N ALA A 128 -2.31 -10.09 37.81
CA ALA A 128 -2.34 -10.50 36.39
C ALA A 128 -1.18 -11.46 36.12
N THR A 129 -1.47 -12.57 35.47
CA THR A 129 -0.51 -13.70 35.38
C THR A 129 -0.48 -14.17 33.92
N PRO A 130 0.69 -14.37 33.27
CA PRO A 130 0.71 -14.81 31.89
C PRO A 130 0.15 -16.23 31.74
N ILE A 131 -0.27 -16.55 30.53
CA ILE A 131 -1.00 -17.80 30.22
C ILE A 131 -0.12 -18.99 30.58
N ASP A 132 1.18 -18.92 30.35
CA ASP A 132 1.99 -20.16 30.54
C ASP A 132 2.17 -20.48 32.02
N LYS A 133 1.84 -19.60 32.95
CA LYS A 133 1.91 -19.92 34.40
C LYS A 133 0.61 -20.57 34.85
N VAL A 134 -0.41 -20.59 34.04
CA VAL A 134 -1.72 -21.19 34.37
C VAL A 134 -1.90 -22.47 33.56
N ILE A 135 -1.63 -22.43 32.26
CA ILE A 135 -1.80 -23.58 31.34
C ILE A 135 -0.42 -24.17 31.16
N THR A 136 -0.24 -25.42 31.61
CA THR A 136 1.12 -25.98 31.79
C THR A 136 1.21 -27.26 31.00
N ASP A 137 0.20 -27.67 30.23
CA ASP A 137 0.16 -28.97 29.50
C ASP A 137 -0.21 -28.81 28.03
N LYS A 138 0.09 -27.64 27.43
CA LYS A 138 -0.20 -27.37 26.03
C LYS A 138 0.94 -26.57 25.39
N PRO A 139 1.14 -26.76 24.09
CA PRO A 139 2.08 -25.94 23.34
C PRO A 139 1.56 -24.47 23.34
N ILE A 140 2.42 -23.59 23.79
CA ILE A 140 2.13 -22.12 23.80
C ILE A 140 3.21 -21.42 22.98
N ILE A 141 2.76 -20.76 21.93
CA ILE A 141 3.60 -19.89 21.09
C ILE A 141 3.44 -18.45 21.62
N LYS A 142 4.48 -17.85 22.14
CA LYS A 142 4.44 -16.45 22.62
CA LYS A 142 4.43 -16.44 22.61
C LYS A 142 4.72 -15.53 21.43
N VAL A 143 3.83 -14.55 21.22
CA VAL A 143 4.01 -13.56 20.11
C VAL A 143 3.97 -12.20 20.77
N PRO A 144 5.08 -11.80 21.43
CA PRO A 144 5.03 -10.62 22.28
C PRO A 144 5.14 -9.30 21.49
N GLY A 145 5.01 -8.22 22.23
CA GLY A 145 4.80 -6.91 21.62
C GLY A 145 3.51 -6.30 22.09
N CYS A 146 3.46 -4.97 22.15
CA CYS A 146 2.32 -4.24 22.70
C CYS A 146 1.82 -3.25 21.64
N PRO A 147 1.06 -3.71 20.62
CA PRO A 147 0.87 -5.11 20.24
C PRO A 147 1.98 -5.62 19.34
N PRO A 148 1.99 -6.91 18.98
CA PRO A 148 2.86 -7.41 17.93
C PRO A 148 2.48 -6.71 16.62
N ILE A 149 3.42 -6.81 15.67
CA ILE A 149 3.30 -6.19 14.33
C ILE A 149 2.16 -6.87 13.57
N PRO A 150 1.24 -6.13 12.92
CA PRO A 150 0.14 -6.77 12.20
C PRO A 150 0.60 -7.87 11.24
N ASP A 151 1.57 -7.59 10.39
CA ASP A 151 1.94 -8.53 9.32
C ASP A 151 2.77 -9.68 9.90
N VAL A 152 3.31 -9.54 11.12
CA VAL A 152 3.93 -10.64 11.89
C VAL A 152 2.82 -11.57 12.36
N MET A 153 1.76 -11.03 12.93
CA MET A 153 0.61 -11.84 13.34
C MET A 153 0.09 -12.65 12.18
N SER A 154 -0.21 -12.04 11.05
CA SER A 154 -0.76 -12.77 9.91
C SER A 154 0.28 -13.71 9.31
N ALA A 155 1.58 -13.40 9.32
CA ALA A 155 2.58 -14.33 8.79
C ALA A 155 2.63 -15.55 9.68
N ILE A 156 2.54 -15.43 10.99
CA ILE A 156 2.54 -16.63 11.85
C ILE A 156 1.33 -17.49 11.55
N ILE A 157 0.13 -16.90 11.37
CA ILE A 157 -1.08 -17.66 11.00
C ILE A 157 -0.85 -18.36 9.66
N THR A 158 -0.36 -17.65 8.64
CA THR A 158 -0.19 -18.29 7.33
C THR A 158 0.86 -19.40 7.40
N TYR A 159 1.86 -19.23 8.20
CA TYR A 159 2.89 -20.28 8.35
C TYR A 159 2.21 -21.53 8.89
N MET A 160 1.46 -21.39 9.96
CA MET A 160 0.81 -22.57 10.58
C MET A 160 -0.16 -23.19 9.59
N VAL A 161 -0.91 -22.44 8.82
CA VAL A 161 -1.86 -23.03 7.85
C VAL A 161 -1.11 -23.67 6.69
N THR A 162 -0.18 -22.98 6.06
CA THR A 162 0.54 -23.41 4.84
C THR A 162 1.40 -24.62 5.16
N PHE A 163 2.11 -24.61 6.27
CA PHE A 163 3.14 -25.61 6.60
C PHE A 163 2.59 -26.67 7.54
N ASP A 164 1.40 -26.48 8.07
CA ASP A 164 0.76 -27.45 9.00
C ASP A 164 1.67 -27.79 10.16
N ARG A 165 2.30 -26.80 10.77
CA ARG A 165 3.10 -26.98 11.97
C ARG A 165 3.26 -25.66 12.69
N LEU A 166 3.68 -25.74 13.93
CA LEU A 166 3.95 -24.56 14.74
C LEU A 166 5.27 -24.00 14.26
N PRO A 167 5.46 -22.69 14.34
CA PRO A 167 6.77 -22.11 14.09
C PRO A 167 7.78 -22.66 15.10
N ASP A 168 9.02 -22.80 14.70
CA ASP A 168 10.09 -23.14 15.68
C ASP A 168 10.32 -21.92 16.59
N VAL A 169 10.64 -22.17 17.83
CA VAL A 169 10.69 -21.10 18.85
C VAL A 169 12.01 -21.10 19.59
N ASP A 170 12.32 -19.95 20.16
CA ASP A 170 13.46 -19.78 21.07
C ASP A 170 13.14 -20.41 22.44
N ARG A 171 14.06 -20.21 23.38
CA ARG A 171 13.93 -20.83 24.71
C ARG A 171 12.78 -20.19 25.51
N MET A 172 12.19 -19.10 25.01
CA MET A 172 11.05 -18.45 25.71
C MET A 172 9.75 -18.72 24.99
N GLY A 173 9.75 -19.48 23.90
CA GLY A 173 8.54 -19.82 23.15
C GLY A 173 8.20 -18.78 22.07
N ARG A 174 9.13 -17.91 21.73
CA ARG A 174 8.89 -16.88 20.68
C ARG A 174 9.31 -17.44 19.34
N PRO A 175 8.52 -17.25 18.26
CA PRO A 175 8.92 -17.69 16.94
C PRO A 175 10.28 -17.10 16.54
N LEU A 176 11.20 -18.00 16.18
CA LEU A 176 12.54 -17.59 15.76
C LEU A 176 12.44 -16.68 14.53
N MET A 177 11.48 -16.91 13.63
CA MET A 177 11.44 -16.13 12.39
C MET A 177 11.39 -14.63 12.66
N PHE A 178 10.63 -14.21 13.66
CA PHE A 178 10.44 -12.75 13.89
C PHE A 178 11.06 -12.25 15.19
N TYR A 179 11.50 -13.13 16.06
CA TYR A 179 12.01 -12.73 17.39
C TYR A 179 13.45 -13.20 17.61
N GLY A 180 14.10 -13.72 16.57
CA GLY A 180 15.44 -14.32 16.73
C GLY A 180 16.51 -13.26 16.86
N GLN A 181 16.27 -12.01 16.43
CA GLN A 181 17.29 -10.94 16.46
C GLN A 181 16.79 -9.70 17.18
N ARG A 182 17.71 -8.91 17.70
CA ARG A 182 17.37 -7.70 18.43
C ARG A 182 17.00 -6.58 17.46
N ILE A 183 16.17 -5.66 17.91
CA ILE A 183 15.84 -4.43 17.13
C ILE A 183 17.14 -3.72 16.75
N HIS A 184 18.08 -3.59 17.67
CA HIS A 184 19.37 -2.87 17.48
C HIS A 184 20.28 -3.59 16.51
N ASP A 185 20.06 -4.87 16.24
CA ASP A 185 20.94 -5.60 15.31
C ASP A 185 20.44 -5.44 13.87
N LYS A 186 19.27 -4.79 13.65
CA LYS A 186 18.76 -4.50 12.28
C LYS A 186 18.29 -3.06 12.24
N CYS A 187 18.86 -2.17 13.05
CA CYS A 187 18.37 -0.78 13.12
C CYS A 187 19.09 0.09 12.11
N TYR A 188 18.36 0.82 11.32
CA TYR A 188 18.95 1.70 10.28
C TYR A 188 19.66 2.90 10.89
N ARG A 189 19.56 3.19 12.18
CA ARG A 189 20.37 4.23 12.83
C ARG A 189 21.61 3.66 13.48
N ARG A 190 21.95 2.41 13.28
CA ARG A 190 23.11 1.82 13.98
C ARG A 190 24.39 2.55 13.57
N ALA A 191 24.53 3.02 12.32
CA ALA A 191 25.72 3.78 11.90
C ALA A 191 25.95 4.91 12.88
N HIS A 192 24.89 5.60 13.32
CA HIS A 192 25.01 6.76 14.22
C HIS A 192 25.40 6.29 15.61
N PHE A 193 24.84 5.21 16.10
CA PHE A 193 25.24 4.60 17.39
C PHE A 193 26.74 4.31 17.35
N ASP A 194 27.22 3.69 16.29
CA ASP A 194 28.65 3.28 16.21
C ASP A 194 29.53 4.51 16.14
N ALA A 195 29.06 5.62 15.56
CA ALA A 195 29.84 6.86 15.40
C ALA A 195 29.71 7.79 16.63
N GLY A 196 28.92 7.43 17.64
CA GLY A 196 28.68 8.33 18.79
C GLY A 196 27.83 9.52 18.40
N GLU A 197 26.89 9.37 17.44
CA GLU A 197 26.05 10.44 16.88
C GLU A 197 24.64 10.24 17.46
N PHE A 198 24.32 11.03 18.46
CA PHE A 198 23.13 10.81 19.32
C PHE A 198 22.29 12.05 19.36
N VAL A 199 20.97 11.85 19.35
CA VAL A 199 20.01 12.87 19.82
C VAL A 199 20.27 13.09 21.31
N GLN A 200 20.40 14.35 21.71
CA GLN A 200 20.57 14.67 23.15
C GLN A 200 19.37 15.34 23.76
N SER A 201 18.61 16.07 22.99
CA SER A 201 17.32 16.62 23.45
C SER A 201 16.34 16.63 22.27
N TRP A 202 15.05 16.51 22.52
CA TRP A 202 14.08 16.38 21.40
C TRP A 202 14.27 17.54 20.43
N ASP A 203 14.17 17.23 19.15
CA ASP A 203 14.10 18.24 18.06
C ASP A 203 15.41 19.01 17.98
N ASP A 204 16.50 18.47 18.48
CA ASP A 204 17.83 19.06 18.26
C ASP A 204 18.29 18.73 16.84
N ASP A 205 19.45 19.26 16.44
CA ASP A 205 19.87 19.09 15.04
C ASP A 205 20.09 17.61 14.77
N ALA A 206 20.59 16.87 15.73
CA ALA A 206 20.79 15.42 15.60
C ALA A 206 19.45 14.73 15.31
N ALA A 207 18.39 15.10 16.02
CA ALA A 207 17.07 14.49 15.83
C ALA A 207 16.61 14.75 14.41
N ARG A 208 16.85 15.94 13.89
CA ARG A 208 16.42 16.30 12.53
C ARG A 208 17.27 15.63 11.44
N LYS A 209 18.34 14.94 11.81
CA LYS A 209 19.15 14.15 10.85
C LYS A 209 18.97 12.65 11.09
N GLY A 210 18.09 12.27 12.03
CA GLY A 210 17.84 10.85 12.26
C GLY A 210 18.94 10.16 13.02
N TYR A 211 19.60 10.88 13.95
CA TYR A 211 20.67 10.24 14.74
C TYR A 211 20.08 9.25 15.74
N CYS A 212 20.96 8.45 16.34
CA CYS A 212 20.57 7.35 17.22
C CYS A 212 19.91 7.89 18.49
N LEU A 213 18.98 7.12 18.99
CA LEU A 213 18.11 7.48 20.15
C LEU A 213 18.54 6.83 21.44
N TYR A 214 19.73 6.24 21.50
CA TYR A 214 20.28 5.56 22.69
C TYR A 214 20.25 6.49 23.92
N LYS A 215 20.68 7.72 23.76
CA LYS A 215 20.78 8.64 24.94
C LYS A 215 19.40 9.16 25.30
N MET A 216 18.36 8.99 24.45
CA MET A 216 16.97 9.31 24.77
C MET A 216 16.26 8.07 25.34
N GLY A 217 16.98 7.00 25.65
CA GLY A 217 16.40 5.85 26.36
C GLY A 217 16.03 4.67 25.47
N CYS A 218 16.42 4.66 24.20
CA CYS A 218 16.02 3.56 23.31
C CYS A 218 16.43 2.22 23.92
N LYS A 219 15.49 1.29 24.01
CA LYS A 219 15.74 -0.08 24.53
C LYS A 219 15.90 -1.11 23.40
N GLY A 220 16.16 -0.64 22.18
CA GLY A 220 16.47 -1.53 21.06
C GLY A 220 17.58 -2.52 21.37
N PRO A 221 18.66 -2.13 22.09
CA PRO A 221 19.74 -3.08 22.30
C PRO A 221 19.38 -4.33 23.11
N THR A 222 18.26 -4.33 23.83
CA THR A 222 17.84 -5.49 24.65
C THR A 222 16.49 -6.07 24.22
N THR A 223 15.98 -5.69 23.05
CA THR A 223 14.61 -6.05 22.68
C THR A 223 14.63 -6.88 21.41
N TYR A 224 13.95 -8.02 21.45
CA TYR A 224 13.84 -8.92 20.29
C TYR A 224 12.46 -8.71 19.63
N ASN A 225 12.46 -8.36 18.34
CA ASN A 225 11.23 -8.17 17.57
C ASN A 225 11.65 -7.88 16.13
N ALA A 226 10.71 -7.57 15.28
CA ALA A 226 10.93 -7.41 13.83
C ALA A 226 10.69 -5.96 13.39
N CYS A 227 10.66 -5.02 14.34
CA CYS A 227 10.19 -3.67 14.03
C CYS A 227 11.15 -2.91 13.15
N SER A 228 12.45 -3.18 13.22
CA SER A 228 13.45 -2.45 12.43
C SER A 228 13.68 -3.06 11.05
N SER A 229 13.00 -4.15 10.73
CA SER A 229 13.15 -4.84 9.44
C SER A 229 11.81 -4.96 8.73
N THR A 230 10.88 -5.71 9.30
CA THR A 230 9.51 -5.82 8.77
C THR A 230 8.79 -4.47 8.90
N ARG A 231 9.03 -3.79 10.01
CA ARG A 231 8.42 -2.48 10.29
C ARG A 231 6.91 -2.61 10.49
N TRP A 232 6.22 -1.48 10.63
CA TRP A 232 4.81 -1.39 11.05
C TRP A 232 3.93 -0.81 9.98
N ASN A 233 2.68 -1.29 9.91
CA ASN A 233 1.59 -0.68 9.10
C ASN A 233 2.01 -0.69 7.65
N ASP A 234 2.28 -1.89 7.12
CA ASP A 234 2.65 -2.11 5.71
C ASP A 234 3.99 -1.42 5.43
N GLY A 235 4.94 -1.57 6.37
CA GLY A 235 6.29 -1.06 6.18
C GLY A 235 6.41 0.43 6.30
N VAL A 236 5.39 1.13 6.73
CA VAL A 236 5.42 2.61 6.72
C VAL A 236 6.43 3.13 7.75
N SER A 237 6.44 2.65 8.99
CA SER A 237 7.35 3.23 9.98
C SER A 237 7.66 2.23 11.06
N PHE A 238 8.41 2.68 12.07
CA PHE A 238 8.45 1.98 13.37
C PHE A 238 8.84 3.01 14.39
N PRO A 239 8.77 2.71 15.70
CA PRO A 239 9.01 3.75 16.72
C PRO A 239 10.23 4.64 16.47
N ILE A 240 11.37 4.01 16.24
CA ILE A 240 12.66 4.71 16.09
C ILE A 240 12.62 5.55 14.82
N GLN A 241 12.03 5.03 13.72
CA GLN A 241 12.01 5.77 12.44
C GLN A 241 11.28 7.10 12.66
N SER A 242 10.24 7.14 13.50
CA SER A 242 9.45 8.36 13.74
C SER A 242 10.00 9.16 14.93
N GLY A 243 11.17 8.75 15.45
CA GLY A 243 11.89 9.61 16.39
C GLY A 243 11.77 9.27 17.85
N HIS A 244 11.09 8.20 18.25
CA HIS A 244 11.03 7.80 19.67
C HIS A 244 11.85 6.53 19.86
N GLY A 245 12.66 6.44 20.93
CA GLY A 245 13.34 5.20 21.23
C GLY A 245 12.36 4.06 21.39
N CYS A 246 12.82 2.85 21.15
CA CYS A 246 12.11 1.61 21.55
C CYS A 246 11.84 1.67 23.06
N LEU A 247 10.63 1.35 23.46
CA LEU A 247 10.24 1.22 24.87
C LEU A 247 10.66 -0.14 25.40
N GLY A 248 10.96 -1.09 24.53
CA GLY A 248 11.23 -2.47 24.98
C GLY A 248 9.99 -3.34 25.03
N CYS A 249 8.94 -3.00 24.28
CA CYS A 249 7.58 -3.49 24.57
C CYS A 249 7.39 -4.98 24.27
N ALA A 250 8.29 -5.65 23.56
CA ALA A 250 8.26 -7.11 23.35
C ALA A 250 8.92 -7.88 24.49
N GLU A 251 9.56 -7.23 25.46
CA GLU A 251 10.30 -7.97 26.49
C GLU A 251 9.53 -8.05 27.81
N ASN A 252 9.64 -9.20 28.44
CA ASN A 252 9.08 -9.44 29.78
C ASN A 252 9.54 -8.33 30.70
N GLY A 253 8.58 -7.73 31.41
CA GLY A 253 8.87 -6.77 32.47
C GLY A 253 9.34 -5.41 32.02
N PHE A 254 9.08 -5.04 30.75
CA PHE A 254 9.65 -3.81 30.18
C PHE A 254 9.12 -2.55 30.86
N TRP A 255 7.95 -2.58 31.47
CA TRP A 255 7.41 -1.40 32.17
C TRP A 255 8.23 -1.04 33.40
N ASP A 256 8.91 -2.02 33.99
CA ASP A 256 9.53 -1.84 35.32
C ASP A 256 11.06 -1.89 35.21
N ARG A 257 11.58 -1.69 34.02
CA ARG A 257 13.06 -1.57 33.80
C ARG A 257 13.57 -0.14 33.90
N GLY A 258 12.95 0.71 34.68
CA GLY A 258 13.27 2.13 34.70
C GLY A 258 12.53 2.92 33.64
N SER A 259 12.73 4.20 33.73
CA SER A 259 12.12 5.23 32.87
C SER A 259 12.41 4.85 31.43
N PHE A 260 11.46 5.05 30.53
CA PHE A 260 11.72 4.88 29.08
C PHE A 260 12.81 5.82 28.60
N TYR A 261 13.08 6.90 29.34
CA TYR A 261 14.07 7.92 28.91
C TYR A 261 15.40 7.75 29.63
N SER A 262 15.56 6.69 30.41
CA SER A 262 16.88 6.33 31.02
C SER A 262 17.59 5.34 30.13
N ARG A 263 18.90 5.49 29.93
CA ARG A 263 19.73 4.65 29.01
C ARG A 263 19.71 3.17 29.38
N VAL A 264 19.79 2.30 28.33
CA VAL A 264 19.78 0.80 28.37
C VAL A 264 20.92 0.39 29.32
N SER B 1 -39.00 -7.88 45.29
CA SER B 1 -38.87 -6.86 44.20
C SER B 1 -39.26 -5.48 44.72
N THR B 2 -38.69 -4.44 44.14
CA THR B 2 -38.89 -3.06 44.58
C THR B 2 -39.13 -2.20 43.36
N GLN B 3 -39.57 -1.00 43.63
CA GLN B 3 -39.78 -0.01 42.58
C GLN B 3 -39.44 1.35 43.17
N TYR B 4 -38.82 2.22 42.39
CA TYR B 4 -38.55 3.61 42.78
C TYR B 4 -38.51 4.44 41.51
N GLU B 5 -38.67 5.73 41.66
CA GLU B 5 -38.72 6.72 40.56
C GLU B 5 -37.41 7.51 40.55
N THR B 6 -36.85 7.66 39.35
CA THR B 6 -35.67 8.53 39.14
C THR B 6 -35.67 9.01 37.70
N GLN B 7 -35.38 10.30 37.52
CA GLN B 7 -35.17 10.89 36.19
C GLN B 7 -36.33 10.58 35.24
N GLY B 8 -37.56 10.44 35.77
CA GLY B 8 -38.72 10.24 34.89
C GLY B 8 -38.99 8.78 34.65
N TYR B 9 -38.15 7.91 35.20
CA TYR B 9 -38.25 6.46 35.00
C TYR B 9 -38.87 5.82 36.24
N THR B 10 -39.53 4.69 36.02
CA THR B 10 -39.98 3.78 37.10
C THR B 10 -39.06 2.56 37.03
N ILE B 11 -38.15 2.47 37.99
CA ILE B 11 -37.18 1.34 38.06
C ILE B 11 -37.83 0.23 38.87
N ASN B 12 -38.17 -0.85 38.20
CA ASN B 12 -38.96 -1.95 38.76
C ASN B 12 -38.28 -3.29 38.48
N ASN B 13 -37.83 -3.99 39.50
CA ASN B 13 -37.07 -5.26 39.30
C ASN B 13 -38.00 -6.46 39.53
N ALA B 14 -39.31 -6.24 39.45
CA ALA B 14 -40.30 -7.32 39.30
C ALA B 14 -40.19 -7.94 37.92
N GLY B 15 -40.68 -9.15 37.75
CA GLY B 15 -40.75 -9.74 36.41
C GLY B 15 -39.50 -10.51 36.04
N ARG B 16 -39.54 -11.09 34.87
CA ARG B 16 -38.46 -11.94 34.37
CA ARG B 16 -38.44 -11.97 34.38
C ARG B 16 -37.12 -11.16 34.32
N ARG B 17 -36.08 -11.83 34.78
CA ARG B 17 -34.69 -11.28 34.70
C ARG B 17 -34.00 -11.92 33.50
N LEU B 18 -33.42 -11.10 32.64
CA LEU B 18 -32.59 -11.54 31.50
C LEU B 18 -31.13 -11.10 31.73
N VAL B 19 -30.23 -12.01 31.42
CA VAL B 19 -28.78 -11.77 31.54
C VAL B 19 -28.13 -11.89 30.17
N VAL B 20 -27.31 -10.90 29.86
CA VAL B 20 -26.48 -10.90 28.62
C VAL B 20 -25.03 -10.77 29.05
N ASP B 21 -24.31 -11.89 29.09
CA ASP B 21 -22.92 -11.92 29.61
C ASP B 21 -22.25 -13.09 28.93
N PRO B 22 -21.37 -12.90 27.93
CA PRO B 22 -20.78 -11.60 27.62
C PRO B 22 -21.52 -10.73 26.63
N ILE B 23 -21.41 -9.41 26.75
CA ILE B 23 -21.72 -8.50 25.65
C ILE B 23 -20.58 -8.61 24.65
N THR B 24 -20.89 -8.90 23.41
CA THR B 24 -19.87 -9.03 22.33
C THR B 24 -19.95 -7.81 21.40
N ARG B 25 -19.03 -7.74 20.46
CA ARG B 25 -18.92 -6.57 19.54
C ARG B 25 -18.82 -5.28 20.35
N ILE B 26 -18.04 -5.37 21.41
CA ILE B 26 -17.56 -4.21 22.20
C ILE B 26 -16.08 -4.46 22.42
N GLU B 27 -15.40 -3.48 22.96
CA GLU B 27 -14.07 -3.69 23.53
C GLU B 27 -14.25 -4.15 24.97
N GLY B 28 -13.57 -5.20 25.37
CA GLY B 28 -13.47 -5.56 26.79
C GLY B 28 -14.71 -6.29 27.28
N HIS B 29 -14.92 -6.22 28.57
CA HIS B 29 -15.82 -7.14 29.32
C HIS B 29 -16.99 -6.34 29.89
N MET B 30 -18.19 -6.71 29.52
CA MET B 30 -19.45 -6.14 30.06
C MET B 30 -20.47 -7.25 30.25
N ARG B 31 -21.25 -7.07 31.32
CA ARG B 31 -22.48 -7.84 31.59
C ARG B 31 -23.62 -6.84 31.65
N CYS B 32 -24.77 -7.24 31.12
CA CYS B 32 -26.02 -6.47 31.25
C CYS B 32 -27.11 -7.38 31.78
N GLU B 33 -27.91 -6.88 32.70
CA GLU B 33 -29.13 -7.58 33.12
C GLU B 33 -30.29 -6.62 32.97
N VAL B 34 -31.44 -7.17 32.63
CA VAL B 34 -32.68 -6.35 32.68
C VAL B 34 -33.77 -7.15 33.37
N ASN B 35 -34.83 -6.45 33.75
CA ASN B 35 -36.13 -7.12 34.03
C ASN B 35 -37.09 -6.63 32.96
N ILE B 36 -37.96 -7.54 32.55
CA ILE B 36 -39.04 -7.20 31.59
C ILE B 36 -40.38 -7.52 32.25
N ASN B 37 -41.35 -6.69 31.89
CA ASN B 37 -42.72 -6.87 32.43
C ASN B 37 -43.48 -7.82 31.52
N ASP B 38 -44.80 -7.97 31.77
CA ASP B 38 -45.61 -8.97 31.06
C ASP B 38 -45.80 -8.54 29.61
N GLN B 39 -45.44 -7.30 29.24
CA GLN B 39 -45.54 -6.84 27.83
C GLN B 39 -44.14 -6.93 27.19
N ASN B 40 -43.20 -7.63 27.85
CA ASN B 40 -41.81 -7.79 27.30
C ASN B 40 -41.17 -6.42 27.12
N VAL B 41 -41.48 -5.47 27.98
CA VAL B 41 -40.84 -4.13 28.02
C VAL B 41 -39.91 -4.08 29.20
N ILE B 42 -38.71 -3.54 28.97
CA ILE B 42 -37.70 -3.39 30.04
C ILE B 42 -38.18 -2.36 31.08
N THR B 43 -38.22 -2.78 32.33
CA THR B 43 -38.54 -1.92 33.49
C THR B 43 -37.37 -1.77 34.43
N ASN B 44 -36.25 -2.40 34.09
CA ASN B 44 -35.05 -2.29 34.93
C ASN B 44 -33.87 -2.67 34.04
N ALA B 45 -32.80 -1.91 34.18
CA ALA B 45 -31.57 -2.18 33.38
C ALA B 45 -30.37 -1.95 34.25
N VAL B 46 -29.41 -2.89 34.15
CA VAL B 46 -28.23 -3.00 35.03
C VAL B 46 -26.98 -3.13 34.14
N SER B 47 -26.14 -2.11 34.22
CA SER B 47 -24.86 -2.04 33.44
C SER B 47 -23.73 -2.45 34.37
N CYS B 48 -22.90 -3.42 33.97
CA CYS B 48 -21.81 -3.99 34.81
C CYS B 48 -20.54 -4.09 33.98
N GLY B 49 -19.48 -3.40 34.42
CA GLY B 49 -18.14 -3.61 33.88
C GLY B 49 -17.53 -4.80 34.58
N THR B 50 -17.16 -5.82 33.80
CA THR B 50 -16.67 -7.10 34.33
C THR B 50 -15.15 -7.25 34.18
N MET B 51 -14.41 -6.15 34.23
CA MET B 51 -12.95 -6.23 34.25
C MET B 51 -12.39 -5.05 35.02
N PHE B 52 -11.17 -5.16 35.47
CA PHE B 52 -10.40 -4.07 36.10
C PHE B 52 -8.93 -4.43 35.99
N ARG B 53 -8.09 -3.43 35.77
CA ARG B 53 -6.62 -3.60 35.71
C ARG B 53 -5.88 -2.69 36.70
N GLY B 54 -6.35 -1.48 36.94
CA GLY B 54 -5.72 -0.64 37.98
C GLY B 54 -4.62 0.27 37.49
N LEU B 55 -4.76 0.87 36.31
CA LEU B 55 -3.75 1.81 35.81
C LEU B 55 -3.54 2.97 36.78
N GLU B 56 -4.58 3.46 37.48
CA GLU B 56 -4.35 4.60 38.38
C GLU B 56 -3.40 4.23 39.52
N ILE B 57 -3.37 2.97 39.90
CA ILE B 57 -2.50 2.47 40.97
C ILE B 57 -1.08 2.27 40.41
N ILE B 58 -1.00 1.70 39.21
CA ILE B 58 0.30 1.42 38.51
C ILE B 58 1.07 2.70 38.19
N LEU B 59 0.33 3.76 37.90
CA LEU B 59 0.94 5.08 37.56
C LEU B 59 1.62 5.72 38.76
N GLN B 60 1.23 5.38 39.97
CA GLN B 60 1.89 6.00 41.15
C GLN B 60 3.37 5.73 41.06
N GLY B 61 4.17 6.75 41.34
CA GLY B 61 5.62 6.54 41.39
C GLY B 61 6.30 6.55 40.04
N ARG B 62 5.56 6.69 38.95
CA ARG B 62 6.24 6.76 37.65
C ARG B 62 6.76 8.16 37.42
N ASP B 63 7.69 8.25 36.48
CA ASP B 63 8.15 9.54 35.95
C ASP B 63 7.03 10.17 35.13
N PRO B 64 6.62 11.42 35.36
CA PRO B 64 5.53 12.02 34.58
C PRO B 64 5.74 11.94 33.06
N ARG B 65 6.99 11.94 32.62
CA ARG B 65 7.31 11.88 31.18
C ARG B 65 6.93 10.51 30.63
N ASP B 66 6.91 9.49 31.46
CA ASP B 66 6.59 8.11 30.99
C ASP B 66 5.09 7.88 31.02
N ALA B 67 4.30 8.72 31.69
CA ALA B 67 2.93 8.34 32.01
C ALA B 67 2.13 8.02 30.73
N TRP B 68 2.31 8.81 29.67
CA TRP B 68 1.52 8.67 28.43
C TRP B 68 1.61 7.21 27.94
N ALA B 69 2.76 6.58 28.09
CA ALA B 69 2.98 5.25 27.46
C ALA B 69 2.20 4.21 28.25
N PHE B 70 2.13 4.37 29.57
CA PHE B 70 1.35 3.46 30.41
C PHE B 70 -0.13 3.62 30.13
N VAL B 71 -0.63 4.84 30.20
CA VAL B 71 -2.10 5.06 30.10
C VAL B 71 -2.58 4.90 28.66
N GLU B 72 -1.68 4.98 27.66
CA GLU B 72 -2.11 4.64 26.30
C GLU B 72 -2.70 3.25 26.31
N ARG B 73 -2.13 2.33 27.10
CA ARG B 73 -2.59 0.93 27.15
C ARG B 73 -3.91 0.78 27.94
N ILE B 74 -4.54 1.85 28.39
CA ILE B 74 -5.94 1.74 28.87
C ILE B 74 -6.73 1.14 27.73
N CYS B 75 -6.42 1.48 26.46
CA CYS B 75 -7.26 0.96 25.39
C CYS B 75 -6.54 0.98 24.03
N GLY B 76 -6.69 -0.11 23.30
CA GLY B 76 -6.11 -0.27 21.97
C GLY B 76 -7.10 0.07 20.87
N VAL B 77 -8.35 0.31 21.19
CA VAL B 77 -9.39 0.70 20.22
C VAL B 77 -9.31 2.22 20.07
N THR B 79 -6.90 3.98 20.61
CA THR B 79 -5.48 4.07 20.81
C THR B 79 -4.96 5.49 20.51
N GLY B 80 -4.22 6.04 21.44
CA GLY B 80 -3.63 7.38 21.31
C GLY B 80 -4.35 8.39 22.18
N VAL B 81 -5.65 8.28 22.40
CA VAL B 81 -6.41 9.37 23.07
C VAL B 81 -5.94 9.52 24.52
N HIS B 82 -5.62 8.42 25.21
CA HIS B 82 -5.11 8.53 26.60
C HIS B 82 -3.71 9.10 26.63
N ALA B 83 -2.90 8.83 25.60
CA ALA B 83 -1.56 9.42 25.54
C ALA B 83 -1.73 10.92 25.40
N LEU B 84 -2.64 11.37 24.54
CA LEU B 84 -2.87 12.82 24.35
C LEU B 84 -3.34 13.49 25.63
N ALA B 85 -4.31 12.87 26.29
CA ALA B 85 -4.81 13.45 27.56
C ALA B 85 -3.67 13.47 28.57
N SER B 86 -2.79 12.49 28.58
CA SER B 86 -1.68 12.40 29.54
C SER B 86 -0.70 13.51 29.28
N VAL B 87 -0.20 13.66 28.05
CA VAL B 87 0.77 14.73 27.80
C VAL B 87 0.09 16.07 28.09
N TYR B 88 -1.17 16.26 27.75
CA TYR B 88 -1.87 17.51 28.15
C TYR B 88 -1.83 17.70 29.67
N ALA B 89 -2.08 16.65 30.45
CA ALA B 89 -2.20 16.78 31.92
C ALA B 89 -0.82 17.10 32.48
N ILE B 90 0.23 16.42 32.06
CA ILE B 90 1.59 16.69 32.60
C ILE B 90 2.03 18.10 32.19
N GLU B 91 1.80 18.49 30.96
CA GLU B 91 2.13 19.86 30.50
C GLU B 91 1.35 20.91 31.31
N ASP B 92 0.11 20.63 31.63
CA ASP B 92 -0.73 21.56 32.45
C ASP B 92 -0.12 21.62 33.84
N ALA B 93 0.33 20.52 34.40
CA ALA B 93 0.90 20.51 35.78
C ALA B 93 2.22 21.28 35.83
N ILE B 94 3.13 21.00 34.94
CA ILE B 94 4.51 21.57 35.02
C ILE B 94 4.51 22.99 34.50
N GLY B 95 3.67 23.32 33.54
CA GLY B 95 3.64 24.62 32.86
C GLY B 95 4.49 24.58 31.59
N ILE B 96 4.17 23.66 30.71
CA ILE B 96 4.88 23.49 29.41
C ILE B 96 3.96 23.91 28.28
N LYS B 97 4.53 24.62 27.33
CA LYS B 97 3.79 25.04 26.12
C LYS B 97 4.51 24.39 24.94
N VAL B 98 3.75 23.77 24.06
CA VAL B 98 4.38 23.05 22.94
C VAL B 98 4.41 23.95 21.72
N PRO B 99 5.30 23.68 20.75
CA PRO B 99 5.29 24.42 19.51
C PRO B 99 4.04 24.15 18.68
N ASP B 100 3.67 25.08 17.82
CA ASP B 100 2.44 24.97 17.01
C ASP B 100 2.44 23.65 16.21
N ASN B 101 3.54 23.28 15.57
CA ASN B 101 3.51 22.03 14.75
C ASN B 101 3.19 20.86 15.65
N ALA B 102 3.67 20.81 16.88
CA ALA B 102 3.32 19.67 17.75
C ALA B 102 1.82 19.69 18.00
N ASN B 103 1.23 20.83 18.29
CA ASN B 103 -0.23 20.88 18.51
C ASN B 103 -0.98 20.41 17.27
N ILE B 104 -0.60 20.91 16.11
CA ILE B 104 -1.28 20.52 14.86
C ILE B 104 -1.14 18.99 14.67
N ILE B 105 0.06 18.46 14.89
CA ILE B 105 0.23 17.01 14.68
C ILE B 105 -0.61 16.26 15.68
N ARG B 106 -0.71 16.73 16.92
CA ARG B 106 -1.59 16.06 17.91
C ARG B 106 -3.02 16.08 17.44
N ASN B 107 -3.48 17.20 16.90
CA ASN B 107 -4.86 17.29 16.35
C ASN B 107 -5.04 16.31 15.18
N ILE B 108 -4.04 16.18 14.33
CA ILE B 108 -4.03 15.16 13.23
C ILE B 108 -4.15 13.78 13.86
N MET B 109 -3.39 13.46 14.91
CA MET B 109 -3.46 12.15 15.54
C MET B 109 -4.88 11.91 16.05
N LEU B 110 -5.49 12.91 16.65
CA LEU B 110 -6.83 12.71 17.24
C LEU B 110 -7.89 12.60 16.14
N ALA B 111 -7.82 13.41 15.09
CA ALA B 111 -8.80 13.34 13.98
C ALA B 111 -8.66 11.99 13.25
N THR B 112 -7.45 11.50 13.12
CA THR B 112 -7.20 10.19 12.49
C THR B 112 -7.92 9.14 13.31
N LEU B 113 -7.76 9.16 14.62
CA LEU B 113 -8.39 8.19 15.52
C LEU B 113 -9.91 8.30 15.43
N TRP B 114 -10.46 9.51 15.43
CA TRP B 114 -11.91 9.65 15.23
C TRP B 114 -12.35 8.94 13.95
N CYS B 115 -11.69 9.20 12.83
CA CYS B 115 -12.08 8.58 11.55
C CYS B 115 -12.02 7.05 11.67
N HIS B 116 -10.92 6.53 12.17
CA HIS B 116 -10.70 5.09 12.24
C HIS B 116 -11.67 4.42 13.22
N ASP B 117 -11.80 4.94 14.43
CA ASP B 117 -12.63 4.35 15.46
C ASP B 117 -14.09 4.39 15.03
N HIS B 118 -14.54 5.52 14.51
CA HIS B 118 -15.98 5.63 14.11
C HIS B 118 -16.26 4.66 12.95
N LEU B 119 -15.37 4.57 11.98
CA LEU B 119 -15.61 3.70 10.81
C LEU B 119 -15.67 2.24 11.24
N VAL B 120 -14.67 1.76 11.96
CA VAL B 120 -14.65 0.34 12.42
C VAL B 120 -15.87 0.10 13.29
N HIS B 121 -16.27 1.05 14.12
CA HIS B 121 -17.44 0.77 14.99
C HIS B 121 -18.68 0.60 14.14
N PHE B 122 -18.87 1.48 13.17
CA PHE B 122 -20.07 1.44 12.31
C PHE B 122 -20.23 0.07 11.68
N TYR B 123 -19.16 -0.45 11.08
CA TYR B 123 -19.22 -1.72 10.31
C TYR B 123 -19.00 -2.93 11.20
N GLN B 124 -17.85 -3.03 11.81
CA GLN B 124 -17.45 -4.28 12.47
C GLN B 124 -18.12 -4.45 13.82
N LEU B 125 -18.49 -3.40 14.53
CA LEU B 125 -19.06 -3.57 15.87
C LEU B 125 -20.57 -3.44 15.83
N ALA B 126 -21.12 -2.33 15.37
CA ALA B 126 -22.58 -2.16 15.38
C ALA B 126 -23.24 -2.74 14.13
N GLY B 127 -22.55 -2.88 13.00
CA GLY B 127 -23.24 -3.05 11.71
C GLY B 127 -24.14 -4.25 11.76
N MET B 128 -23.71 -5.37 12.32
CA MET B 128 -24.52 -6.62 12.24
C MET B 128 -25.78 -6.53 13.12
N ASP B 129 -26.00 -5.45 13.86
CA ASP B 129 -27.29 -5.26 14.57
C ASP B 129 -28.34 -4.81 13.54
N TRP B 130 -27.90 -4.26 12.41
CA TRP B 130 -28.79 -3.51 11.47
C TRP B 130 -28.85 -4.25 10.15
N ILE B 131 -27.74 -4.86 9.76
CA ILE B 131 -27.60 -5.65 8.51
C ILE B 131 -27.78 -7.12 8.83
N ASP B 132 -28.75 -7.78 8.18
CA ASP B 132 -28.93 -9.23 8.28
C ASP B 132 -28.01 -9.86 7.22
N VAL B 133 -26.83 -10.28 7.65
CA VAL B 133 -25.81 -10.82 6.73
C VAL B 133 -26.35 -12.03 5.98
N LEU B 134 -27.02 -12.95 6.65
CA LEU B 134 -27.44 -14.18 5.94
C LEU B 134 -28.53 -13.80 4.91
N ASP B 135 -29.32 -12.76 5.18
CA ASP B 135 -30.39 -12.32 4.25
C ASP B 135 -29.75 -11.82 2.95
N ALA B 136 -28.50 -11.36 2.98
CA ALA B 136 -27.79 -10.92 1.77
C ALA B 136 -27.73 -12.04 0.73
N LEU B 137 -27.80 -13.29 1.14
CA LEU B 137 -27.73 -14.43 0.20
C LEU B 137 -28.98 -14.48 -0.67
N LYS B 138 -30.03 -13.75 -0.32
CA LYS B 138 -31.31 -13.76 -1.10
C LYS B 138 -31.33 -12.58 -2.04
N ALA B 139 -30.36 -11.67 -2.01
CA ALA B 139 -30.44 -10.43 -2.79
C ALA B 139 -30.24 -10.71 -4.28
N ASP B 140 -30.81 -9.83 -5.09
CA ASP B 140 -30.58 -9.78 -6.54
C ASP B 140 -29.40 -8.84 -6.73
N PRO B 141 -28.29 -9.33 -7.32
CA PRO B 141 -27.14 -8.45 -7.55
C PRO B 141 -27.42 -7.20 -8.39
N ARG B 142 -28.25 -7.28 -9.44
CA ARG B 142 -28.60 -6.07 -10.23
C ARG B 142 -29.39 -5.07 -9.37
N LYS B 143 -30.35 -5.54 -8.58
CA LYS B 143 -31.11 -4.60 -7.73
C LYS B 143 -30.18 -3.99 -6.65
N THR B 144 -29.22 -4.78 -6.19
CA THR B 144 -28.17 -4.26 -5.25
C THR B 144 -27.37 -3.13 -5.89
N SER B 145 -26.90 -3.34 -7.11
CA SER B 145 -26.20 -2.30 -7.89
C SER B 145 -27.08 -1.06 -8.03
N GLU B 146 -28.34 -1.26 -8.40
CA GLU B 146 -29.26 -0.11 -8.60
C GLU B 146 -29.42 0.65 -7.28
N LEU B 147 -29.59 -0.06 -6.19
CA LEU B 147 -29.74 0.60 -4.86
C LEU B 147 -28.48 1.41 -4.55
N ALA B 148 -27.32 0.76 -4.67
CA ALA B 148 -26.08 1.45 -4.31
C ALA B 148 -25.87 2.71 -5.17
N GLN B 149 -26.11 2.60 -6.47
CA GLN B 149 -25.92 3.72 -7.39
C GLN B 149 -26.91 4.85 -7.12
N SER B 150 -28.09 4.55 -6.61
CA SER B 150 -29.08 5.59 -6.24
C SER B 150 -28.62 6.38 -5.01
N LEU B 151 -27.73 5.82 -4.19
CA LEU B 151 -27.36 6.41 -2.89
C LEU B 151 -26.00 7.09 -2.95
N SER B 152 -25.15 6.72 -3.90
CA SER B 152 -23.76 7.15 -3.84
C SER B 152 -23.09 7.18 -5.20
N SER B 153 -22.09 8.01 -5.32
CA SER B 153 -21.18 8.00 -6.50
C SER B 153 -20.06 6.97 -6.36
N TRP B 154 -19.98 6.34 -5.20
CA TRP B 154 -18.87 5.39 -4.92
C TRP B 154 -18.66 4.50 -6.13
N PRO B 155 -17.43 4.25 -6.60
CA PRO B 155 -17.28 3.47 -7.84
C PRO B 155 -17.77 2.04 -7.77
N LYS B 156 -17.55 1.36 -6.64
CA LYS B 156 -17.62 -0.11 -6.54
C LYS B 156 -19.07 -0.51 -6.36
N SER B 157 -19.76 -0.68 -7.47
CA SER B 157 -21.21 -0.89 -7.43
C SER B 157 -21.68 -1.84 -8.52
N SER B 158 -20.80 -2.48 -9.28
CA SER B 158 -21.26 -3.26 -10.45
C SER B 158 -22.10 -4.43 -9.97
N PRO B 159 -23.08 -4.89 -10.80
CA PRO B 159 -23.76 -6.12 -10.47
C PRO B 159 -22.83 -7.32 -10.27
N GLY B 160 -21.79 -7.42 -11.09
CA GLY B 160 -20.84 -8.53 -10.97
C GLY B 160 -20.09 -8.46 -9.63
N TYR B 161 -19.76 -7.27 -9.18
CA TYR B 161 -19.12 -7.07 -7.85
C TYR B 161 -20.04 -7.62 -6.76
N PHE B 162 -21.30 -7.23 -6.76
CA PHE B 162 -22.21 -7.70 -5.71
C PHE B 162 -22.45 -9.19 -5.83
N PHE B 163 -22.51 -9.73 -7.05
CA PHE B 163 -22.60 -11.17 -7.24
C PHE B 163 -21.35 -11.88 -6.66
N ASP B 164 -20.16 -11.34 -6.94
CA ASP B 164 -18.91 -11.94 -6.42
C ASP B 164 -18.89 -11.92 -4.89
N VAL B 165 -19.31 -10.83 -4.27
CA VAL B 165 -19.38 -10.71 -2.78
C VAL B 165 -20.37 -11.76 -2.27
N GLN B 166 -21.53 -11.80 -2.90
CA GLN B 166 -22.58 -12.74 -2.48
C GLN B 166 -22.07 -14.17 -2.62
N ASN B 167 -21.40 -14.47 -3.71
CA ASN B 167 -20.85 -15.84 -3.92
CA ASN B 167 -20.88 -15.85 -3.91
C ASN B 167 -19.78 -16.16 -2.90
N ARG B 168 -18.97 -15.18 -2.53
CA ARG B 168 -17.96 -15.44 -1.50
C ARG B 168 -18.63 -15.78 -0.15
N LEU B 169 -19.72 -15.07 0.20
CA LEU B 169 -20.48 -15.33 1.42
C LEU B 169 -21.13 -16.72 1.32
N LYS B 170 -21.69 -17.04 0.16
CA LYS B 170 -22.33 -18.37 -0.05
C LYS B 170 -21.32 -19.49 0.17
N LYS B 171 -20.13 -19.39 -0.40
CA LYS B 171 -19.09 -20.45 -0.22
C LYS B 171 -18.61 -20.49 1.22
N PHE B 172 -18.51 -19.37 1.87
CA PHE B 172 -18.12 -19.30 3.30
C PHE B 172 -19.11 -20.07 4.18
N VAL B 173 -20.41 -19.86 3.99
CA VAL B 173 -21.53 -20.43 4.80
C VAL B 173 -21.75 -21.91 4.46
N GLU B 174 -21.55 -22.25 3.20
CA GLU B 174 -22.00 -23.57 2.65
C GLU B 174 -21.48 -24.74 3.48
N GLY B 175 -20.20 -24.73 3.88
CA GLY B 175 -19.65 -25.87 4.69
C GLY B 175 -20.05 -25.88 6.17
N GLY B 176 -20.92 -24.96 6.60
CA GLY B 176 -21.37 -24.83 7.98
C GLY B 176 -20.37 -24.13 8.90
N GLN B 177 -19.23 -23.67 8.41
CA GLN B 177 -18.24 -22.94 9.27
C GLN B 177 -18.61 -21.45 9.20
N LEU B 178 -19.64 -21.05 9.95
CA LEU B 178 -20.16 -19.67 9.82
C LEU B 178 -19.31 -18.66 10.62
N GLY B 179 -18.33 -19.13 11.39
CA GLY B 179 -17.40 -18.21 12.07
C GLY B 179 -18.14 -17.15 12.85
N ILE B 180 -17.85 -15.87 12.59
CA ILE B 180 -18.45 -14.75 13.33
C ILE B 180 -19.95 -14.61 13.10
N PHE B 181 -20.50 -15.31 12.14
CA PHE B 181 -21.95 -15.26 11.91
C PHE B 181 -22.70 -16.39 12.61
N ARG B 182 -22.01 -17.29 13.29
CA ARG B 182 -22.70 -18.47 13.88
CA ARG B 182 -22.61 -18.48 13.98
C ARG B 182 -23.67 -18.04 15.00
N ASN B 183 -24.85 -18.63 14.99
CA ASN B 183 -25.83 -18.47 16.11
C ASN B 183 -26.16 -16.98 16.28
N GLY B 184 -26.18 -16.23 15.20
CA GLY B 184 -26.63 -14.84 15.20
C GLY B 184 -28.12 -14.69 15.29
N TYR B 185 -28.61 -13.47 15.17
CA TYR B 185 -30.04 -13.11 15.35
C TYR B 185 -30.75 -13.06 14.01
N TRP B 186 -30.11 -13.52 12.95
CA TRP B 186 -30.60 -13.42 11.55
C TRP B 186 -32.08 -13.82 11.52
N GLY B 187 -32.85 -13.01 10.83
CA GLY B 187 -34.30 -13.28 10.63
C GLY B 187 -35.12 -12.71 11.76
N HIS B 188 -34.51 -12.17 12.82
CA HIS B 188 -35.28 -11.45 13.85
C HIS B 188 -36.18 -10.40 13.19
N PRO B 189 -37.42 -10.22 13.68
CA PRO B 189 -38.33 -9.28 13.02
C PRO B 189 -37.87 -7.82 13.00
N GLN B 190 -36.90 -7.47 13.88
CA GLN B 190 -36.40 -6.08 13.87
C GLN B 190 -35.37 -5.85 12.76
N TYR B 191 -34.89 -6.88 12.07
CA TYR B 191 -34.10 -6.69 10.83
C TYR B 191 -35.06 -6.24 9.73
N LYS B 192 -34.92 -5.01 9.29
CA LYS B 192 -35.88 -4.36 8.36
C LYS B 192 -35.28 -4.02 7.01
N LEU B 193 -33.98 -4.22 6.78
CA LEU B 193 -33.44 -3.90 5.45
C LEU B 193 -33.97 -4.93 4.46
N PRO B 194 -34.17 -4.49 3.19
CA PRO B 194 -34.44 -5.42 2.12
C PRO B 194 -33.18 -6.17 1.75
N PRO B 195 -33.28 -7.32 1.07
CA PRO B 195 -32.10 -8.13 0.79
C PRO B 195 -30.99 -7.34 0.07
N GLU B 196 -31.33 -6.48 -0.85
CA GLU B 196 -30.34 -5.69 -1.64
CA GLU B 196 -30.34 -5.70 -1.65
C GLU B 196 -29.59 -4.75 -0.70
N ALA B 197 -30.25 -4.20 0.30
CA ALA B 197 -29.56 -3.33 1.27
C ALA B 197 -28.64 -4.17 2.16
N ASN B 198 -29.04 -5.35 2.56
CA ASN B 198 -28.16 -6.26 3.33
C ASN B 198 -26.91 -6.58 2.51
N LEU B 199 -27.06 -6.91 1.23
CA LEU B 199 -25.85 -7.25 0.42
C LEU B 199 -24.97 -6.01 0.22
N MET B 200 -25.51 -4.84 -0.05
CA MET B 200 -24.76 -3.59 -0.11
C MET B 200 -24.04 -3.40 1.24
N GLY B 201 -24.74 -3.56 2.35
CA GLY B 201 -24.10 -3.28 3.65
C GLY B 201 -23.00 -4.28 3.92
N PHE B 202 -23.21 -5.53 3.57
CA PHE B 202 -22.20 -6.58 3.80
C PHE B 202 -20.98 -6.29 2.90
N ALA B 203 -21.17 -5.97 1.64
CA ALA B 203 -20.03 -5.61 0.79
C ALA B 203 -19.26 -4.47 1.45
N HIS B 204 -19.95 -3.51 1.99
CA HIS B 204 -19.23 -2.37 2.60
C HIS B 204 -18.55 -2.77 3.90
N TYR B 205 -19.14 -3.65 4.67
CA TYR B 205 -18.47 -4.24 5.86
C TYR B 205 -17.09 -4.71 5.43
N LEU B 206 -17.01 -5.49 4.36
CA LEU B 206 -15.72 -6.03 3.91
C LEU B 206 -14.82 -4.91 3.41
N GLU B 207 -15.33 -3.97 2.64
CA GLU B 207 -14.52 -2.83 2.16
C GLU B 207 -13.98 -2.07 3.35
N ALA B 208 -14.76 -1.85 4.39
CA ALA B 208 -14.31 -1.06 5.52
C ALA B 208 -13.27 -1.86 6.29
N LEU B 209 -13.44 -3.16 6.44
CA LEU B 209 -12.41 -3.99 7.12
C LEU B 209 -11.10 -3.85 6.40
N ASP B 210 -11.10 -3.85 5.08
CA ASP B 210 -9.85 -3.64 4.32
C ASP B 210 -9.35 -2.21 4.54
N PHE B 211 -10.20 -1.22 4.29
CA PHE B 211 -9.74 0.17 4.19
C PHE B 211 -9.26 0.70 5.53
N GLN B 212 -9.84 0.29 6.64
CA GLN B 212 -9.49 0.91 7.92
C GLN B 212 -7.98 0.81 8.18
N ARG B 213 -7.30 -0.20 7.65
CA ARG B 213 -5.84 -0.38 7.92
C ARG B 213 -5.07 0.80 7.35
N GLU B 214 -5.59 1.42 6.29
CA GLU B 214 -4.84 2.52 5.63
C GLU B 214 -4.88 3.80 6.46
N ILE B 215 -5.97 4.04 7.15
CA ILE B 215 -6.18 5.33 7.85
C ILE B 215 -5.05 5.52 8.85
N VAL B 216 -4.68 4.47 9.56
CA VAL B 216 -3.71 4.59 10.68
C VAL B 216 -2.29 4.70 10.14
N LYS B 217 -2.05 4.66 8.84
CA LYS B 217 -0.71 4.99 8.33
C LYS B 217 -0.32 6.43 8.77
N ILE B 218 -1.30 7.30 8.95
CA ILE B 218 -0.97 8.67 9.47
C ILE B 218 -0.33 8.56 10.86
N HIS B 219 -0.92 7.76 11.75
CA HIS B 219 -0.32 7.51 13.08
C HIS B 219 1.07 6.91 12.92
N ALA B 220 1.29 6.00 11.95
CA ALA B 220 2.63 5.40 11.75
C ALA B 220 3.67 6.48 11.38
N VAL B 221 3.27 7.43 10.52
CA VAL B 221 4.24 8.48 10.11
C VAL B 221 4.63 9.34 11.31
N PHE B 222 3.65 9.90 12.00
CA PHE B 222 3.99 10.84 13.10
C PHE B 222 4.30 10.15 14.42
N GLY B 223 3.76 8.97 14.64
CA GLY B 223 3.79 8.25 15.93
C GLY B 223 4.48 6.90 15.91
N GLY B 224 5.07 6.50 14.80
CA GLY B 224 5.85 5.24 14.70
C GLY B 224 5.07 3.97 14.41
N LYS B 225 3.86 3.86 14.92
CA LYS B 225 3.11 2.59 14.80
C LYS B 225 1.68 2.84 15.21
N ASN B 226 0.80 1.95 14.75
CA ASN B 226 -0.56 1.84 15.28
C ASN B 226 -0.96 0.38 15.25
N PRO B 227 -1.52 -0.17 16.31
CA PRO B 227 -1.87 0.52 17.56
C PRO B 227 -0.74 1.07 18.41
N HIS B 228 -1.09 2.00 19.31
CA HIS B 228 -0.20 2.55 20.37
C HIS B 228 0.99 3.29 19.82
N PRO B 229 0.74 4.43 19.17
CA PRO B 229 1.83 5.29 18.74
C PRO B 229 2.55 5.95 19.93
N ASN B 230 3.64 6.61 19.58
CA ASN B 230 4.48 7.30 20.57
C ASN B 230 4.25 8.81 20.53
N TRP B 231 4.53 9.41 21.69
CA TRP B 231 4.28 10.83 22.01
C TRP B 231 5.41 11.31 22.93
N ILE B 232 5.52 12.63 23.17
CA ILE B 232 6.38 13.12 24.29
C ILE B 232 5.65 14.25 24.98
N VAL B 233 5.98 14.36 26.25
CA VAL B 233 5.77 15.63 26.99
C VAL B 233 6.66 16.69 26.36
N GLY B 234 6.04 17.77 25.94
CA GLY B 234 6.75 18.85 25.24
C GLY B 234 6.47 18.92 23.76
N GLY B 235 5.78 17.93 23.18
CA GLY B 235 5.29 18.02 21.80
C GLY B 235 5.16 16.64 21.17
N MET B 236 5.91 16.43 20.10
CA MET B 236 5.99 15.10 19.44
C MET B 236 7.44 14.80 19.12
N PRO B 237 7.81 13.52 18.99
CA PRO B 237 9.20 13.13 18.71
C PRO B 237 9.53 13.12 17.23
N CYS B 238 8.53 13.34 16.37
CA CYS B 238 8.72 13.23 14.92
C CYS B 238 9.32 14.51 14.36
N ALA B 239 10.60 14.72 14.58
CA ALA B 239 11.33 15.90 14.07
C ALA B 239 11.12 16.00 12.56
N ILE B 240 11.05 17.22 12.09
CA ILE B 240 10.81 17.57 10.69
C ILE B 240 12.10 18.06 10.07
N ASN B 241 12.34 17.68 8.83
CA ASN B 241 13.47 18.18 8.01
C ASN B 241 13.01 18.04 6.57
N ILE B 242 12.76 19.17 5.92
CA ILE B 242 12.28 19.17 4.51
C ILE B 242 13.42 19.35 3.54
N ASP B 243 14.38 20.22 3.83
CA ASP B 243 15.28 20.73 2.76
C ASP B 243 16.74 20.75 3.18
N GLU B 244 17.12 19.97 4.19
CA GLU B 244 18.49 19.90 4.69
C GLU B 244 19.02 18.50 4.61
N SER B 245 20.32 18.35 4.70
CA SER B 245 20.97 17.04 4.69
C SER B 245 20.37 16.19 5.79
N GLY B 246 20.18 14.94 5.53
CA GLY B 246 19.65 14.11 6.62
C GLY B 246 18.13 14.14 6.70
N ALA B 247 17.41 14.72 5.75
CA ALA B 247 15.93 14.69 5.75
C ALA B 247 15.46 13.24 5.68
N VAL B 248 16.28 12.35 5.15
CA VAL B 248 15.95 10.90 5.15
C VAL B 248 15.75 10.37 6.56
N GLY B 249 16.26 11.06 7.57
CA GLY B 249 16.11 10.61 8.97
C GLY B 249 14.98 11.31 9.68
N ALA B 250 14.01 11.95 9.01
CA ALA B 250 13.02 12.82 9.64
C ALA B 250 11.73 12.83 8.85
N VAL B 251 10.73 13.54 9.33
CA VAL B 251 9.52 13.80 8.55
C VAL B 251 9.88 14.77 7.42
N ASN B 252 9.86 14.26 6.21
CA ASN B 252 10.33 14.98 5.00
C ASN B 252 9.16 15.09 4.03
N MET B 253 9.41 15.62 2.85
CA MET B 253 8.33 15.83 1.88
C MET B 253 7.68 14.52 1.46
N GLU B 254 8.45 13.44 1.33
CA GLU B 254 7.90 12.13 0.95
C GLU B 254 6.96 11.63 2.03
N ARG B 255 7.36 11.80 3.31
CA ARG B 255 6.49 11.38 4.44
C ARG B 255 5.18 12.16 4.41
N LEU B 256 5.28 13.48 4.21
CA LEU B 256 4.08 14.33 4.20
C LEU B 256 3.19 13.98 3.00
N ASN B 257 3.81 13.64 1.88
CA ASN B 257 3.03 13.23 0.69
C ASN B 257 2.24 11.97 1.03
N LEU B 258 2.86 11.03 1.77
CA LEU B 258 2.13 9.81 2.19
CA LEU B 258 2.16 9.80 2.22
C LEU B 258 0.92 10.22 3.03
N VAL B 259 1.09 11.07 4.02
CA VAL B 259 -0.03 11.53 4.87
C VAL B 259 -1.12 12.14 4.01
N GLN B 260 -0.78 13.01 3.07
CA GLN B 260 -1.85 13.64 2.24
C GLN B 260 -2.61 12.56 1.45
N SER B 261 -1.93 11.56 0.93
CA SER B 261 -2.61 10.52 0.12
CA SER B 261 -2.59 10.51 0.13
C SER B 261 -3.62 9.79 1.00
N ILE B 262 -3.26 9.50 2.23
CA ILE B 262 -4.18 8.82 3.17
C ILE B 262 -5.37 9.70 3.51
N ILE B 263 -5.15 11.00 3.75
CA ILE B 263 -6.26 11.89 4.11
C ILE B 263 -7.31 11.85 3.02
N THR B 264 -6.87 12.03 1.80
CA THR B 264 -7.81 12.08 0.65
C THR B 264 -8.63 10.79 0.60
N ARG B 265 -7.95 9.66 0.68
CA ARG B 265 -8.65 8.37 0.53
C ARG B 265 -9.62 8.16 1.70
N THR B 266 -9.27 8.63 2.89
CA THR B 266 -10.07 8.51 4.11
C THR B 266 -11.35 9.31 3.97
N ALA B 267 -11.23 10.57 3.53
CA ALA B 267 -12.43 11.40 3.29
C ALA B 267 -13.32 10.71 2.25
N ASP B 268 -12.72 10.23 1.18
CA ASP B 268 -13.51 9.66 0.06
C ASP B 268 -14.29 8.46 0.57
N PHE B 269 -13.67 7.61 1.37
CA PHE B 269 -14.34 6.39 1.87
C PHE B 269 -15.52 6.75 2.81
N ILE B 270 -15.26 7.65 3.76
CA ILE B 270 -16.29 8.05 4.74
C ILE B 270 -17.43 8.74 4.03
N ASN B 271 -17.13 9.63 3.11
CA ASN B 271 -18.17 10.48 2.47
C ASN B 271 -19.02 9.63 1.54
N ASN B 272 -18.44 8.63 0.87
CA ASN B 272 -19.19 7.91 -0.22
C ASN B 272 -19.58 6.51 0.17
N VAL B 273 -19.15 6.00 1.31
CA VAL B 273 -19.51 4.62 1.75
C VAL B 273 -20.22 4.75 3.10
N MET B 274 -19.55 5.26 4.14
CA MET B 274 -20.15 5.25 5.50
C MET B 274 -21.36 6.19 5.55
N ILE B 275 -21.26 7.41 5.04
CA ILE B 275 -22.35 8.40 5.15
C ILE B 275 -23.60 7.86 4.48
N PRO B 276 -23.55 7.38 3.23
CA PRO B 276 -24.78 6.89 2.61
C PRO B 276 -25.33 5.67 3.33
N ASP B 277 -24.47 4.79 3.84
CA ASP B 277 -24.95 3.60 4.57
C ASP B 277 -25.67 4.04 5.85
N ALA B 278 -25.16 5.03 6.57
CA ALA B 278 -25.81 5.55 7.78
C ALA B 278 -27.21 6.09 7.43
N LEU B 279 -27.30 6.83 6.36
CA LEU B 279 -28.60 7.41 5.94
C LEU B 279 -29.53 6.27 5.53
N ALA B 280 -29.05 5.23 4.90
CA ALA B 280 -29.86 4.05 4.52
C ALA B 280 -30.33 3.31 5.75
N ILE B 281 -29.47 3.12 6.75
CA ILE B 281 -29.94 2.50 8.00
C ILE B 281 -31.06 3.39 8.57
N GLY B 282 -30.88 4.68 8.59
CA GLY B 282 -31.97 5.58 9.06
C GLY B 282 -33.25 5.39 8.26
N GLN B 283 -33.16 5.35 6.94
CA GLN B 283 -34.38 5.28 6.06
C GLN B 283 -35.17 4.02 6.38
N PHE B 284 -34.53 2.88 6.67
CA PHE B 284 -35.20 1.59 6.83
C PHE B 284 -35.52 1.29 8.29
N ASN B 285 -35.09 2.12 9.23
CA ASN B 285 -35.26 1.88 10.69
C ASN B 285 -35.68 3.15 11.43
N LYS B 286 -36.62 3.91 10.84
CA LYS B 286 -37.09 5.18 11.41
C LYS B 286 -37.68 4.99 12.79
N PRO B 287 -38.37 3.88 13.14
CA PRO B 287 -38.88 3.72 14.50
C PRO B 287 -37.80 3.85 15.57
N TRP B 288 -36.54 3.57 15.20
CA TRP B 288 -35.42 3.62 16.17
C TRP B 288 -34.99 5.06 16.42
N SER B 289 -35.64 6.04 15.80
CA SER B 289 -35.53 7.47 16.18
C SER B 289 -36.32 7.77 17.46
N GLU B 290 -37.08 6.81 17.96
CA GLU B 290 -37.95 6.98 19.14
CA GLU B 290 -37.93 6.99 19.15
C GLU B 290 -37.59 5.96 20.22
N ILE B 291 -36.47 5.21 20.04
CA ILE B 291 -36.09 4.13 20.99
C ILE B 291 -34.70 4.49 21.53
N GLY B 292 -34.45 4.23 22.79
CA GLY B 292 -33.12 4.46 23.40
C GLY B 292 -32.78 5.90 23.60
N THR B 293 -33.75 6.80 23.76
CA THR B 293 -33.46 8.20 24.06
C THR B 293 -32.61 8.29 25.32
N GLY B 294 -32.99 7.62 26.40
CA GLY B 294 -32.23 7.67 27.65
C GLY B 294 -32.02 9.10 28.13
N LEU B 295 -30.82 9.43 28.55
CA LEU B 295 -30.48 10.76 29.08
C LEU B 295 -30.28 11.80 27.96
N SER B 296 -30.37 11.44 26.69
CA SER B 296 -29.98 12.37 25.59
C SER B 296 -30.97 13.52 25.44
N ASP B 297 -32.14 13.43 26.06
CA ASP B 297 -33.06 14.63 26.08
C ASP B 297 -33.07 15.22 27.50
N LYS B 298 -32.12 14.91 28.34
CA LYS B 298 -32.11 15.35 29.76
C LYS B 298 -30.76 16.00 30.02
N CYS B 299 -29.68 15.19 29.96
CA CYS B 299 -28.38 15.64 30.47
C CYS B 299 -27.28 15.15 29.50
N VAL B 300 -26.53 16.10 28.91
CA VAL B 300 -25.43 15.73 27.97
C VAL B 300 -24.22 16.57 28.30
N LEU B 301 -23.03 16.02 28.03
CA LEU B 301 -21.77 16.62 28.48
C LEU B 301 -20.71 16.50 27.38
N SER B 302 -20.00 17.57 27.12
CA SER B 302 -18.77 17.64 26.31
C SER B 302 -17.75 18.47 27.04
N TYR B 303 -16.48 18.06 27.07
CA TYR B 303 -15.39 18.93 27.54
C TYR B 303 -14.89 19.80 26.40
N GLY B 304 -15.08 19.37 25.16
CA GLY B 304 -14.52 20.05 23.98
C GLY B 304 -13.13 19.50 23.66
N ALA B 305 -12.66 19.81 22.47
CA ALA B 305 -11.43 19.17 21.95
C ALA B 305 -10.91 19.95 20.76
N PHE B 306 -9.70 19.59 20.34
CA PHE B 306 -9.05 20.12 19.13
C PHE B 306 -8.74 21.61 19.33
N PRO B 307 -7.86 21.95 20.27
CA PRO B 307 -7.46 23.35 20.42
C PRO B 307 -6.75 23.80 19.14
N ASP B 308 -7.27 24.83 18.46
CA ASP B 308 -6.63 25.25 17.20
C ASP B 308 -5.58 26.32 17.46
N ILE B 309 -5.66 26.96 18.62
CA ILE B 309 -4.60 27.90 19.10
C ILE B 309 -3.73 27.11 20.06
N ALA B 310 -2.49 26.89 19.70
CA ALA B 310 -1.59 26.04 20.48
C ALA B 310 -1.60 26.49 21.96
N ASN B 311 -1.81 25.55 22.86
CA ASN B 311 -1.69 25.71 24.33
C ASN B 311 -2.85 26.56 24.87
N ASP B 312 -3.87 26.82 24.08
CA ASP B 312 -5.10 27.54 24.49
C ASP B 312 -6.25 26.53 24.48
N PHE B 313 -6.78 26.20 25.65
CA PHE B 313 -7.87 25.21 25.82
C PHE B 313 -9.22 25.91 26.03
N GLY B 314 -9.25 27.20 25.71
CA GLY B 314 -10.49 27.98 25.88
C GLY B 314 -11.49 27.81 24.75
N GLU B 315 -12.67 28.37 24.94
CA GLU B 315 -13.79 28.29 23.98
C GLU B 315 -13.42 28.84 22.61
N LYS B 316 -12.58 29.87 22.52
CA LYS B 316 -12.27 30.45 21.21
C LYS B 316 -11.29 29.54 20.44
N SER B 317 -10.67 28.61 21.14
CA SER B 317 -9.62 27.76 20.53
C SER B 317 -10.21 26.40 20.10
N LEU B 318 -10.98 25.77 20.96
CA LEU B 318 -11.48 24.39 20.76
C LEU B 318 -12.38 24.34 19.53
N LEU B 319 -12.01 23.53 18.54
CA LEU B 319 -12.84 23.39 17.34
C LEU B 319 -14.06 22.52 17.60
N MET B 320 -14.00 21.61 18.58
CA MET B 320 -15.14 20.80 19.00
C MET B 320 -15.63 21.38 20.30
N PRO B 321 -16.87 21.97 20.30
CA PRO B 321 -17.38 22.66 21.48
C PRO B 321 -17.54 21.83 22.76
N GLY B 322 -17.29 22.45 23.91
CA GLY B 322 -17.60 21.91 25.22
C GLY B 322 -18.79 22.59 25.86
N GLY B 323 -19.40 21.89 26.80
CA GLY B 323 -20.53 22.44 27.57
C GLY B 323 -21.36 21.34 28.15
N ALA B 324 -22.30 21.69 29.02
CA ALA B 324 -23.19 20.73 29.68
C ALA B 324 -24.61 21.24 29.56
N VAL B 325 -25.54 20.31 29.38
CA VAL B 325 -26.99 20.59 29.52
C VAL B 325 -27.51 19.66 30.61
N ILE B 326 -28.35 20.19 31.53
CA ILE B 326 -29.08 19.38 32.52
C ILE B 326 -30.56 19.74 32.50
N ASN B 327 -31.35 18.83 33.04
CA ASN B 327 -32.80 19.02 33.26
C ASN B 327 -33.50 19.27 31.93
N GLY B 328 -32.94 18.80 30.80
CA GLY B 328 -33.62 18.93 29.50
C GLY B 328 -33.63 20.36 29.01
N ASP B 329 -32.83 21.24 29.61
CA ASP B 329 -32.78 22.67 29.24
C ASP B 329 -31.67 22.95 28.23
N PHE B 330 -31.98 22.72 26.97
CA PHE B 330 -31.01 22.90 25.87
C PHE B 330 -30.82 24.39 25.56
N ASN B 331 -31.64 25.27 26.12
CA ASN B 331 -31.47 26.73 25.89
C ASN B 331 -30.39 27.28 26.82
N ASN B 332 -29.83 26.49 27.74
CA ASN B 332 -28.77 27.00 28.66
CA ASN B 332 -28.82 26.96 28.72
C ASN B 332 -27.62 25.99 28.69
N VAL B 333 -26.74 26.16 27.75
CA VAL B 333 -25.53 25.29 27.70
C VAL B 333 -24.55 25.88 28.72
N LEU B 334 -24.17 25.11 29.70
CA LEU B 334 -23.41 25.53 30.88
C LEU B 334 -21.93 25.28 30.68
N PRO B 335 -21.04 26.12 31.24
CA PRO B 335 -19.61 25.93 31.12
C PRO B 335 -19.15 24.85 32.10
N VAL B 336 -18.13 24.08 31.65
CA VAL B 336 -17.54 22.98 32.45
C VAL B 336 -16.17 23.41 32.90
N ASP B 337 -15.89 23.19 34.17
CA ASP B 337 -14.57 23.42 34.78
CA ASP B 337 -14.56 23.41 34.77
C ASP B 337 -14.11 22.12 35.46
N LEU B 338 -13.03 21.54 34.99
CA LEU B 338 -12.56 20.24 35.53
C LEU B 338 -11.73 20.38 36.78
N VAL B 339 -11.49 21.61 37.29
CA VAL B 339 -10.83 21.78 38.59
C VAL B 339 -11.87 21.96 39.70
N ASP B 340 -13.06 22.42 39.35
CA ASP B 340 -14.12 22.74 40.35
C ASP B 340 -14.54 21.44 41.05
N PRO B 341 -14.32 21.32 42.37
CA PRO B 341 -14.64 20.10 43.10
C PRO B 341 -16.15 19.80 43.15
N GLN B 342 -17.01 20.76 42.81
CA GLN B 342 -18.47 20.58 42.84
C GLN B 342 -18.98 20.07 41.49
N GLN B 343 -18.11 19.98 40.48
CA GLN B 343 -18.55 19.59 39.13
C GLN B 343 -18.36 18.07 38.93
N VAL B 344 -17.22 17.65 38.43
CA VAL B 344 -17.02 16.19 38.20
C VAL B 344 -16.71 15.52 39.52
N GLN B 345 -17.56 14.56 39.88
CA GLN B 345 -17.34 13.69 41.05
CA GLN B 345 -17.36 13.69 41.06
C GLN B 345 -17.66 12.25 40.69
N GLU B 346 -16.93 11.32 41.33
CA GLU B 346 -17.23 9.90 41.13
C GLU B 346 -17.71 9.28 42.45
N PHE B 347 -18.79 8.52 42.33
CA PHE B 347 -19.37 7.73 43.45
C PHE B 347 -18.97 6.26 43.33
N VAL B 348 -18.93 5.54 44.44
CA VAL B 348 -18.64 4.09 44.42
C VAL B 348 -19.61 3.29 45.31
N ASP B 349 -20.72 3.89 45.75
CA ASP B 349 -21.66 3.11 46.59
C ASP B 349 -22.24 1.90 45.84
N HIS B 350 -22.24 1.90 44.51
CA HIS B 350 -22.73 0.76 43.70
C HIS B 350 -21.59 0.13 42.88
N ALA B 351 -20.35 0.37 43.29
CA ALA B 351 -19.17 -0.15 42.54
C ALA B 351 -18.22 -0.83 43.50
N TRP B 352 -17.33 -1.64 42.94
CA TRP B 352 -16.43 -2.54 43.71
C TRP B 352 -15.16 -1.79 44.13
N TYR B 353 -15.34 -0.78 44.95
CA TYR B 353 -14.26 0.10 45.44
C TYR B 353 -14.56 0.52 46.88
N ARG B 354 -13.51 0.87 47.60
CA ARG B 354 -13.70 1.40 48.98
CA ARG B 354 -13.69 1.41 48.96
C ARG B 354 -13.48 2.93 48.98
N TYR B 355 -14.40 3.65 49.61
CA TYR B 355 -14.18 5.05 50.01
C TYR B 355 -14.37 5.09 51.53
N PRO B 356 -13.80 6.07 52.22
CA PRO B 356 -14.08 6.27 53.66
C PRO B 356 -15.55 6.58 53.90
N ASN B 357 -16.21 7.28 52.98
CA ASN B 357 -17.67 7.51 53.02
C ASN B 357 -18.24 7.29 51.61
N ASP B 358 -18.95 6.17 51.41
CA ASP B 358 -19.45 5.81 50.07
C ASP B 358 -20.71 6.60 49.72
N GLN B 359 -21.15 7.53 50.58
CA GLN B 359 -22.35 8.32 50.26
C GLN B 359 -21.97 9.62 49.62
N VAL B 360 -20.68 9.88 49.43
CA VAL B 360 -20.28 11.16 48.84
C VAL B 360 -19.44 10.85 47.59
N GLY B 361 -19.41 11.85 46.77
CA GLY B 361 -18.68 11.76 45.49
C GLY B 361 -17.36 12.44 45.60
N ARG B 362 -16.31 11.90 44.98
CA ARG B 362 -14.96 12.51 45.05
CA ARG B 362 -14.96 12.52 45.04
C ARG B 362 -14.60 13.08 43.66
N HIS B 363 -14.20 14.33 43.65
CA HIS B 363 -13.53 14.94 42.48
C HIS B 363 -12.26 14.14 42.25
N PRO B 364 -11.80 14.02 40.98
CA PRO B 364 -10.62 13.18 40.76
C PRO B 364 -9.34 13.61 41.47
N PHE B 365 -9.14 14.90 41.78
CA PHE B 365 -7.93 15.26 42.54
C PHE B 365 -8.01 14.72 43.99
N ASP B 366 -9.20 14.31 44.42
CA ASP B 366 -9.44 13.63 45.71
C ASP B 366 -9.82 12.17 45.46
N GLY B 367 -9.48 11.65 44.29
CA GLY B 367 -9.90 10.30 43.92
C GLY B 367 -9.20 9.20 44.68
N ILE B 368 -9.90 8.07 44.79
CA ILE B 368 -9.38 6.87 45.48
C ILE B 368 -9.70 5.68 44.61
N THR B 369 -8.70 4.86 44.35
CA THR B 369 -8.92 3.61 43.61
C THR B 369 -8.42 2.45 44.45
N ASP B 370 -9.31 1.96 45.33
CA ASP B 370 -9.01 0.89 46.30
C ASP B 370 -10.02 -0.22 46.02
N PRO B 371 -9.62 -1.18 45.18
CA PRO B 371 -10.52 -2.18 44.67
C PRO B 371 -11.09 -3.02 45.80
N TRP B 372 -12.37 -3.35 45.71
CA TRP B 372 -13.06 -4.14 46.75
C TRP B 372 -14.15 -4.95 46.10
N TYR B 373 -13.82 -6.20 45.78
CA TYR B 373 -14.83 -7.05 45.12
C TYR B 373 -15.81 -7.52 46.19
N ASN B 374 -17.02 -7.02 46.15
CA ASN B 374 -18.06 -7.27 47.18
C ASN B 374 -19.42 -7.24 46.49
N PRO B 375 -19.82 -8.36 45.86
CA PRO B 375 -21.07 -8.46 45.09
C PRO B 375 -22.35 -8.69 45.93
N GLY B 376 -22.15 -8.92 47.21
CA GLY B 376 -23.30 -9.28 48.09
C GLY B 376 -23.97 -10.55 47.64
N ASP B 377 -25.29 -10.63 47.85
CA ASP B 377 -26.04 -11.85 47.44
C ASP B 377 -26.34 -11.72 45.94
N VAL B 378 -25.75 -12.60 45.13
CA VAL B 378 -25.94 -12.64 43.67
C VAL B 378 -26.58 -13.97 43.20
N LYS B 379 -27.27 -14.63 44.11
CA LYS B 379 -28.00 -15.89 43.82
C LYS B 379 -27.03 -16.97 43.34
N GLY B 380 -25.84 -17.00 43.85
CA GLY B 380 -24.84 -17.96 43.43
C GLY B 380 -23.79 -17.90 44.48
N SER B 381 -22.65 -17.34 44.10
CA SER B 381 -21.54 -17.17 45.03
C SER B 381 -20.72 -15.97 44.53
N ASP B 382 -19.71 -15.63 45.30
CA ASP B 382 -18.71 -14.60 44.88
C ASP B 382 -18.08 -14.98 43.54
N THR B 383 -17.97 -16.25 43.18
CA THR B 383 -17.35 -16.68 41.91
C THR B 383 -18.38 -17.24 40.94
N ASN B 384 -19.65 -16.96 41.18
CA ASN B 384 -20.73 -17.43 40.31
C ASN B 384 -21.88 -16.45 40.42
N ILE B 385 -21.80 -15.37 39.66
CA ILE B 385 -22.87 -14.34 39.65
C ILE B 385 -23.99 -14.82 38.75
N GLN B 386 -25.10 -15.23 39.36
CA GLN B 386 -26.28 -15.59 38.57
C GLN B 386 -27.16 -14.34 38.36
N GLN B 387 -27.26 -13.50 39.37
CA GLN B 387 -27.98 -12.21 39.27
CA GLN B 387 -27.97 -12.20 39.26
C GLN B 387 -27.24 -11.15 40.10
N LEU B 388 -26.72 -10.13 39.41
CA LEU B 388 -26.13 -9.00 40.14
C LEU B 388 -27.15 -8.44 41.13
N ASN B 389 -26.64 -7.87 42.20
CA ASN B 389 -27.49 -7.19 43.20
C ASN B 389 -27.34 -5.68 43.00
N GLU B 390 -28.17 -5.10 42.17
CA GLU B 390 -28.07 -3.68 41.82
C GLU B 390 -28.48 -2.80 42.98
N GLN B 391 -29.04 -3.37 44.08
CA GLN B 391 -29.26 -2.59 45.32
C GLN B 391 -27.94 -2.34 46.05
N GLU B 392 -26.87 -3.09 45.74
CA GLU B 392 -25.58 -2.83 46.34
C GLU B 392 -24.53 -2.77 45.23
N ARG B 393 -23.36 -3.33 45.42
CA ARG B 393 -22.24 -2.99 44.50
C ARG B 393 -22.28 -3.98 43.36
N TYR B 394 -22.23 -3.50 42.12
CA TYR B 394 -22.50 -4.37 40.97
C TYR B 394 -21.62 -4.11 39.76
N SER B 395 -20.49 -3.43 39.92
CA SER B 395 -19.67 -3.08 38.75
C SER B 395 -18.25 -2.69 39.14
N TRP B 396 -17.29 -2.91 38.22
CA TRP B 396 -15.94 -2.32 38.31
C TRP B 396 -15.91 -0.90 37.76
N ILE B 397 -17.04 -0.36 37.32
CA ILE B 397 -17.04 1.03 36.80
C ILE B 397 -17.46 1.97 37.91
N LYS B 398 -16.70 3.03 38.17
CA LYS B 398 -17.16 4.09 39.08
C LYS B 398 -18.30 4.86 38.44
N ALA B 399 -19.02 5.63 39.28
CA ALA B 399 -20.20 6.40 38.86
C ALA B 399 -19.91 7.90 38.79
N PRO B 400 -19.52 8.45 37.63
CA PRO B 400 -19.30 9.89 37.53
C PRO B 400 -20.61 10.65 37.41
N ARG B 401 -20.62 11.85 38.03
CA ARG B 401 -21.75 12.77 37.92
C ARG B 401 -21.18 14.15 37.72
N TRP B 402 -22.00 15.04 37.17
CA TRP B 402 -21.58 16.45 36.93
C TRP B 402 -22.55 17.32 37.73
N ARG B 403 -22.05 18.00 38.74
CA ARG B 403 -22.92 18.76 39.68
C ARG B 403 -24.03 17.83 40.21
N GLY B 404 -23.72 16.54 40.37
CA GLY B 404 -24.68 15.57 40.89
C GLY B 404 -25.59 15.00 39.84
N ASN B 405 -25.48 15.42 38.59
CA ASN B 405 -26.37 14.96 37.52
C ASN B 405 -25.71 13.78 36.77
N ALA B 406 -26.50 12.80 36.41
CA ALA B 406 -26.10 11.68 35.52
C ALA B 406 -26.15 12.19 34.07
N MET B 407 -25.05 12.06 33.33
CA MET B 407 -24.87 12.64 32.00
C MET B 407 -24.64 11.55 30.93
N GLU B 408 -25.05 11.84 29.71
CA GLU B 408 -24.59 11.09 28.52
C GLU B 408 -23.45 11.87 27.86
N VAL B 409 -22.42 11.15 27.44
CA VAL B 409 -21.30 11.70 26.63
C VAL B 409 -21.21 10.98 25.29
N GLY B 410 -20.43 11.53 24.37
CA GLY B 410 -20.18 10.91 23.07
C GLY B 410 -20.74 11.71 21.90
N PRO B 411 -20.78 11.09 20.69
CA PRO B 411 -21.11 11.82 19.46
C PRO B 411 -22.46 12.56 19.57
N LEU B 412 -23.48 11.88 20.05
CA LEU B 412 -24.83 12.53 20.16
C LEU B 412 -24.76 13.65 21.18
N ALA B 413 -24.14 13.45 22.33
CA ALA B 413 -23.98 14.54 23.31
C ALA B 413 -23.28 15.73 22.68
N ARG B 414 -22.15 15.51 22.01
CA ARG B 414 -21.36 16.61 21.41
C ARG B 414 -22.22 17.29 20.35
N THR B 415 -22.96 16.55 19.55
CA THR B 415 -23.73 17.15 18.45
C THR B 415 -24.79 18.08 19.08
N LEU B 416 -25.44 17.64 20.13
CA LEU B 416 -26.49 18.46 20.79
C LEU B 416 -25.84 19.71 21.39
N ILE B 417 -24.69 19.61 22.03
CA ILE B 417 -24.00 20.78 22.62
C ILE B 417 -23.67 21.75 21.49
N ALA B 418 -23.03 21.32 20.43
CA ALA B 418 -22.62 22.23 19.36
C ALA B 418 -23.87 22.86 18.74
N TYR B 419 -24.91 22.06 18.52
CA TYR B 419 -26.16 22.54 17.85
C TYR B 419 -26.74 23.66 18.70
N HIS B 420 -26.82 23.47 20.02
CA HIS B 420 -27.54 24.41 20.94
C HIS B 420 -26.60 25.56 21.30
N LYS B 421 -25.29 25.46 21.06
CA LYS B 421 -24.39 26.62 21.18
C LYS B 421 -24.46 27.46 19.89
N GLY B 422 -25.15 26.99 18.85
CA GLY B 422 -25.31 27.68 17.54
C GLY B 422 -24.09 27.55 16.67
N ASP B 423 -23.33 26.49 16.76
CA ASP B 423 -22.28 26.18 15.74
C ASP B 423 -22.97 26.03 14.37
N ALA B 424 -22.65 26.92 13.42
CA ALA B 424 -23.36 27.03 12.12
C ALA B 424 -23.28 25.72 11.36
N ALA B 425 -22.09 25.08 11.27
CA ALA B 425 -21.88 23.88 10.44
C ALA B 425 -22.74 22.77 11.04
N THR B 426 -22.73 22.67 12.37
CA THR B 426 -23.48 21.61 13.07
C THR B 426 -24.97 21.80 12.81
N VAL B 427 -25.48 23.02 13.00
CA VAL B 427 -26.94 23.29 12.86
C VAL B 427 -27.35 22.92 11.43
N GLU B 428 -26.61 23.38 10.44
CA GLU B 428 -26.93 23.10 9.01
C GLU B 428 -26.90 21.59 8.74
N SER B 429 -25.87 20.87 9.19
CA SER B 429 -25.69 19.42 8.94
C SER B 429 -26.82 18.64 9.60
N VAL B 430 -27.14 18.97 10.85
CA VAL B 430 -28.16 18.21 11.62
C VAL B 430 -29.52 18.46 10.95
N ASP B 431 -29.85 19.72 10.68
CA ASP B 431 -31.18 20.04 10.09
C ASP B 431 -31.33 19.32 8.73
N ARG B 432 -30.28 19.30 7.93
CA ARG B 432 -30.31 18.67 6.56
C ARG B 432 -30.46 17.15 6.71
N MET B 433 -29.76 16.58 7.68
CA MET B 433 -29.81 15.11 7.91
C MET B 433 -31.21 14.68 8.32
N MET B 434 -31.83 15.38 9.26
CA MET B 434 -33.16 15.01 9.81
C MET B 434 -34.22 15.36 8.75
N SER B 435 -34.00 16.41 7.97
CA SER B 435 -34.88 16.73 6.82
CA SER B 435 -34.87 16.74 6.81
C SER B 435 -34.86 15.58 5.80
N ALA B 436 -33.68 15.08 5.45
CA ALA B 436 -33.50 13.94 4.49
C ALA B 436 -34.29 12.70 4.94
N LEU B 437 -34.41 12.47 6.24
CA LEU B 437 -35.11 11.32 6.86
C LEU B 437 -36.59 11.62 7.13
N ASN B 438 -36.99 12.90 6.95
CA ASN B 438 -38.39 13.37 7.19
C ASN B 438 -38.71 13.01 8.64
N LEU B 439 -37.76 13.32 9.53
CA LEU B 439 -37.92 13.21 10.99
C LEU B 439 -37.73 14.57 11.64
N PRO B 440 -38.37 14.76 12.81
CA PRO B 440 -38.13 15.96 13.63
C PRO B 440 -36.75 15.91 14.30
N LEU B 441 -36.26 17.07 14.70
CA LEU B 441 -34.94 17.20 15.38
C LEU B 441 -34.88 16.21 16.52
N SER B 442 -35.96 16.03 17.29
CA SER B 442 -36.02 15.17 18.48
C SER B 442 -35.63 13.73 18.10
N GLY B 443 -35.76 13.36 16.84
CA GLY B 443 -35.42 12.00 16.38
C GLY B 443 -33.93 11.74 16.57
N ILE B 444 -33.11 12.77 16.69
CA ILE B 444 -31.65 12.52 16.87
C ILE B 444 -31.39 12.02 18.29
N GLN B 445 -32.30 12.27 19.23
CA GLN B 445 -32.11 11.90 20.65
C GLN B 445 -32.62 10.47 20.83
N SER B 446 -31.82 9.50 20.37
CA SER B 446 -32.29 8.12 20.19
C SER B 446 -31.09 7.23 19.86
N THR B 447 -31.30 5.93 19.91
CA THR B 447 -30.30 4.94 19.43
C THR B 447 -29.98 5.21 17.96
N LEU B 448 -30.96 5.42 17.07
CA LEU B 448 -30.63 5.75 15.66
C LEU B 448 -29.78 7.02 15.63
N GLY B 449 -30.12 8.02 16.41
CA GLY B 449 -29.41 9.30 16.44
C GLY B 449 -27.94 9.09 16.79
N ARG B 450 -27.65 8.20 17.69
CA ARG B 450 -26.24 7.98 18.10
C ARG B 450 -25.41 7.51 16.92
N ILE B 451 -26.00 6.65 16.10
CA ILE B 451 -25.34 6.09 14.89
C ILE B 451 -25.18 7.22 13.87
N LEU B 452 -26.22 8.01 13.63
CA LEU B 452 -26.17 9.07 12.62
C LEU B 452 -25.12 10.11 13.04
N CYS B 453 -25.08 10.48 14.32
CA CYS B 453 -24.11 11.48 14.81
C CYS B 453 -22.68 10.95 14.64
N ARG B 454 -22.47 9.67 14.89
CA ARG B 454 -21.11 9.08 14.72
C ARG B 454 -20.68 9.18 13.29
N ALA B 455 -21.54 8.84 12.33
CA ALA B 455 -21.16 8.97 10.92
C ALA B 455 -20.88 10.44 10.57
N HIS B 456 -21.74 11.35 10.99
CA HIS B 456 -21.54 12.80 10.77
C HIS B 456 -20.16 13.23 11.32
N GLU B 457 -19.78 12.73 12.49
CA GLU B 457 -18.49 13.07 13.08
C GLU B 457 -17.32 12.52 12.27
N ALA B 458 -17.45 11.32 11.72
CA ALA B 458 -16.37 10.78 10.88
C ALA B 458 -16.13 11.71 9.70
N GLN B 459 -17.20 12.18 9.08
CA GLN B 459 -17.10 13.14 7.99
C GLN B 459 -16.45 14.45 8.46
N TRP B 460 -16.88 14.98 9.61
CA TRP B 460 -16.31 16.23 10.19
C TRP B 460 -14.82 16.02 10.38
N ALA B 461 -14.42 14.91 10.99
CA ALA B 461 -13.00 14.66 11.35
C ALA B 461 -12.17 14.49 10.08
N ALA B 462 -12.68 13.84 9.04
CA ALA B 462 -11.97 13.70 7.75
C ALA B 462 -11.70 15.08 7.12
N GLY B 463 -12.66 15.99 7.23
CA GLY B 463 -12.47 17.38 6.80
C GLY B 463 -11.42 18.07 7.61
N LYS B 464 -11.47 17.87 8.92
CA LYS B 464 -10.51 18.56 9.80
C LYS B 464 -9.10 18.02 9.58
N LEU B 465 -8.94 16.74 9.22
CA LEU B 465 -7.58 16.25 8.88
C LEU B 465 -6.94 17.13 7.82
N GLN B 466 -7.68 17.44 6.74
CA GLN B 466 -7.11 18.25 5.66
C GLN B 466 -6.78 19.65 6.17
N TYR B 467 -7.70 20.23 6.98
CA TYR B 467 -7.48 21.56 7.59
C TYR B 467 -6.17 21.59 8.38
N PHE B 468 -5.96 20.59 9.24
CA PHE B 468 -4.76 20.53 10.07
C PHE B 468 -3.53 20.30 9.23
N PHE B 469 -3.60 19.42 8.25
CA PHE B 469 -2.45 19.16 7.36
C PHE B 469 -2.05 20.47 6.65
N ASP B 470 -3.03 21.17 6.15
CA ASP B 470 -2.76 22.45 5.45
C ASP B 470 -2.13 23.47 6.41
N LYS B 471 -2.56 23.50 7.66
CA LYS B 471 -1.95 24.37 8.69
CA LYS B 471 -1.93 24.39 8.67
C LYS B 471 -0.48 23.98 8.91
N LEU B 472 -0.18 22.69 8.99
CA LEU B 472 1.20 22.24 9.15
C LEU B 472 2.00 22.69 7.93
N MET B 473 1.50 22.44 6.72
CA MET B 473 2.27 22.83 5.50
C MET B 473 2.49 24.35 5.43
N THR B 474 1.53 25.13 5.88
CA THR B 474 1.71 26.59 5.93
C THR B 474 2.87 26.92 6.85
N ASN B 475 2.95 26.32 8.03
CA ASN B 475 4.08 26.62 8.93
C ASN B 475 5.39 26.24 8.27
N LEU B 476 5.48 25.07 7.60
CA LEU B 476 6.73 24.63 6.96
C LEU B 476 7.09 25.62 5.83
N LYS B 477 6.11 26.09 5.06
CA LYS B 477 6.40 27.08 3.99
C LYS B 477 7.01 28.33 4.64
N ASN B 478 6.61 28.66 5.87
CA ASN B 478 7.12 29.86 6.58
C ASN B 478 8.37 29.53 7.40
N GLY B 479 8.95 28.35 7.29
CA GLY B 479 10.22 28.03 7.94
C GLY B 479 10.06 27.70 9.42
N ASN B 480 8.87 27.41 9.85
CA ASN B 480 8.56 27.04 11.26
C ASN B 480 8.47 25.51 11.34
N LEU B 481 9.55 24.90 11.80
CA LEU B 481 9.66 23.44 11.80
C LEU B 481 9.51 22.88 13.21
N ALA B 482 9.54 23.66 14.29
CA ALA B 482 9.70 23.12 15.66
C ALA B 482 8.58 22.12 15.99
N THR B 483 8.99 21.01 16.60
CA THR B 483 8.04 19.98 17.08
C THR B 483 8.13 19.70 18.57
N ALA B 484 9.14 20.22 19.29
CA ALA B 484 9.24 19.93 20.73
C ALA B 484 9.74 21.17 21.46
N SER B 485 9.23 21.39 22.65
CA SER B 485 9.76 22.32 23.65
C SER B 485 10.46 21.49 24.70
N THR B 486 11.74 21.75 25.01
CA THR B 486 12.51 20.96 26.00
C THR B 486 13.00 21.82 27.17
N GLU B 487 12.54 23.03 27.27
CA GLU B 487 12.99 23.92 28.38
C GLU B 487 12.71 23.25 29.73
N LYS B 488 11.59 22.55 29.86
CA LYS B 488 11.20 21.88 31.12
CA LYS B 488 11.20 21.89 31.13
C LYS B 488 11.19 20.37 30.97
N TRP B 489 11.99 19.81 30.13
CA TRP B 489 12.16 18.34 30.03
C TRP B 489 12.78 17.78 31.31
N GLU B 490 13.81 18.43 31.86
CA GLU B 490 14.56 17.87 33.02
C GLU B 490 13.78 18.07 34.32
N PRO B 491 13.67 17.00 35.13
CA PRO B 491 12.92 17.14 36.40
C PRO B 491 13.38 18.25 37.35
N ALA B 492 14.67 18.63 37.26
CA ALA B 492 15.18 19.74 38.10
C ALA B 492 14.46 21.03 37.78
N THR B 493 13.81 21.16 36.63
CA THR B 493 13.11 22.39 36.22
C THR B 493 11.67 22.44 36.72
N TRP B 494 11.15 21.36 37.26
CA TRP B 494 9.71 21.29 37.58
C TRP B 494 9.43 21.89 38.95
N PRO B 495 8.19 22.27 39.21
CA PRO B 495 7.74 22.60 40.57
C PRO B 495 7.87 21.34 41.44
N THR B 496 8.22 21.48 42.69
CA THR B 496 8.31 20.36 43.65
C THR B 496 6.93 19.70 43.76
N GLU B 497 5.87 20.47 43.77
CA GLU B 497 4.50 19.96 43.84
C GLU B 497 3.67 20.72 42.84
N CYS B 498 2.94 20.03 41.98
CA CYS B 498 2.06 20.68 41.02
C CYS B 498 1.01 19.65 40.57
N ARG B 499 -0.05 20.15 40.01
CA ARG B 499 -1.13 19.27 39.52
C ARG B 499 -1.70 19.87 38.25
N GLY B 500 -2.31 19.00 37.45
CA GLY B 500 -2.77 19.41 36.14
C GLY B 500 -3.89 18.51 35.64
N VAL B 501 -4.65 19.05 34.69
CA VAL B 501 -5.75 18.32 34.06
C VAL B 501 -5.48 18.28 32.57
N GLY B 502 -5.62 17.10 31.97
CA GLY B 502 -5.62 16.94 30.53
C GLY B 502 -6.97 16.48 30.09
N PHE B 503 -7.57 17.13 29.11
CA PHE B 503 -8.91 16.75 28.70
C PHE B 503 -9.04 16.78 27.18
N THR B 504 -9.96 15.96 26.67
CA THR B 504 -10.24 15.95 25.24
C THR B 504 -11.58 15.25 25.05
N GLU B 505 -12.00 15.17 23.78
CA GLU B 505 -13.15 14.37 23.36
C GLU B 505 -12.61 13.17 22.60
N ALA B 506 -12.57 12.05 23.30
CA ALA B 506 -12.26 10.78 22.65
C ALA B 506 -13.43 10.41 21.75
N PRO B 507 -13.29 9.42 20.85
CA PRO B 507 -14.43 9.05 20.00
C PRO B 507 -15.69 8.73 20.81
N LYS B 508 -15.57 8.18 21.99
CA LYS B 508 -16.73 7.81 22.84
C LYS B 508 -17.24 8.96 23.72
N GLY B 509 -16.49 10.04 23.88
CA GLY B 509 -16.95 11.18 24.67
C GLY B 509 -15.90 11.82 25.51
N ALA B 510 -16.34 12.52 26.55
CA ALA B 510 -15.47 13.40 27.35
C ALA B 510 -14.47 12.56 28.16
N LEU B 511 -13.21 12.90 27.99
CA LEU B 511 -12.10 12.22 28.68
C LEU B 511 -11.30 13.20 29.52
N GLY B 512 -10.97 12.82 30.75
CA GLY B 512 -10.07 13.63 31.55
C GLY B 512 -9.09 12.77 32.29
N HIS B 513 -7.86 13.25 32.42
CA HIS B 513 -6.81 12.71 33.30
C HIS B 513 -6.43 13.81 34.27
N TRP B 514 -6.44 13.50 35.54
CA TRP B 514 -6.02 14.41 36.65
C TRP B 514 -4.74 13.87 37.22
N ALA B 515 -3.67 14.67 37.21
CA ALA B 515 -2.36 14.21 37.66
C ALA B 515 -1.83 15.14 38.75
N ALA B 516 -1.26 14.58 39.79
CA ALA B 516 -0.51 15.38 40.78
C ALA B 516 0.92 14.85 40.77
N ILE B 517 1.85 15.76 40.65
CA ILE B 517 3.30 15.51 40.64
C ILE B 517 3.88 15.97 41.98
N ARG B 518 4.72 15.16 42.59
CA ARG B 518 5.45 15.59 43.80
CA ARG B 518 5.46 15.59 43.79
C ARG B 518 6.87 15.00 43.70
N ASP B 519 7.90 15.81 43.88
CA ASP B 519 9.28 15.28 43.98
C ASP B 519 9.63 14.47 42.74
N GLY B 520 9.17 14.97 41.59
CA GLY B 520 9.55 14.39 40.30
C GLY B 520 8.80 13.13 39.92
N LYS B 521 7.81 12.72 40.70
CA LYS B 521 7.08 11.46 40.43
C LYS B 521 5.59 11.69 40.53
N ILE B 522 4.84 10.81 39.89
CA ILE B 522 3.37 10.82 39.97
C ILE B 522 2.93 10.46 41.38
N ASP B 523 2.25 11.38 42.05
CA ASP B 523 1.70 11.14 43.40
C ASP B 523 0.26 10.63 43.27
N LEU B 524 -0.47 11.08 42.25
CA LEU B 524 -1.88 10.69 42.02
C LEU B 524 -2.15 10.81 40.53
N TYR B 525 -2.86 9.84 39.99
CA TYR B 525 -3.24 9.84 38.56
C TYR B 525 -4.64 9.24 38.51
N GLN B 526 -5.64 10.06 38.27
CA GLN B 526 -7.03 9.61 38.19
C GLN B 526 -7.59 9.90 36.83
N CYS B 527 -8.25 8.91 36.28
CA CYS B 527 -8.86 8.98 34.96
C CYS B 527 -10.36 8.83 35.08
N VAL B 528 -11.09 9.65 34.35
CA VAL B 528 -12.55 9.47 34.18
C VAL B 528 -12.73 9.47 32.68
N VAL B 529 -13.26 8.37 32.15
CA VAL B 529 -13.19 8.08 30.71
C VAL B 529 -14.63 8.03 30.18
N PRO B 530 -14.89 8.26 28.90
CA PRO B 530 -16.25 8.42 28.42
C PRO B 530 -17.16 7.25 28.79
N THR B 531 -16.73 6.00 28.60
CA THR B 531 -17.58 4.85 28.95
C THR B 531 -17.77 4.77 30.45
N THR B 532 -16.85 5.30 31.26
CA THR B 532 -17.14 5.39 32.72
C THR B 532 -18.44 6.16 32.90
N TRP B 533 -18.60 7.33 32.28
CA TRP B 533 -19.88 8.06 32.33
C TRP B 533 -20.98 7.15 31.83
N ASN B 534 -20.91 6.72 30.59
CA ASN B 534 -22.09 6.15 29.93
C ASN B 534 -22.50 4.84 30.61
N ALA B 535 -21.54 4.00 30.98
CA ALA B 535 -21.85 2.66 31.51
C ALA B 535 -21.94 2.69 33.04
N SER B 536 -21.93 3.86 33.65
CA SER B 536 -21.97 4.10 35.10
C SER B 536 -23.01 3.25 35.80
N PRO B 537 -22.69 2.79 37.02
CA PRO B 537 -23.75 2.26 37.89
C PRO B 537 -24.45 3.43 38.59
N ARG B 538 -25.37 3.07 39.50
CA ARG B 538 -26.19 4.04 40.23
C ARG B 538 -25.37 4.77 41.30
N ASP B 539 -25.97 5.83 41.85
CA ASP B 539 -25.37 6.70 42.86
C ASP B 539 -26.25 6.66 44.12
N PRO B 540 -25.89 7.42 45.19
CA PRO B 540 -26.62 7.30 46.46
C PRO B 540 -28.08 7.71 46.33
N LYS B 541 -28.42 8.53 45.37
CA LYS B 541 -29.84 8.92 45.08
C LYS B 541 -30.53 7.90 44.19
N GLY B 542 -29.87 6.83 43.76
CA GLY B 542 -30.47 5.86 42.84
C GLY B 542 -30.51 6.34 41.39
N GLN B 543 -29.86 7.46 41.07
CA GLN B 543 -29.86 7.94 39.69
C GLN B 543 -29.14 6.92 38.81
N ILE B 544 -29.70 6.72 37.65
CA ILE B 544 -29.19 5.78 36.61
C ILE B 544 -28.38 6.54 35.55
N GLY B 545 -27.35 5.84 35.08
CA GLY B 545 -26.48 6.32 34.00
C GLY B 545 -27.06 6.12 32.63
N ALA B 546 -26.29 6.55 31.64
CA ALA B 546 -26.77 6.68 30.27
C ALA B 546 -27.22 5.34 29.69
N TYR B 547 -26.46 4.27 29.88
CA TYR B 547 -26.84 2.97 29.30
C TYR B 547 -28.13 2.47 29.96
N GLU B 548 -28.20 2.51 31.27
CA GLU B 548 -29.40 1.99 32.00
C GLU B 548 -30.61 2.79 31.55
N ALA B 549 -30.49 4.11 31.42
CA ALA B 549 -31.62 4.96 31.01
C ALA B 549 -32.03 4.64 29.58
N ALA B 550 -31.06 4.47 28.67
CA ALA B 550 -31.37 4.24 27.27
C ALA B 550 -32.06 2.90 27.12
N LEU B 551 -31.73 1.89 27.94
CA LEU B 551 -32.40 0.59 27.86
C LEU B 551 -33.81 0.64 28.49
N MET B 552 -34.04 1.49 29.48
CA MET B 552 -35.38 1.57 30.12
C MET B 552 -36.44 1.75 29.03
N ASN B 553 -37.57 1.06 29.24
CA ASN B 553 -38.83 1.29 28.52
C ASN B 553 -38.78 0.66 27.13
N THR B 554 -37.77 -0.15 26.82
CA THR B 554 -37.58 -0.76 25.50
C THR B 554 -38.38 -2.06 25.36
N LYS B 555 -39.13 -2.14 24.28
CA LYS B 555 -39.82 -3.38 23.88
C LYS B 555 -38.84 -4.40 23.33
N MET B 556 -38.99 -5.65 23.76
CA MET B 556 -38.24 -6.76 23.11
C MET B 556 -39.20 -7.69 22.39
N ALA B 557 -38.95 -8.00 21.14
CA ALA B 557 -39.82 -8.90 20.37
C ALA B 557 -39.68 -10.31 20.92
N ILE B 558 -38.47 -10.74 21.26
CA ILE B 558 -38.15 -12.15 21.58
C ILE B 558 -37.19 -12.09 22.76
N PRO B 559 -37.65 -12.17 24.02
CA PRO B 559 -36.83 -11.97 25.21
C PRO B 559 -35.47 -12.68 25.17
N GLU B 560 -35.47 -13.89 24.64
CA GLU B 560 -34.29 -14.78 24.70
C GLU B 560 -33.22 -14.25 23.71
N GLN B 561 -33.58 -13.39 22.77
CA GLN B 561 -32.66 -12.88 21.70
C GLN B 561 -32.49 -11.39 21.92
N PRO B 562 -31.41 -10.92 22.57
CA PRO B 562 -31.34 -9.54 23.05
C PRO B 562 -31.00 -8.50 21.97
N LEU B 563 -31.55 -8.63 20.76
CA LEU B 563 -31.14 -7.75 19.64
C LEU B 563 -31.38 -6.29 20.02
N GLU B 564 -32.51 -5.94 20.65
CA GLU B 564 -32.78 -4.55 20.97
C GLU B 564 -31.82 -4.01 22.02
N ILE B 565 -31.44 -4.82 22.98
CA ILE B 565 -30.46 -4.42 24.00
C ILE B 565 -29.12 -4.16 23.27
N LEU B 566 -28.72 -5.10 22.45
CA LEU B 566 -27.43 -4.93 21.72
C LEU B 566 -27.45 -3.70 20.85
N ARG B 567 -28.55 -3.41 20.15
CA ARG B 567 -28.60 -2.24 19.28
C ARG B 567 -28.31 -1.02 20.12
N THR B 568 -29.04 -0.83 21.23
CA THR B 568 -28.89 0.39 22.01
C THR B 568 -27.50 0.45 22.65
N LEU B 569 -27.04 -0.63 23.30
CA LEU B 569 -25.69 -0.57 23.92
C LEU B 569 -24.66 -0.30 22.85
N HIS B 570 -24.68 -1.00 21.74
CA HIS B 570 -23.66 -0.81 20.69
C HIS B 570 -23.73 0.61 20.16
N SER B 571 -24.88 1.29 20.16
CA SER B 571 -24.98 2.66 19.61
C SER B 571 -24.08 3.63 20.37
N PHE B 572 -23.69 3.32 21.61
CA PHE B 572 -22.77 4.15 22.40
C PHE B 572 -21.30 3.78 22.16
N ASP B 573 -21.03 2.72 21.42
CA ASP B 573 -19.64 2.20 21.23
C ASP B 573 -18.98 1.91 22.58
N PRO B 574 -19.51 0.95 23.37
CA PRO B 574 -18.96 0.69 24.70
C PRO B 574 -17.48 0.26 24.65
N CYS B 575 -16.67 0.92 25.45
CA CYS B 575 -15.25 0.56 25.58
C CYS B 575 -14.98 0.25 27.04
N LEU B 576 -15.05 -1.03 27.37
CA LEU B 576 -15.08 -1.40 28.79
C LEU B 576 -13.70 -1.33 29.40
N ALA B 577 -12.65 -1.57 28.65
CA ALA B 577 -11.29 -1.36 29.19
C ALA B 577 -11.07 0.10 29.52
N CYS B 578 -11.52 1.00 28.65
CA CYS B 578 -11.53 2.44 28.96
C CYS B 578 -12.29 2.66 30.26
N SER B 579 -13.47 2.08 30.37
CA SER B 579 -14.41 2.49 31.44
C SER B 579 -13.83 2.16 32.82
N THR B 580 -13.02 1.11 32.91
CA THR B 580 -12.53 0.54 34.18
C THR B 580 -11.06 0.90 34.43
N HIS B 581 -10.25 0.85 33.39
CA HIS B 581 -8.82 1.20 33.46
C HIS B 581 -8.15 0.55 34.67
N LYS C 1 -6.54 27.32 -11.46
CA LYS C 1 -5.26 28.11 -11.61
C LYS C 1 -4.29 27.32 -12.50
N PRO C 2 -3.47 27.97 -13.36
CA PRO C 2 -2.56 27.27 -14.27
C PRO C 2 -1.51 26.45 -13.53
N ARG C 3 -1.13 25.32 -14.12
CA ARG C 3 -0.11 24.42 -13.55
C ARG C 3 1.23 24.75 -14.22
N ILE C 4 2.32 24.56 -13.50
CA ILE C 4 3.69 24.86 -13.96
C ILE C 4 4.02 24.04 -15.21
N PRO C 5 4.39 24.69 -16.30
CA PRO C 5 4.78 23.95 -17.52
C PRO C 5 6.07 23.17 -17.27
N VAL C 6 6.04 21.91 -17.72
CA VAL C 6 7.22 21.01 -17.73
C VAL C 6 7.42 20.43 -19.13
N VAL C 7 8.63 20.53 -19.63
CA VAL C 7 9.03 19.92 -20.90
C VAL C 7 9.99 18.80 -20.51
N TRP C 8 9.71 17.57 -20.93
CA TRP C 8 10.56 16.40 -20.57
C TRP C 8 11.16 15.86 -21.87
N ILE C 9 12.46 15.98 -22.02
CA ILE C 9 13.14 15.46 -23.22
C ILE C 9 13.99 14.24 -22.87
N HIS C 10 14.38 13.50 -23.90
CA HIS C 10 15.07 12.20 -23.79
C HIS C 10 16.23 12.17 -24.76
N GLY C 11 17.44 12.04 -24.23
CA GLY C 11 18.62 11.79 -25.06
C GLY C 11 18.91 10.32 -25.21
N LEU C 12 20.17 9.93 -25.15
CA LEU C 12 20.52 8.51 -25.06
C LEU C 12 20.14 8.04 -23.65
N GLU C 13 19.32 7.02 -23.56
CA GLU C 13 18.79 6.57 -22.26
CA GLU C 13 18.70 6.61 -22.30
C GLU C 13 18.13 5.21 -22.44
N CYS C 14 17.68 4.65 -21.32
CA CYS C 14 16.96 3.37 -21.33
C CYS C 14 15.51 3.56 -20.89
N THR C 15 15.13 4.78 -20.48
CA THR C 15 13.76 5.18 -20.10
C THR C 15 13.44 4.69 -18.66
N CYS C 16 14.41 4.22 -17.92
CA CYS C 16 14.19 3.79 -16.54
C CYS C 16 13.69 4.94 -15.65
N CYS C 17 14.13 6.15 -15.90
CA CYS C 17 13.74 7.25 -14.98
C CYS C 17 12.26 7.61 -15.24
N THR C 18 11.78 7.55 -16.48
CA THR C 18 10.35 7.73 -16.78
C THR C 18 9.51 6.63 -16.09
N GLU C 19 9.98 5.40 -16.21
CA GLU C 19 9.29 4.25 -15.57
C GLU C 19 9.29 4.45 -14.06
N SER C 20 10.41 4.89 -13.48
CA SER C 20 10.46 5.16 -12.04
C SER C 20 9.40 6.19 -11.67
N PHE C 21 9.38 7.28 -12.42
CA PHE C 21 8.42 8.36 -12.09
C PHE C 21 7.00 7.80 -12.00
N ILE C 22 6.61 6.98 -12.98
CA ILE C 22 5.19 6.52 -12.99
C ILE C 22 4.92 5.51 -11.86
N ARG C 23 5.96 5.00 -11.18
CA ARG C 23 5.76 4.12 -10.00
C ARG C 23 5.36 4.93 -8.76
N SER C 24 5.42 6.26 -8.80
CA SER C 24 5.23 7.07 -7.59
C SER C 24 3.96 6.64 -6.86
N ALA C 25 4.06 6.44 -5.57
CA ALA C 25 2.93 6.00 -4.73
C ALA C 25 2.18 7.18 -4.13
N HIS C 26 2.88 8.29 -3.89
CA HIS C 26 2.28 9.41 -3.15
C HIS C 26 3.11 10.64 -3.44
N PRO C 27 2.64 11.57 -4.28
CA PRO C 27 1.38 11.50 -5.03
C PRO C 27 1.50 10.50 -6.17
N LEU C 28 0.34 9.95 -6.55
CA LEU C 28 0.31 9.12 -7.77
C LEU C 28 0.79 9.93 -8.96
N ALA C 29 1.48 9.32 -9.91
CA ALA C 29 1.90 10.04 -11.12
C ALA C 29 0.67 10.59 -11.85
N LYS C 30 -0.41 9.87 -11.86
CA LYS C 30 -1.71 10.36 -12.39
C LYS C 30 -2.02 11.73 -11.82
N ASP C 31 -1.97 11.88 -10.51
CA ASP C 31 -2.30 13.16 -9.86
C ASP C 31 -1.22 14.21 -10.12
N VAL C 32 0.04 13.86 -10.22
CA VAL C 32 1.09 14.81 -10.61
C VAL C 32 0.74 15.39 -11.99
N ILE C 33 0.43 14.54 -12.95
CA ILE C 33 0.13 14.96 -14.35
C ILE C 33 -1.18 15.75 -14.39
N LEU C 34 -2.22 15.30 -13.75
CA LEU C 34 -3.55 15.98 -13.89
C LEU C 34 -3.58 17.24 -13.04
N SER C 35 -2.96 17.30 -11.87
CA SER C 35 -3.26 18.35 -10.86
C SER C 35 -2.06 19.17 -10.43
N LEU C 36 -0.82 18.69 -10.49
CA LEU C 36 0.33 19.41 -9.88
C LEU C 36 1.16 20.13 -10.91
N ILE C 37 1.36 19.56 -12.09
CA ILE C 37 2.20 20.15 -13.16
C ILE C 37 1.40 20.15 -14.46
N SER C 38 1.92 20.81 -15.49
CA SER C 38 1.43 20.63 -16.86
C SER C 38 2.55 19.99 -17.68
N LEU C 39 2.44 18.66 -17.84
CA LEU C 39 3.48 17.91 -18.55
C LEU C 39 3.19 18.13 -20.05
N ASP C 40 3.90 19.09 -20.60
CA ASP C 40 3.49 19.73 -21.87
C ASP C 40 4.22 19.11 -23.05
N TYR C 41 5.26 18.32 -22.81
CA TYR C 41 5.98 17.61 -23.87
C TYR C 41 6.68 16.42 -23.23
N ASP C 42 6.49 15.25 -23.78
CA ASP C 42 7.10 14.01 -23.24
CA ASP C 42 7.05 13.99 -23.21
C ASP C 42 6.92 12.93 -24.29
N ASP C 43 8.02 12.54 -24.94
CA ASP C 43 7.91 11.59 -26.07
C ASP C 43 7.29 10.28 -25.61
N THR C 44 7.52 9.82 -24.38
CA THR C 44 6.99 8.51 -23.93
C THR C 44 5.47 8.45 -23.88
N LEU C 45 4.81 9.57 -23.54
CA LEU C 45 3.37 9.54 -23.14
C LEU C 45 2.46 10.35 -24.08
N MET C 46 3.03 11.25 -24.88
CA MET C 46 2.18 12.23 -25.58
C MET C 46 1.46 11.58 -26.79
N ALA C 47 0.24 12.05 -27.07
CA ALA C 47 -0.57 11.57 -28.22
C ALA C 47 0.10 11.91 -29.55
N ALA C 48 0.50 13.17 -29.70
CA ALA C 48 1.05 13.70 -30.96
C ALA C 48 2.39 12.99 -31.26
N ALA C 49 2.67 12.74 -32.53
CA ALA C 49 3.97 12.26 -33.02
C ALA C 49 4.47 13.15 -34.17
N GLY C 50 5.72 13.02 -34.56
CA GLY C 50 6.17 13.64 -35.82
C GLY C 50 5.98 15.13 -35.83
N THR C 51 5.40 15.63 -36.94
CA THR C 51 5.24 17.08 -37.09
C THR C 51 4.29 17.63 -36.03
N GLN C 52 3.28 16.87 -35.58
CA GLN C 52 2.38 17.36 -34.51
C GLN C 52 3.17 17.47 -33.20
N ALA C 53 4.06 16.52 -32.91
CA ALA C 53 4.93 16.63 -31.71
C ALA C 53 5.89 17.80 -31.82
N GLU C 54 6.44 18.07 -33.01
CA GLU C 54 7.39 19.19 -33.21
C GLU C 54 6.64 20.51 -32.92
N GLU C 55 5.41 20.57 -33.36
CA GLU C 55 4.56 21.78 -33.15
C GLU C 55 4.32 21.97 -31.66
N VAL C 56 4.02 20.90 -30.92
CA VAL C 56 3.84 21.07 -29.46
C VAL C 56 5.12 21.63 -28.85
N PHE C 57 6.24 21.01 -29.15
CA PHE C 57 7.55 21.43 -28.62
C PHE C 57 7.76 22.94 -28.85
N GLU C 58 7.64 23.35 -30.10
CA GLU C 58 7.81 24.77 -30.53
CA GLU C 58 7.88 24.77 -30.46
C GLU C 58 6.82 25.66 -29.81
N ASP C 59 5.57 25.27 -29.80
CA ASP C 59 4.48 26.11 -29.21
C ASP C 59 4.76 26.32 -27.72
N ILE C 60 5.12 25.25 -27.00
CA ILE C 60 5.27 25.34 -25.53
C ILE C 60 6.51 26.15 -25.24
N ILE C 61 7.65 25.88 -25.87
CA ILE C 61 8.89 26.59 -25.46
C ILE C 61 8.78 28.06 -25.88
N THR C 62 7.97 28.37 -26.90
CA THR C 62 7.74 29.79 -27.31
C THR C 62 6.78 30.46 -26.32
N GLN C 63 5.58 29.92 -26.14
CA GLN C 63 4.48 30.55 -25.36
C GLN C 63 4.91 30.65 -23.88
N TYR C 64 5.71 29.69 -23.39
CA TYR C 64 6.10 29.65 -21.97
C TYR C 64 7.61 29.86 -21.86
N ASN C 65 8.23 30.55 -22.81
CA ASN C 65 9.64 30.95 -22.73
C ASN C 65 9.97 31.57 -21.37
N GLY C 66 11.02 31.10 -20.72
CA GLY C 66 11.48 31.58 -19.40
C GLY C 66 10.70 31.02 -18.22
N LYS C 67 9.67 30.22 -18.45
CA LYS C 67 8.66 29.88 -17.43
C LYS C 67 8.47 28.37 -17.27
N TYR C 68 9.10 27.54 -18.11
CA TYR C 68 8.95 26.08 -17.97
C TYR C 68 10.18 25.51 -17.26
N ILE C 69 9.90 24.42 -16.59
CA ILE C 69 10.96 23.51 -16.08
C ILE C 69 11.30 22.55 -17.22
N LEU C 70 12.57 22.36 -17.46
CA LEU C 70 13.07 21.34 -18.40
C LEU C 70 13.54 20.13 -17.61
N ALA C 71 12.89 19.00 -17.81
CA ALA C 71 13.35 17.72 -17.28
C ALA C 71 14.13 17.02 -18.39
N VAL C 72 15.32 16.55 -18.07
CA VAL C 72 16.13 15.81 -19.06
C VAL C 72 16.42 14.42 -18.53
N GLU C 73 16.08 13.44 -19.38
N GLU C 73 16.04 13.41 -19.32
CA GLU C 73 16.41 12.00 -19.19
CA GLU C 73 16.51 12.03 -19.04
C GLU C 73 17.47 11.66 -20.22
C GLU C 73 17.44 11.64 -20.18
N GLY C 74 18.51 10.94 -19.86
CA GLY C 74 19.53 10.57 -20.83
C GLY C 74 20.49 11.69 -21.13
N ASN C 75 21.31 11.53 -22.14
CA ASN C 75 22.43 12.45 -22.40
C ASN C 75 22.69 12.55 -23.91
N PRO C 76 23.40 13.62 -24.30
CA PRO C 76 23.83 13.77 -25.69
C PRO C 76 25.15 13.09 -25.98
N PRO C 77 25.27 12.38 -27.13
CA PRO C 77 26.55 11.85 -27.57
C PRO C 77 27.28 12.86 -28.47
N LEU C 78 28.56 13.10 -28.20
CA LEU C 78 29.34 14.05 -29.06
C LEU C 78 29.93 13.32 -30.26
N GLY C 79 29.96 11.99 -30.30
CA GLY C 79 30.50 11.24 -31.43
C GLY C 79 29.63 11.37 -32.67
N GLU C 80 30.24 11.14 -33.84
CA GLU C 80 29.56 11.13 -35.16
C GLU C 80 28.71 12.39 -35.31
N GLN C 81 29.29 13.54 -34.96
CA GLN C 81 28.60 14.85 -35.07
C GLN C 81 27.26 14.85 -34.33
N GLY C 82 27.15 14.04 -33.27
CA GLY C 82 25.92 13.99 -32.47
C GLY C 82 24.89 13.04 -33.02
N MET C 83 25.11 12.37 -34.16
CA MET C 83 24.07 11.60 -34.84
C MET C 83 24.00 10.17 -34.32
N PHE C 84 24.69 9.87 -33.22
CA PHE C 84 24.34 8.71 -32.36
C PHE C 84 23.01 8.90 -31.69
N CYS C 85 22.41 10.06 -31.68
CA CYS C 85 21.06 10.29 -31.13
C CYS C 85 20.39 11.37 -31.95
N ILE C 86 19.44 10.97 -32.77
CA ILE C 86 18.87 11.86 -33.82
C ILE C 86 17.43 12.17 -33.44
N SER C 87 17.03 13.45 -33.52
CA SER C 87 15.60 13.79 -33.35
CA SER C 87 15.61 13.84 -33.32
C SER C 87 15.21 14.81 -34.43
N SER C 88 14.16 14.45 -35.12
CA SER C 88 13.65 15.26 -36.24
C SER C 88 14.81 15.48 -37.21
N GLY C 89 15.62 14.44 -37.46
CA GLY C 89 16.68 14.43 -38.50
C GLY C 89 17.92 15.19 -38.11
N ARG C 90 18.00 15.70 -36.89
CA ARG C 90 19.15 16.51 -36.45
C ARG C 90 19.72 15.93 -35.16
N PRO C 91 20.95 16.30 -34.78
CA PRO C 91 21.50 15.83 -33.52
C PRO C 91 20.55 16.21 -32.36
N PHE C 92 20.34 15.27 -31.43
CA PHE C 92 19.59 15.56 -30.17
C PHE C 92 20.13 16.80 -29.44
N ILE C 93 21.42 17.00 -29.48
CA ILE C 93 22.03 18.12 -28.72
C ILE C 93 21.36 19.43 -29.14
N GLU C 94 20.92 19.54 -30.39
CA GLU C 94 20.29 20.83 -30.81
C GLU C 94 18.97 21.00 -30.10
N LYS C 95 18.18 19.96 -29.92
CA LYS C 95 16.92 20.01 -29.18
C LYS C 95 17.20 20.33 -27.69
N LEU C 96 18.23 19.68 -27.10
CA LEU C 96 18.63 19.96 -25.70
C LEU C 96 18.98 21.44 -25.55
N LYS C 97 19.75 22.00 -26.47
CA LYS C 97 20.18 23.43 -26.34
C LYS C 97 18.95 24.32 -26.48
N ARG C 98 18.10 24.07 -27.47
CA ARG C 98 16.90 24.91 -27.68
C ARG C 98 16.02 24.85 -26.42
N ALA C 99 15.79 23.64 -25.87
CA ALA C 99 14.91 23.49 -24.71
C ALA C 99 15.57 24.18 -23.49
N ALA C 100 16.86 24.01 -23.33
CA ALA C 100 17.56 24.56 -22.17
C ALA C 100 17.50 26.10 -22.22
N ALA C 101 17.61 26.69 -23.40
CA ALA C 101 17.68 28.17 -23.51
C ALA C 101 16.44 28.80 -22.91
N GLY C 102 15.24 28.25 -23.08
CA GLY C 102 13.98 28.83 -22.56
C GLY C 102 13.63 28.42 -21.14
N ALA C 103 14.37 27.49 -20.53
CA ALA C 103 13.95 26.90 -19.24
C ALA C 103 14.25 27.85 -18.09
N SER C 104 13.37 27.86 -17.10
CA SER C 104 13.71 28.53 -15.81
C SER C 104 14.74 27.71 -15.04
N ALA C 105 14.62 26.37 -15.10
CA ALA C 105 15.53 25.49 -14.36
C ALA C 105 15.47 24.14 -15.04
N ILE C 106 16.50 23.36 -14.81
CA ILE C 106 16.69 22.04 -15.46
C ILE C 106 16.82 20.99 -14.36
N ILE C 107 16.02 19.93 -14.46
CA ILE C 107 16.16 18.73 -13.61
C ILE C 107 16.87 17.71 -14.49
N ALA C 108 18.03 17.24 -14.06
CA ALA C 108 18.76 16.12 -14.69
C ALA C 108 18.32 14.84 -13.98
N TRP C 109 17.35 14.15 -14.54
CA TRP C 109 16.89 12.89 -13.93
C TRP C 109 17.93 11.80 -14.20
N GLY C 110 18.32 11.07 -13.16
CA GLY C 110 19.11 9.85 -13.32
C GLY C 110 20.55 10.07 -13.52
N THR C 111 21.31 9.01 -13.32
CA THR C 111 22.76 9.04 -13.58
C THR C 111 23.07 9.37 -15.05
N CYS C 112 22.27 9.00 -16.04
CA CYS C 112 22.61 9.37 -17.43
C CYS C 112 22.74 10.90 -17.53
N ALA C 113 21.70 11.62 -17.14
CA ALA C 113 21.67 13.08 -17.36
C ALA C 113 22.69 13.72 -16.43
N SER C 114 22.88 13.17 -15.23
CA SER C 114 23.73 13.79 -14.21
C SER C 114 25.21 13.61 -14.52
N TRP C 115 25.60 12.39 -14.95
CA TRP C 115 27.02 11.98 -15.00
C TRP C 115 27.38 11.24 -16.29
N GLY C 116 26.51 10.40 -16.86
CA GLY C 116 26.87 9.63 -18.04
C GLY C 116 26.21 8.26 -18.07
N CYS C 117 26.28 7.57 -16.94
CA CYS C 117 25.73 6.20 -16.72
C CYS C 117 26.29 5.25 -17.79
N VAL C 118 25.55 4.20 -18.14
CA VAL C 118 26.15 2.98 -18.73
C VAL C 118 26.81 3.31 -20.07
N GLN C 119 26.21 4.16 -20.90
CA GLN C 119 26.78 4.48 -22.24
C GLN C 119 28.11 5.24 -22.09
N ALA C 120 28.37 5.89 -20.96
CA ALA C 120 29.63 6.61 -20.77
C ALA C 120 30.69 5.70 -20.12
N ALA C 121 30.34 4.49 -19.72
CA ALA C 121 31.32 3.52 -19.19
C ALA C 121 32.32 3.17 -20.30
N ARG C 122 33.52 2.81 -19.88
CA ARG C 122 34.64 2.54 -20.83
C ARG C 122 34.20 1.55 -21.88
N PRO C 123 34.48 1.79 -23.18
CA PRO C 123 35.27 2.92 -23.67
C PRO C 123 34.46 4.11 -24.18
N ASN C 124 33.22 4.25 -23.74
CA ASN C 124 32.32 5.36 -24.13
C ASN C 124 32.33 5.50 -25.66
N PRO C 125 31.79 4.50 -26.39
CA PRO C 125 31.84 4.55 -27.85
C PRO C 125 31.20 5.79 -28.48
N THR C 126 30.19 6.38 -27.89
CA THR C 126 29.41 7.51 -28.49
C THR C 126 29.89 8.86 -27.98
N GLN C 127 30.81 8.89 -27.02
CA GLN C 127 31.23 10.12 -26.31
C GLN C 127 29.99 10.73 -25.69
N ALA C 128 29.21 9.92 -24.98
CA ALA C 128 28.05 10.36 -24.18
C ALA C 128 28.54 11.25 -23.04
N THR C 129 27.87 12.38 -22.86
CA THR C 129 28.36 13.53 -22.08
C THR C 129 27.23 14.01 -21.20
N PRO C 130 27.40 14.19 -19.87
CA PRO C 130 26.30 14.66 -19.03
C PRO C 130 25.85 16.10 -19.38
N ILE C 131 24.62 16.45 -19.01
CA ILE C 131 23.96 17.71 -19.45
C ILE C 131 24.82 18.90 -18.98
N ASP C 132 25.36 18.87 -17.77
CA ASP C 132 26.07 20.08 -17.24
C ASP C 132 27.41 20.32 -17.92
N LYS C 133 27.94 19.46 -18.78
CA LYS C 133 29.13 19.74 -19.63
C LYS C 133 28.70 20.37 -20.95
N VAL C 134 27.41 20.38 -21.28
CA VAL C 134 26.89 21.02 -22.51
C VAL C 134 26.15 22.30 -22.18
N ILE C 135 25.29 22.29 -21.16
CA ILE C 135 24.50 23.44 -20.69
C ILE C 135 25.21 24.02 -19.50
N THR C 136 25.81 25.21 -19.67
CA THR C 136 26.70 25.84 -18.65
C THR C 136 26.08 27.13 -18.12
N ASP C 137 24.89 27.53 -18.56
CA ASP C 137 24.29 28.81 -18.12
C ASP C 137 22.89 28.67 -17.49
N LYS C 138 22.56 27.52 -16.88
CA LYS C 138 21.21 27.32 -16.31
C LYS C 138 21.37 26.54 -15.01
N PRO C 139 20.47 26.76 -14.01
CA PRO C 139 20.50 25.95 -12.81
C PRO C 139 20.19 24.51 -13.24
N ILE C 140 21.03 23.55 -12.78
CA ILE C 140 20.79 22.09 -13.01
C ILE C 140 20.73 21.39 -11.68
N ILE C 141 19.61 20.78 -11.43
CA ILE C 141 19.43 19.94 -10.22
C ILE C 141 19.72 18.51 -10.66
N LYS C 142 20.73 17.86 -10.11
CA LYS C 142 21.05 16.45 -10.43
C LYS C 142 20.25 15.55 -9.52
N VAL C 143 19.55 14.59 -10.10
CA VAL C 143 18.78 13.61 -9.28
C VAL C 143 19.27 12.24 -9.69
N PRO C 144 20.44 11.81 -9.18
CA PRO C 144 21.11 10.65 -9.74
C PRO C 144 20.55 9.35 -9.16
N GLY C 145 21.03 8.24 -9.71
CA GLY C 145 20.42 6.92 -9.51
C GLY C 145 20.05 6.34 -10.85
N CYS C 146 19.99 5.02 -10.91
CA CYS C 146 19.74 4.30 -12.17
C CYS C 146 18.64 3.31 -11.92
N PRO C 147 17.39 3.74 -11.83
CA PRO C 147 16.98 5.15 -11.82
C PRO C 147 16.89 5.67 -10.40
N PRO C 148 16.60 6.96 -10.20
CA PRO C 148 16.30 7.48 -8.87
C PRO C 148 15.02 6.82 -8.33
N ILE C 149 14.83 6.89 -7.02
CA ILE C 149 13.66 6.28 -6.33
C ILE C 149 12.38 6.98 -6.77
N PRO C 150 11.29 6.24 -7.10
CA PRO C 150 10.07 6.87 -7.58
C PRO C 150 9.57 7.98 -6.66
N ASP C 151 9.49 7.72 -5.36
CA ASP C 151 8.87 8.69 -4.41
C ASP C 151 9.86 9.81 -4.12
N VAL C 152 11.14 9.63 -4.40
CA VAL C 152 12.09 10.77 -4.37
C VAL C 152 11.74 11.67 -5.55
N MET C 153 11.60 11.12 -6.75
CA MET C 153 11.30 11.97 -7.91
C MET C 153 10.04 12.77 -7.60
N SER C 154 8.96 12.11 -7.15
CA SER C 154 7.71 12.84 -6.93
C SER C 154 7.83 13.81 -5.75
N ALA C 155 8.59 13.49 -4.72
CA ALA C 155 8.77 14.43 -3.60
C ALA C 155 9.55 15.66 -4.07
N ILE C 156 10.56 15.52 -4.90
CA ILE C 156 11.25 16.70 -5.44
C ILE C 156 10.25 17.57 -6.19
N ILE C 157 9.41 16.99 -7.04
CA ILE C 157 8.39 17.75 -7.81
C ILE C 157 7.42 18.42 -6.84
N THR C 158 6.90 17.71 -5.84
CA THR C 158 5.95 18.34 -4.90
C THR C 158 6.64 19.46 -4.12
N TYR C 159 7.89 19.31 -3.82
CA TYR C 159 8.63 20.37 -3.08
C TYR C 159 8.62 21.62 -3.94
N MET C 160 8.99 21.49 -5.18
CA MET C 160 9.10 22.65 -6.09
C MET C 160 7.75 23.29 -6.25
N VAL C 161 6.67 22.54 -6.38
CA VAL C 161 5.33 23.14 -6.55
C VAL C 161 4.85 23.77 -5.25
N THR C 162 4.94 23.07 -4.15
CA THR C 162 4.44 23.53 -2.84
C THR C 162 5.22 24.75 -2.39
N PHE C 163 6.54 24.72 -2.41
CA PHE C 163 7.40 25.73 -1.77
C PHE C 163 7.82 26.79 -2.80
N ASP C 164 7.53 26.58 -4.07
CA ASP C 164 7.83 27.54 -5.17
C ASP C 164 9.31 27.89 -5.14
N ARG C 165 10.19 26.89 -5.00
CA ARG C 165 11.63 27.08 -5.12
C ARG C 165 12.32 25.75 -5.38
N LEU C 166 13.54 25.82 -5.84
CA LEU C 166 14.36 24.62 -6.09
C LEU C 166 14.79 24.07 -4.73
N PRO C 167 14.96 22.75 -4.62
CA PRO C 167 15.54 22.16 -3.42
C PRO C 167 16.95 22.68 -3.24
N ASP C 168 17.36 22.87 -1.99
CA ASP C 168 18.78 23.14 -1.70
C ASP C 168 19.62 21.94 -2.08
N VAL C 169 20.81 22.20 -2.60
CA VAL C 169 21.70 21.16 -3.19
C VAL C 169 23.06 21.16 -2.51
N ASP C 170 23.74 20.04 -2.63
CA ASP C 170 25.12 19.86 -2.23
C ASP C 170 26.00 20.48 -3.32
N ARG C 171 27.32 20.33 -3.17
CA ARG C 171 28.30 20.96 -4.09
C ARG C 171 28.24 20.29 -5.47
N MET C 172 27.56 19.14 -5.59
CA MET C 172 27.42 18.46 -6.91
CA MET C 172 27.43 18.42 -6.89
C MET C 172 26.05 18.72 -7.54
N GLY C 173 25.20 19.52 -6.90
CA GLY C 173 23.89 19.85 -7.44
C GLY C 173 22.82 18.81 -7.06
N ARG C 174 23.08 17.92 -6.11
CA ARG C 174 22.07 16.94 -5.71
C ARG C 174 21.25 17.48 -4.57
N PRO C 175 19.92 17.28 -4.57
CA PRO C 175 19.10 17.71 -3.44
C PRO C 175 19.53 17.14 -2.10
N LEU C 176 19.87 18.01 -1.16
CA LEU C 176 20.32 17.62 0.18
C LEU C 176 19.28 16.73 0.86
N MET C 177 18.00 16.97 0.63
CA MET C 177 16.95 16.20 1.33
C MET C 177 17.17 14.70 1.12
N PHE C 178 17.46 14.23 -0.09
CA PHE C 178 17.56 12.78 -0.31
C PHE C 178 18.99 12.32 -0.59
N TYR C 179 19.96 13.20 -0.83
CA TYR C 179 21.34 12.81 -1.20
C TYR C 179 22.37 13.33 -0.18
N GLY C 180 21.90 13.82 0.95
CA GLY C 180 22.82 14.38 1.95
C GLY C 180 23.57 13.31 2.71
N GLN C 181 23.04 12.10 2.80
CA GLN C 181 23.70 11.01 3.59
C GLN C 181 23.99 9.75 2.74
N ARG C 182 24.99 8.98 3.15
CA ARG C 182 25.35 7.76 2.42
C ARG C 182 24.37 6.63 2.75
N ILE C 183 24.22 5.72 1.81
CA ILE C 183 23.45 4.46 2.00
C ILE C 183 23.92 3.79 3.29
N HIS C 184 25.22 3.67 3.48
CA HIS C 184 25.83 2.91 4.59
C HIS C 184 25.55 3.62 5.93
N ASP C 185 25.22 4.92 5.91
CA ASP C 185 25.00 5.67 7.17
C ASP C 185 23.56 5.53 7.63
N LYS C 186 22.72 4.84 6.87
CA LYS C 186 21.31 4.57 7.26
C LYS C 186 20.97 3.12 6.87
N CYS C 187 21.96 2.25 6.84
CA CYS C 187 21.73 0.84 6.44
C CYS C 187 21.35 -0.02 7.65
N TYR C 188 20.24 -0.74 7.55
CA TYR C 188 19.80 -1.65 8.63
C TYR C 188 20.73 -2.84 8.81
N ARG C 189 21.73 -3.08 7.98
CA ARG C 189 22.68 -4.17 8.21
C ARG C 189 23.97 -3.62 8.84
N ARG C 190 24.00 -2.36 9.19
CA ARG C 190 25.23 -1.76 9.75
C ARG C 190 25.66 -2.49 11.02
N ALA C 191 24.76 -2.96 11.85
CA ALA C 191 25.18 -3.71 13.07
C ALA C 191 26.11 -4.83 12.68
N HIS C 192 25.79 -5.52 11.59
CA HIS C 192 26.57 -6.70 11.15
C HIS C 192 27.92 -6.21 10.63
N PHE C 193 27.96 -5.14 9.86
CA PHE C 193 29.26 -4.55 9.44
C PHE C 193 30.12 -4.32 10.69
N ASP C 194 29.53 -3.68 11.72
CA ASP C 194 30.34 -3.21 12.86
C ASP C 194 30.85 -4.45 13.62
N ALA C 195 30.11 -5.56 13.60
CA ALA C 195 30.43 -6.82 14.30
C ALA C 195 31.34 -7.72 13.46
N GLY C 196 31.61 -7.38 12.21
CA GLY C 196 32.41 -8.26 11.35
C GLY C 196 31.61 -9.47 10.88
N GLU C 197 30.28 -9.31 10.75
CA GLU C 197 29.30 -10.35 10.37
C GLU C 197 28.92 -10.17 8.91
N PHE C 198 29.54 -10.99 8.06
CA PHE C 198 29.50 -10.77 6.61
C PHE C 198 29.05 -12.00 5.88
N VAL C 199 28.27 -11.81 4.83
CA VAL C 199 28.07 -12.84 3.78
C VAL C 199 29.40 -13.07 3.10
N GLN C 200 29.76 -14.35 2.93
CA GLN C 200 31.05 -14.66 2.23
C GLN C 200 30.80 -15.36 0.90
N SER C 201 29.71 -16.07 0.74
CA SER C 201 29.28 -16.63 -0.54
C SER C 201 27.75 -16.60 -0.55
N TRP C 202 27.19 -16.51 -1.73
CA TRP C 202 25.73 -16.36 -1.86
C TRP C 202 25.05 -17.53 -1.18
N ASP C 203 23.99 -17.20 -0.48
CA ASP C 203 23.08 -18.17 0.15
C ASP C 203 23.81 -18.96 1.24
N ASP C 204 24.88 -18.41 1.81
CA ASP C 204 25.48 -19.02 3.02
C ASP C 204 24.58 -18.72 4.22
N ASP C 205 24.96 -19.24 5.39
CA ASP C 205 24.09 -19.02 6.57
C ASP C 205 24.06 -17.53 6.89
N ALA C 206 25.13 -16.77 6.73
CA ALA C 206 25.15 -15.31 6.94
C ALA C 206 24.11 -14.65 6.05
N ALA C 207 24.06 -15.04 4.78
CA ALA C 207 23.09 -14.46 3.82
C ALA C 207 21.66 -14.70 4.31
N ARG C 208 21.40 -15.87 4.83
CA ARG C 208 20.06 -16.27 5.29
C ARG C 208 19.69 -15.56 6.59
N LYS C 209 20.62 -14.87 7.26
CA LYS C 209 20.37 -14.09 8.48
C LYS C 209 20.41 -12.59 8.19
N GLY C 210 20.60 -12.21 6.94
CA GLY C 210 20.70 -10.79 6.53
C GLY C 210 21.97 -10.09 6.98
N TYR C 211 23.12 -10.78 6.98
CA TYR C 211 24.39 -10.16 7.36
C TYR C 211 24.84 -9.17 6.28
N CYS C 212 25.81 -8.34 6.62
CA CYS C 212 26.35 -7.28 5.77
C CYS C 212 26.98 -7.84 4.49
N LEU C 213 26.78 -7.08 3.41
CA LEU C 213 27.18 -7.43 2.03
C LEU C 213 28.50 -6.78 1.60
N TYR C 214 29.24 -6.21 2.54
CA TYR C 214 30.54 -5.55 2.25
C TYR C 214 31.47 -6.50 1.50
N LYS C 215 31.67 -7.74 1.94
CA LYS C 215 32.64 -8.64 1.29
C LYS C 215 32.09 -9.16 -0.02
N MET C 216 30.80 -8.97 -0.32
CA MET C 216 30.21 -9.30 -1.63
C MET C 216 30.21 -8.06 -2.55
N GLY C 217 30.90 -6.99 -2.18
CA GLY C 217 31.11 -5.82 -3.08
C GLY C 217 30.18 -4.66 -2.85
N CYS C 218 29.42 -4.65 -1.76
CA CYS C 218 28.49 -3.52 -1.52
C CYS C 218 29.21 -2.18 -1.58
N LYS C 219 28.71 -1.25 -2.40
CA LYS C 219 29.28 0.09 -2.51
C LYS C 219 28.52 1.12 -1.69
N GLY C 220 27.66 0.68 -0.78
CA GLY C 220 26.95 1.58 0.11
C GLY C 220 27.84 2.57 0.83
N PRO C 221 29.05 2.16 1.30
CA PRO C 221 29.89 3.13 2.01
C PRO C 221 30.31 4.37 1.23
N THR C 222 30.25 4.37 -0.09
CA THR C 222 30.67 5.54 -0.89
C THR C 222 29.52 6.10 -1.71
N THR C 223 28.26 5.72 -1.41
CA THR C 223 27.12 6.08 -2.29
C THR C 223 26.12 6.93 -1.51
N TYR C 224 25.77 8.09 -2.05
CA TYR C 224 24.75 8.98 -1.48
C TYR C 224 23.42 8.83 -2.20
N ASN C 225 22.39 8.46 -1.43
CA ASN C 225 21.03 8.23 -1.94
C ASN C 225 20.14 7.96 -0.74
N ALA C 226 18.87 7.68 -0.99
CA ALA C 226 17.88 7.49 0.09
C ALA C 226 17.39 6.04 0.16
N CYS C 227 18.10 5.11 -0.46
CA CYS C 227 17.56 3.73 -0.66
C CYS C 227 17.43 3.01 0.66
N SER C 228 18.29 3.27 1.66
CA SER C 228 18.25 2.53 2.94
C SER C 228 17.27 3.14 3.93
N SER C 229 16.61 4.22 3.57
CA SER C 229 15.68 4.99 4.44
CA SER C 229 15.66 4.94 4.46
C SER C 229 14.29 5.08 3.79
N THR C 230 14.21 5.84 2.76
CA THR C 230 12.98 5.93 1.97
C THR C 230 12.66 4.58 1.31
N ARG C 231 13.69 3.87 0.85
CA ARG C 231 13.53 2.55 0.20
C ARG C 231 12.75 2.71 -1.13
N TRP C 232 12.46 1.58 -1.74
CA TRP C 232 11.95 1.47 -3.12
C TRP C 232 10.55 0.89 -3.17
N ASN C 233 9.78 1.37 -4.13
CA ASN C 233 8.48 0.80 -4.53
C ASN C 233 7.55 0.81 -3.31
N ASP C 234 7.27 2.00 -2.81
CA ASP C 234 6.40 2.23 -1.65
C ASP C 234 6.97 1.54 -0.42
N GLY C 235 8.28 1.71 -0.25
CA GLY C 235 8.92 1.20 0.96
C GLY C 235 9.11 -0.31 0.99
N VAL C 236 8.85 -1.03 -0.08
CA VAL C 236 8.87 -2.51 -0.03
C VAL C 236 10.28 -3.02 0.17
N SER C 237 11.28 -2.51 -0.52
CA SER C 237 12.62 -3.12 -0.40
C SER C 237 13.69 -2.12 -0.81
N PHE C 238 14.91 -2.58 -0.88
CA PHE C 238 15.99 -1.90 -1.59
C PHE C 238 17.03 -2.96 -1.89
N PRO C 239 18.05 -2.66 -2.73
CA PRO C 239 18.99 -3.70 -3.17
C PRO C 239 19.53 -4.58 -2.04
N ILE C 240 20.03 -3.93 -0.98
CA ILE C 240 20.67 -4.64 0.14
C ILE C 240 19.62 -5.47 0.86
N GLN C 241 18.41 -4.97 1.07
CA GLN C 241 17.39 -5.73 1.81
C GLN C 241 17.09 -7.03 1.11
N SER C 242 17.14 -7.06 -0.23
CA SER C 242 16.86 -8.25 -1.04
C SER C 242 18.15 -9.04 -1.34
N GLY C 243 19.26 -8.66 -0.70
CA GLY C 243 20.43 -9.56 -0.64
C GLY C 243 21.54 -9.19 -1.60
N HIS C 244 21.45 -8.15 -2.41
CA HIS C 244 22.56 -7.74 -3.32
C HIS C 244 23.20 -6.49 -2.76
N GLY C 245 24.53 -6.40 -2.78
CA GLY C 245 25.18 -5.16 -2.42
C GLY C 245 24.75 -4.02 -3.31
N CYS C 246 24.81 -2.81 -2.77
CA CYS C 246 24.70 -1.58 -3.59
C CYS C 246 25.75 -1.61 -4.70
N LEU C 247 25.35 -1.26 -5.91
CA LEU C 247 26.28 -1.15 -7.07
C LEU C 247 26.98 0.20 -7.06
N GLY C 248 26.44 1.16 -6.35
CA GLY C 248 26.91 2.53 -6.35
C GLY C 248 26.23 3.37 -7.41
N CYS C 249 25.02 3.05 -7.81
CA CYS C 249 24.43 3.53 -9.08
C CYS C 249 24.06 5.01 -9.05
N ALA C 250 24.09 5.67 -7.91
CA ALA C 250 23.85 7.12 -7.81
C ALA C 250 25.16 7.91 -7.96
N GLU C 251 26.32 7.26 -8.04
CA GLU C 251 27.62 7.98 -8.07
C GLU C 251 28.24 8.02 -9.46
N ASN C 252 28.79 9.19 -9.75
CA ASN C 252 29.55 9.43 -11.00
C ASN C 252 30.56 8.29 -11.20
N GLY C 253 30.60 7.67 -12.36
CA GLY C 253 31.64 6.71 -12.73
C GLY C 253 31.49 5.33 -12.09
N PHE C 254 30.29 4.98 -11.59
CA PHE C 254 30.16 3.76 -10.75
C PHE C 254 30.37 2.50 -11.59
N TRP C 255 30.23 2.53 -12.90
CA TRP C 255 30.41 1.34 -13.74
C TRP C 255 31.90 1.01 -13.83
N ASP C 256 32.78 1.99 -13.67
CA ASP C 256 34.24 1.79 -13.96
C ASP C 256 35.04 1.86 -12.65
N ARG C 257 34.41 1.59 -11.53
CA ARG C 257 35.13 1.46 -10.22
C ARG C 257 35.52 0.02 -9.91
N GLY C 258 35.70 -0.83 -10.89
CA GLY C 258 35.97 -2.25 -10.68
C GLY C 258 34.67 -3.03 -10.60
N SER C 259 34.85 -4.30 -10.42
CA SER C 259 33.73 -5.25 -10.39
C SER C 259 32.77 -4.83 -9.28
N PHE C 260 31.50 -5.12 -9.48
CA PHE C 260 30.48 -4.89 -8.45
C PHE C 260 30.75 -5.83 -7.29
N TYR C 261 31.51 -6.89 -7.48
CA TYR C 261 31.73 -7.93 -6.45
C TYR C 261 33.08 -7.73 -5.77
N SER C 262 33.82 -6.70 -6.15
CA SER C 262 35.10 -6.35 -5.49
C SER C 262 34.84 -5.35 -4.39
N ARG C 263 35.50 -5.51 -3.24
CA ARG C 263 35.22 -4.68 -2.03
C ARG C 263 35.55 -3.21 -2.22
N VAL C 264 34.76 -2.34 -1.54
CA VAL C 264 34.81 -0.85 -1.61
C VAL C 264 36.26 -0.44 -1.32
N SER D 1 13.46 7.48 -58.69
CA SER D 1 12.59 6.53 -57.94
C SER D 1 12.84 5.10 -58.44
N THR D 2 12.68 4.10 -57.57
CA THR D 2 12.83 2.69 -57.95
C THR D 2 11.62 1.88 -57.49
N GLN D 3 11.46 0.72 -58.08
CA GLN D 3 10.42 -0.25 -57.70
C GLN D 3 11.05 -1.63 -57.77
N TYR D 4 10.86 -2.46 -56.75
CA TYR D 4 11.23 -3.89 -56.79
C TYR D 4 10.21 -4.67 -55.99
N GLU D 5 10.20 -5.98 -56.19
CA GLU D 5 9.28 -6.93 -55.54
C GLU D 5 10.04 -7.71 -54.47
N THR D 6 9.44 -7.88 -53.29
CA THR D 6 9.98 -8.78 -52.26
C THR D 6 8.81 -9.25 -51.36
N GLN D 7 8.77 -10.53 -51.01
CA GLN D 7 7.83 -11.11 -50.02
C GLN D 7 6.38 -10.80 -50.40
N GLY D 8 6.08 -10.68 -51.70
CA GLY D 8 4.70 -10.41 -52.16
C GLY D 8 4.34 -8.94 -52.15
N TYR D 9 5.29 -8.04 -51.84
CA TYR D 9 5.08 -6.59 -51.84
C TYR D 9 5.76 -5.98 -53.06
N THR D 10 5.16 -4.87 -53.53
CA THR D 10 5.81 -3.97 -54.51
C THR D 10 6.32 -2.73 -53.76
N ILE D 11 7.63 -2.65 -53.60
CA ILE D 11 8.31 -1.55 -52.88
C ILE D 11 8.55 -0.45 -53.88
N ASN D 12 7.82 0.66 -53.75
CA ASN D 12 7.86 1.74 -54.76
C ASN D 12 8.07 3.07 -54.07
N ASN D 13 9.19 3.75 -54.29
CA ASN D 13 9.49 5.01 -53.55
C ASN D 13 9.24 6.24 -54.43
N ALA D 14 8.46 6.07 -55.49
CA ALA D 14 7.96 7.22 -56.24
C ALA D 14 6.89 7.89 -55.37
N GLY D 15 6.47 9.09 -55.72
CA GLY D 15 5.31 9.65 -55.03
C GLY D 15 5.73 10.33 -53.73
N ARG D 16 4.73 10.84 -53.08
CA ARG D 16 4.90 11.72 -51.92
C ARG D 16 5.57 10.98 -50.75
N ARG D 17 6.55 11.63 -50.16
CA ARG D 17 7.27 11.08 -48.98
C ARG D 17 6.68 11.72 -47.71
N LEU D 18 6.32 10.89 -46.72
CA LEU D 18 5.91 11.37 -45.38
C LEU D 18 6.98 10.96 -44.37
N VAL D 19 7.25 11.85 -43.45
CA VAL D 19 8.26 11.59 -42.37
C VAL D 19 7.58 11.69 -41.03
N VAL D 20 7.82 10.73 -40.14
CA VAL D 20 7.31 10.76 -38.74
C VAL D 20 8.58 10.60 -37.88
N ASP D 21 9.03 11.73 -37.35
CA ASP D 21 10.24 11.81 -36.52
C ASP D 21 10.09 13.01 -35.61
N PRO D 22 9.85 12.85 -34.30
CA PRO D 22 9.93 11.58 -33.61
C PRO D 22 8.70 10.70 -33.61
N ILE D 23 8.87 9.39 -33.60
CA ILE D 23 7.78 8.48 -33.16
C ILE D 23 7.65 8.55 -31.63
N THR D 24 6.49 8.91 -31.15
CA THR D 24 6.22 9.04 -29.70
C THR D 24 5.44 7.82 -29.22
N ARG D 25 5.21 7.76 -27.92
CA ARG D 25 4.55 6.62 -27.25
C ARG D 25 5.24 5.32 -27.66
N ILE D 26 6.54 5.38 -27.66
CA ILE D 26 7.49 4.24 -27.73
C ILE D 26 8.55 4.51 -26.69
N GLU D 27 9.39 3.50 -26.46
CA GLU D 27 10.66 3.71 -25.75
C GLU D 27 11.73 4.13 -26.75
N GLY D 28 12.49 5.17 -26.47
CA GLY D 28 13.65 5.53 -27.27
C GLY D 28 13.31 6.26 -28.54
N HIS D 29 14.20 6.16 -29.49
CA HIS D 29 14.27 7.05 -30.67
C HIS D 29 14.02 6.24 -31.92
N MET D 30 12.98 6.62 -32.64
CA MET D 30 12.65 6.02 -33.95
C MET D 30 12.25 7.13 -34.90
N ARG D 31 12.62 6.93 -36.18
CA ARG D 31 12.11 7.68 -37.34
C ARG D 31 11.46 6.70 -38.29
N CYS D 32 10.35 7.11 -38.86
CA CYS D 32 9.68 6.32 -39.90
C CYS D 32 9.47 7.22 -41.12
N GLU D 33 9.75 6.71 -42.30
CA GLU D 33 9.34 7.40 -43.53
C GLU D 33 8.54 6.44 -44.39
N VAL D 34 7.59 7.00 -45.16
CA VAL D 34 6.80 6.18 -46.09
C VAL D 34 6.68 6.96 -47.42
N ASN D 35 6.38 6.24 -48.47
CA ASN D 35 5.85 6.88 -49.72
C ASN D 35 4.40 6.43 -49.82
N ILE D 36 3.53 7.35 -50.27
CA ILE D 36 2.10 7.08 -50.53
C ILE D 36 1.82 7.45 -51.99
N ASN D 37 0.94 6.67 -52.56
CA ASN D 37 0.55 6.90 -53.97
C ASN D 37 -0.59 7.92 -53.98
N ASP D 38 -1.14 8.15 -55.19
CA ASP D 38 -2.31 9.04 -55.41
C ASP D 38 -3.54 8.63 -54.60
N GLN D 39 -3.64 7.37 -54.22
CA GLN D 39 -4.81 6.81 -53.51
C GLN D 39 -4.59 6.80 -51.97
N ASN D 40 -3.58 7.52 -51.51
CA ASN D 40 -3.19 7.64 -50.08
C ASN D 40 -2.85 6.25 -49.52
N VAL D 41 -2.30 5.36 -50.35
CA VAL D 41 -1.86 4.02 -49.90
C VAL D 41 -0.34 3.97 -49.84
N ILE D 42 0.16 3.44 -48.70
CA ILE D 42 1.62 3.30 -48.52
C ILE D 42 2.15 2.25 -49.52
N THR D 43 3.14 2.69 -50.27
CA THR D 43 3.87 1.87 -51.26
C THR D 43 5.32 1.62 -50.87
N ASN D 44 5.77 2.22 -49.78
CA ASN D 44 7.17 2.08 -49.32
C ASN D 44 7.16 2.45 -47.84
N ALA D 45 7.92 1.71 -47.04
CA ALA D 45 8.00 2.02 -45.60
C ALA D 45 9.44 1.80 -45.16
N VAL D 46 9.93 2.72 -44.34
CA VAL D 46 11.33 2.86 -43.91
C VAL D 46 11.36 2.93 -42.38
N SER D 47 11.99 1.94 -41.76
CA SER D 47 12.12 1.87 -40.29
C SER D 47 13.54 2.28 -39.91
N CYS D 48 13.68 3.30 -39.07
CA CYS D 48 15.03 3.82 -38.71
C CYS D 48 15.17 3.91 -37.19
N GLY D 49 16.13 3.20 -36.61
CA GLY D 49 16.48 3.43 -35.19
C GLY D 49 17.42 4.60 -35.10
N THR D 50 17.02 5.64 -34.37
CA THR D 50 17.76 6.93 -34.31
C THR D 50 18.55 7.07 -33.01
N MET D 51 19.04 5.97 -32.44
CA MET D 51 19.94 6.04 -31.27
C MET D 51 20.86 4.84 -31.26
N PHE D 52 21.98 4.98 -30.61
CA PHE D 52 22.94 3.88 -30.36
C PHE D 52 23.74 4.25 -29.11
N ARG D 53 24.07 3.23 -28.31
CA ARG D 53 24.91 3.39 -27.09
C ARG D 53 26.14 2.49 -27.10
N GLY D 54 26.05 1.26 -27.62
CA GLY D 54 27.20 0.36 -27.75
C GLY D 54 27.51 -0.49 -26.53
N LEU D 55 26.49 -1.07 -25.92
CA LEU D 55 26.72 -2.01 -24.80
C LEU D 55 27.61 -3.14 -25.21
N GLU D 56 27.52 -3.65 -26.43
CA GLU D 56 28.36 -4.82 -26.82
C GLU D 56 29.85 -4.44 -26.79
N ILE D 57 30.18 -3.18 -27.03
CA ILE D 57 31.58 -2.69 -26.97
C ILE D 57 31.97 -2.48 -25.52
N ILE D 58 31.07 -1.86 -24.77
CA ILE D 58 31.33 -1.56 -23.32
C ILE D 58 31.55 -2.85 -22.51
N LEU D 59 30.87 -3.94 -22.86
CA LEU D 59 31.00 -5.21 -22.09
C LEU D 59 32.33 -5.86 -22.34
N GLN D 60 33.09 -5.51 -23.40
CA GLN D 60 34.40 -6.17 -23.59
C GLN D 60 35.30 -5.92 -22.40
N GLY D 61 35.96 -6.99 -21.90
CA GLY D 61 36.93 -6.84 -20.82
C GLY D 61 36.29 -6.83 -19.43
N ARG D 62 34.98 -6.88 -19.36
CA ARG D 62 34.29 -6.91 -18.02
C ARG D 62 34.35 -8.32 -17.42
N ASP D 63 34.12 -8.38 -16.12
CA ASP D 63 33.94 -9.68 -15.44
C ASP D 63 32.58 -10.22 -15.83
N PRO D 64 32.48 -11.47 -16.29
CA PRO D 64 31.18 -12.03 -16.67
C PRO D 64 30.11 -11.95 -15.59
N ARG D 65 30.52 -11.95 -14.32
CA ARG D 65 29.55 -11.85 -13.22
C ARG D 65 28.89 -10.49 -13.17
N ASP D 66 29.52 -9.47 -13.69
CA ASP D 66 28.98 -8.11 -13.72
C ASP D 66 28.09 -7.89 -14.92
N ALA D 67 28.14 -8.75 -15.92
CA ALA D 67 27.54 -8.38 -17.21
C ALA D 67 26.04 -8.07 -17.11
N TRP D 68 25.34 -8.83 -16.27
CA TRP D 68 23.87 -8.65 -16.18
C TRP D 68 23.54 -7.22 -15.82
N ALA D 69 24.34 -6.58 -14.96
CA ALA D 69 23.99 -5.25 -14.47
C ALA D 69 24.15 -4.19 -15.54
N PHE D 70 25.17 -4.35 -16.38
CA PHE D 70 25.37 -3.47 -17.56
C PHE D 70 24.23 -3.66 -18.55
N VAL D 71 24.00 -4.90 -18.95
CA VAL D 71 23.03 -5.11 -20.05
C VAL D 71 21.60 -4.91 -19.57
N GLU D 72 21.32 -5.00 -18.26
CA GLU D 72 19.97 -4.63 -17.77
C GLU D 72 19.60 -3.23 -18.26
N ARG D 73 20.60 -2.36 -18.28
CA ARG D 73 20.42 -0.93 -18.69
C ARG D 73 20.29 -0.80 -20.21
N ILE D 74 20.23 -1.86 -20.95
CA ILE D 74 19.77 -1.73 -22.36
C ILE D 74 18.38 -1.11 -22.31
N CYS D 75 17.55 -1.48 -21.34
CA CYS D 75 16.17 -1.00 -21.35
C CYS D 75 15.55 -0.97 -19.95
N GLY D 76 14.87 0.14 -19.69
CA GLY D 76 14.17 0.29 -18.41
C GLY D 76 12.71 -0.05 -18.54
N VAL D 77 12.20 -0.27 -19.73
CA VAL D 77 10.79 -0.66 -19.98
C VAL D 77 10.68 -2.18 -19.82
N THR D 79 12.55 -3.94 -18.22
CA THR D 79 13.58 -4.05 -17.22
C THR D 79 13.64 -5.44 -16.56
N GLY D 80 14.82 -6.01 -16.56
CA GLY D 80 15.06 -7.34 -16.00
C GLY D 80 15.36 -8.35 -17.09
N VAL D 81 14.73 -8.25 -18.25
CA VAL D 81 14.81 -9.36 -19.21
C VAL D 81 16.25 -9.50 -19.72
N HIS D 82 17.00 -8.40 -19.87
CA HIS D 82 18.40 -8.53 -20.33
C HIS D 82 19.28 -9.11 -19.23
N ALA D 83 18.93 -8.83 -17.97
CA ALA D 83 19.68 -9.43 -16.83
C ALA D 83 19.44 -10.93 -16.86
N LEU D 84 18.22 -11.36 -17.10
CA LEU D 84 17.88 -12.81 -17.14
C LEU D 84 18.67 -13.46 -18.29
N ALA D 85 18.63 -12.86 -19.47
CA ALA D 85 19.33 -13.44 -20.64
C ALA D 85 20.81 -13.49 -20.34
N SER D 86 21.34 -12.50 -19.65
CA SER D 86 22.77 -12.44 -19.32
C SER D 86 23.16 -13.57 -18.37
N VAL D 87 22.47 -13.70 -17.26
CA VAL D 87 22.87 -14.77 -16.31
C VAL D 87 22.68 -16.12 -17.02
N TYR D 88 21.64 -16.30 -17.81
CA TYR D 88 21.53 -17.54 -18.59
C TYR D 88 22.76 -17.74 -19.47
N ALA D 89 23.24 -16.71 -20.16
CA ALA D 89 24.35 -16.84 -21.12
C ALA D 89 25.63 -17.20 -20.39
N ILE D 90 25.92 -16.53 -19.29
CA ILE D 90 27.15 -16.76 -18.55
C ILE D 90 27.10 -18.14 -17.93
N GLU D 91 25.98 -18.52 -17.36
CA GLU D 91 25.80 -19.90 -16.82
C GLU D 91 25.98 -20.95 -17.91
N ASP D 92 25.49 -20.69 -19.11
CA ASP D 92 25.63 -21.62 -20.25
C ASP D 92 27.11 -21.73 -20.63
N ALA D 93 27.84 -20.65 -20.62
CA ALA D 93 29.26 -20.62 -21.01
C ALA D 93 30.08 -21.39 -20.02
N ILE D 94 29.91 -21.12 -18.73
CA ILE D 94 30.76 -21.65 -17.63
C ILE D 94 30.35 -23.06 -17.24
N GLY D 95 29.09 -23.43 -17.42
CA GLY D 95 28.57 -24.73 -16.99
C GLY D 95 28.04 -24.65 -15.57
N ILE D 96 27.16 -23.70 -15.31
CA ILE D 96 26.56 -23.52 -13.98
C ILE D 96 25.11 -23.94 -14.06
N LYS D 97 24.68 -24.71 -13.05
CA LYS D 97 23.27 -25.09 -12.89
C LYS D 97 22.75 -24.43 -11.61
N VAL D 98 21.63 -23.74 -11.71
CA VAL D 98 21.09 -23.02 -10.52
C VAL D 98 20.13 -23.90 -9.78
N PRO D 99 19.93 -23.64 -8.47
CA PRO D 99 18.93 -24.39 -7.72
C PRO D 99 17.51 -24.11 -8.22
N ASP D 100 16.61 -25.05 -8.01
CA ASP D 100 15.21 -24.92 -8.48
C ASP D 100 14.60 -23.59 -8.03
N ASN D 101 14.74 -23.23 -6.76
CA ASN D 101 14.03 -22.00 -6.31
C ASN D 101 14.56 -20.80 -7.08
N ALA D 102 15.83 -20.77 -7.46
CA ALA D 102 16.33 -19.61 -8.24
C ALA D 102 15.63 -19.58 -9.59
N ASN D 103 15.48 -20.74 -10.23
CA ASN D 103 14.81 -20.80 -11.53
C ASN D 103 13.36 -20.35 -11.39
N ILE D 104 12.68 -20.81 -10.33
CA ILE D 104 11.25 -20.46 -10.11
C ILE D 104 11.18 -18.93 -9.93
N ILE D 105 12.05 -18.38 -9.11
CA ILE D 105 12.00 -16.93 -8.84
C ILE D 105 12.32 -16.15 -10.13
N ARG D 106 13.25 -16.63 -10.98
CA ARG D 106 13.53 -15.96 -12.26
C ARG D 106 12.29 -16.03 -13.15
N ASN D 107 11.60 -17.17 -13.17
CA ASN D 107 10.34 -17.27 -13.91
C ASN D 107 9.28 -16.29 -13.36
N ILE D 108 9.19 -16.15 -12.04
CA ILE D 108 8.34 -15.09 -11.44
C ILE D 108 8.76 -13.68 -11.90
N MET D 109 10.03 -13.38 -11.90
CA MET D 109 10.50 -12.06 -12.36
C MET D 109 10.04 -11.83 -13.81
N LEU D 110 10.19 -12.82 -14.66
CA LEU D 110 9.83 -12.68 -16.08
C LEU D 110 8.32 -12.54 -16.27
N ALA D 111 7.54 -13.34 -15.57
CA ALA D 111 6.07 -13.28 -15.65
C ALA D 111 5.58 -11.92 -15.14
N THR D 112 6.19 -11.43 -14.06
CA THR D 112 5.86 -10.11 -13.51
C THR D 112 6.08 -9.03 -14.57
N LEU D 113 7.22 -9.08 -15.23
CA LEU D 113 7.56 -8.11 -16.28
C LEU D 113 6.59 -8.24 -17.47
N TRP D 114 6.21 -9.43 -17.87
CA TRP D 114 5.18 -9.58 -18.94
C TRP D 114 3.91 -8.84 -18.54
N CYS D 115 3.41 -9.10 -17.32
CA CYS D 115 2.15 -8.47 -16.87
C CYS D 115 2.31 -6.95 -16.93
N HIS D 116 3.37 -6.44 -16.30
CA HIS D 116 3.57 -4.99 -16.18
C HIS D 116 3.71 -4.38 -17.57
N ASP D 117 4.65 -4.86 -18.36
CA ASP D 117 4.96 -4.27 -19.68
C ASP D 117 3.70 -4.31 -20.54
N HIS D 118 3.05 -5.45 -20.61
CA HIS D 118 1.89 -5.57 -21.50
C HIS D 118 0.78 -4.60 -21.05
N LEU D 119 0.55 -4.46 -19.74
CA LEU D 119 -0.54 -3.59 -19.26
C LEU D 119 -0.21 -2.14 -19.59
N VAL D 120 0.98 -1.66 -19.26
CA VAL D 120 1.34 -0.25 -19.52
C VAL D 120 1.32 0.00 -21.03
N HIS D 121 1.78 -0.95 -21.83
CA HIS D 121 1.75 -0.70 -23.28
C HIS D 121 0.31 -0.48 -23.72
N PHE D 122 -0.56 -1.36 -23.30
CA PHE D 122 -1.96 -1.36 -23.74
C PHE D 122 -2.60 0.00 -23.49
N TYR D 123 -2.46 0.53 -22.29
CA TYR D 123 -3.11 1.80 -21.90
C TYR D 123 -2.22 2.98 -22.29
N GLN D 124 -1.03 3.09 -21.72
CA GLN D 124 -0.26 4.35 -21.81
C GLN D 124 0.40 4.54 -23.17
N LEU D 125 0.76 3.46 -23.87
CA LEU D 125 1.48 3.59 -25.13
C LEU D 125 0.56 3.45 -26.32
N ALA D 126 -0.18 2.38 -26.46
CA ALA D 126 -1.04 2.18 -27.66
C ALA D 126 -2.44 2.76 -27.47
N GLY D 127 -2.93 2.92 -26.25
CA GLY D 127 -4.37 3.15 -25.98
C GLY D 127 -4.90 4.32 -26.73
N MET D 128 -4.18 5.42 -26.74
CA MET D 128 -4.69 6.68 -27.36
C MET D 128 -4.74 6.57 -28.89
N ASP D 129 -4.27 5.50 -29.50
CA ASP D 129 -4.48 5.29 -30.94
C ASP D 129 -5.91 4.82 -31.20
N TRP D 130 -6.59 4.35 -30.19
CA TRP D 130 -7.86 3.59 -30.30
C TRP D 130 -8.95 4.34 -29.58
N ILE D 131 -8.61 4.95 -28.45
CA ILE D 131 -9.51 5.73 -27.57
C ILE D 131 -9.36 7.20 -27.93
N ASP D 132 -10.47 7.87 -28.29
CA ASP D 132 -10.48 9.31 -28.51
C ASP D 132 -10.79 9.98 -27.18
N VAL D 133 -9.75 10.43 -26.52
CA VAL D 133 -9.82 10.95 -25.14
C VAL D 133 -10.76 12.16 -25.12
N LEU D 134 -10.69 13.05 -26.10
CA LEU D 134 -11.51 14.26 -26.00
C LEU D 134 -12.97 13.88 -26.27
N ASP D 135 -13.23 12.83 -27.06
CA ASP D 135 -14.61 12.37 -27.29
C ASP D 135 -15.25 11.84 -26.01
N ALA D 136 -14.44 11.43 -25.03
CA ALA D 136 -14.96 10.96 -23.71
C ALA D 136 -15.76 12.06 -23.00
N LEU D 137 -15.47 13.33 -23.27
CA LEU D 137 -16.22 14.47 -22.68
C LEU D 137 -17.67 14.48 -23.16
N LYS D 138 -18.01 13.79 -24.26
CA LYS D 138 -19.41 13.82 -24.79
C LYS D 138 -20.21 12.65 -24.25
N ALA D 139 -19.60 11.74 -23.48
CA ALA D 139 -20.30 10.52 -23.09
C ALA D 139 -21.35 10.82 -22.03
N ASP D 140 -22.31 9.93 -21.99
CA ASP D 140 -23.32 9.91 -20.92
C ASP D 140 -22.75 8.99 -19.84
N PRO D 141 -22.57 9.49 -18.58
CA PRO D 141 -22.03 8.59 -17.52
C PRO D 141 -22.87 7.33 -17.24
N ARG D 142 -24.21 7.40 -17.31
CA ARG D 142 -25.06 6.22 -17.07
C ARG D 142 -24.86 5.23 -18.21
N LYS D 143 -24.79 5.69 -19.46
CA LYS D 143 -24.58 4.76 -20.59
C LYS D 143 -23.17 4.15 -20.54
N THR D 144 -22.25 4.87 -19.95
CA THR D 144 -20.86 4.35 -19.76
C THR D 144 -20.86 3.27 -18.71
N SER D 145 -21.55 3.49 -17.58
CA SER D 145 -21.79 2.46 -16.54
C SER D 145 -22.42 1.23 -17.16
N GLU D 146 -23.51 1.42 -17.93
CA GLU D 146 -24.22 0.28 -18.53
C GLU D 146 -23.29 -0.50 -19.45
N LEU D 147 -22.51 0.20 -20.26
CA LEU D 147 -21.57 -0.49 -21.17
C LEU D 147 -20.55 -1.31 -20.36
N ALA D 148 -19.93 -0.63 -19.40
CA ALA D 148 -18.85 -1.31 -18.63
C ALA D 148 -19.41 -2.53 -17.92
N GLN D 149 -20.62 -2.41 -17.36
CA GLN D 149 -21.22 -3.54 -16.62
C GLN D 149 -21.68 -4.66 -17.56
N SER D 150 -21.99 -4.33 -18.81
CA SER D 150 -22.29 -5.39 -19.82
C SER D 150 -21.05 -6.21 -20.17
N LEU D 151 -19.85 -5.65 -19.97
CA LEU D 151 -18.59 -6.25 -20.44
C LEU D 151 -17.83 -6.93 -19.32
N SER D 152 -18.08 -6.55 -18.09
CA SER D 152 -17.17 -6.97 -16.99
C SER D 152 -17.83 -6.98 -15.63
N SER D 153 -17.35 -7.86 -14.75
CA SER D 153 -17.70 -7.86 -13.32
CA SER D 153 -17.71 -7.85 -13.32
C SER D 153 -16.89 -6.81 -12.55
N TRP D 154 -15.93 -6.14 -13.18
CA TRP D 154 -15.04 -5.18 -12.46
C TRP D 154 -15.89 -4.27 -11.58
N PRO D 155 -15.56 -4.08 -10.29
CA PRO D 155 -16.48 -3.32 -9.44
C PRO D 155 -16.66 -1.87 -9.88
N LYS D 156 -15.62 -1.21 -10.38
CA LYS D 156 -15.54 0.28 -10.49
C LYS D 156 -16.26 0.70 -11.76
N SER D 157 -17.58 0.85 -11.64
CA SER D 157 -18.42 1.06 -12.85
C SER D 157 -19.59 1.98 -12.58
N SER D 158 -19.70 2.61 -11.41
CA SER D 158 -20.90 3.41 -11.09
C SER D 158 -21.03 4.60 -12.03
N PRO D 159 -22.28 5.08 -12.31
CA PRO D 159 -22.43 6.29 -13.08
C PRO D 159 -21.68 7.45 -12.45
N GLY D 160 -21.71 7.53 -11.12
CA GLY D 160 -21.01 8.62 -10.41
C GLY D 160 -19.49 8.59 -10.64
N TYR D 161 -18.94 7.40 -10.71
CA TYR D 161 -17.50 7.22 -11.01
C TYR D 161 -17.19 7.78 -12.40
N PHE D 162 -17.94 7.33 -13.40
CA PHE D 162 -17.67 7.82 -14.78
C PHE D 162 -17.92 9.32 -14.86
N PHE D 163 -18.90 9.86 -14.12
CA PHE D 163 -19.08 11.31 -14.09
C PHE D 163 -17.86 12.00 -13.48
N ASP D 164 -17.37 11.45 -12.37
CA ASP D 164 -16.19 12.02 -11.67
C ASP D 164 -14.96 11.99 -12.60
N VAL D 165 -14.75 10.92 -13.33
CA VAL D 165 -13.62 10.80 -14.28
C VAL D 165 -13.78 11.84 -15.39
N GLN D 166 -14.99 11.90 -15.92
CA GLN D 166 -15.28 12.87 -16.99
C GLN D 166 -15.03 14.29 -16.50
N ASN D 167 -15.47 14.63 -15.28
CA ASN D 167 -15.26 15.99 -14.75
C ASN D 167 -13.78 16.25 -14.49
N ARG D 168 -12.99 15.22 -14.13
CA ARG D 168 -11.53 15.42 -13.96
C ARG D 168 -10.91 15.80 -15.31
N LEU D 169 -11.33 15.12 -16.37
CA LEU D 169 -10.83 15.44 -17.73
C LEU D 169 -11.31 16.84 -18.14
N LYS D 170 -12.56 17.15 -17.87
CA LYS D 170 -13.11 18.49 -18.23
C LYS D 170 -12.30 19.56 -17.53
N LYS D 171 -11.95 19.38 -16.25
CA LYS D 171 -11.15 20.37 -15.48
C LYS D 171 -9.73 20.45 -16.04
N PHE D 172 -9.17 19.32 -16.44
CA PHE D 172 -7.81 19.26 -16.94
C PHE D 172 -7.67 20.11 -18.19
N VAL D 173 -8.65 20.04 -19.08
CA VAL D 173 -8.54 20.73 -20.39
C VAL D 173 -9.10 22.16 -20.28
N GLU D 174 -9.70 22.57 -19.17
CA GLU D 174 -10.47 23.84 -19.13
C GLU D 174 -9.54 25.04 -19.19
N GLY D 175 -8.28 24.97 -18.73
CA GLY D 175 -7.30 26.07 -18.76
C GLY D 175 -6.52 26.14 -20.06
N GLY D 176 -6.86 25.25 -21.02
CA GLY D 176 -6.14 25.15 -22.28
C GLY D 176 -4.79 24.49 -22.15
N GLN D 177 -4.47 23.84 -21.00
CA GLN D 177 -3.19 23.12 -20.83
C GLN D 177 -3.45 21.62 -21.07
N LEU D 178 -3.51 21.20 -22.33
CA LEU D 178 -3.95 19.81 -22.68
C LEU D 178 -2.81 18.78 -22.47
N GLY D 179 -1.61 19.25 -22.18
CA GLY D 179 -0.52 18.33 -21.79
C GLY D 179 -0.33 17.25 -22.85
N ILE D 180 -0.36 16.00 -22.42
CA ILE D 180 -0.10 14.88 -23.36
C ILE D 180 -1.21 14.77 -24.41
N PHE D 181 -2.36 15.42 -24.26
CA PHE D 181 -3.45 15.36 -25.25
C PHE D 181 -3.31 16.48 -26.29
N ARG D 182 -2.37 17.39 -26.12
CA ARG D 182 -2.30 18.55 -27.03
C ARG D 182 -1.99 18.10 -28.44
N ASN D 183 -2.69 18.68 -29.43
CA ASN D 183 -2.36 18.51 -30.87
C ASN D 183 -2.40 17.01 -31.23
N GLY D 184 -3.27 16.27 -30.57
CA GLY D 184 -3.50 14.88 -30.92
C GLY D 184 -4.33 14.75 -32.18
N TYR D 185 -4.77 13.56 -32.45
CA TYR D 185 -5.47 13.18 -33.72
C TYR D 185 -6.97 13.07 -33.48
N TRP D 186 -7.43 13.58 -32.35
CA TRP D 186 -8.84 13.46 -31.92
C TRP D 186 -9.78 13.88 -33.06
N GLY D 187 -10.82 13.10 -33.24
CA GLY D 187 -11.84 13.37 -34.28
C GLY D 187 -11.45 12.77 -35.61
N HIS D 188 -10.25 12.17 -35.75
CA HIS D 188 -9.88 11.48 -37.00
C HIS D 188 -10.92 10.43 -37.32
N PRO D 189 -11.30 10.25 -38.61
CA PRO D 189 -12.34 9.28 -38.92
C PRO D 189 -12.09 7.84 -38.50
N GLN D 190 -10.82 7.47 -38.26
CA GLN D 190 -10.49 6.10 -37.82
C GLN D 190 -10.73 5.90 -36.31
N TYR D 191 -11.07 6.92 -35.57
CA TYR D 191 -11.59 6.73 -34.18
C TYR D 191 -13.05 6.26 -34.26
N LYS D 192 -13.31 5.03 -33.86
CA LYS D 192 -14.62 4.34 -34.08
C LYS D 192 -15.36 4.03 -32.79
N LEU D 193 -14.75 4.22 -31.62
CA LEU D 193 -15.50 3.93 -30.40
C LEU D 193 -16.60 4.95 -30.23
N PRO D 194 -17.74 4.55 -29.65
CA PRO D 194 -18.71 5.54 -29.24
C PRO D 194 -18.24 6.31 -28.01
N PRO D 195 -18.83 7.46 -27.67
CA PRO D 195 -18.37 8.29 -26.57
C PRO D 195 -18.27 7.48 -25.25
N GLU D 196 -19.23 6.60 -24.99
CA GLU D 196 -19.28 5.82 -23.72
CA GLU D 196 -19.27 5.83 -23.71
C GLU D 196 -18.08 4.86 -23.68
N ALA D 197 -17.67 4.29 -24.79
CA ALA D 197 -16.51 3.38 -24.79
C ALA D 197 -15.25 4.23 -24.61
N ASN D 198 -15.18 5.45 -25.15
CA ASN D 198 -14.02 6.35 -24.95
C ASN D 198 -13.90 6.63 -23.45
N LEU D 199 -15.02 6.98 -22.81
CA LEU D 199 -14.95 7.34 -21.37
C LEU D 199 -14.58 6.10 -20.58
N MET D 200 -15.13 4.93 -20.88
CA MET D 200 -14.75 3.69 -20.19
C MET D 200 -13.22 3.49 -20.39
N GLY D 201 -12.71 3.61 -21.61
CA GLY D 201 -11.27 3.35 -21.84
C GLY D 201 -10.42 4.38 -21.12
N PHE D 202 -10.82 5.62 -21.09
CA PHE D 202 -10.04 6.69 -20.45
C PHE D 202 -10.02 6.43 -18.93
N ALA D 203 -11.12 6.14 -18.30
CA ALA D 203 -11.16 5.74 -16.89
C ALA D 203 -10.14 4.61 -16.67
N HIS D 204 -10.14 3.60 -17.51
CA HIS D 204 -9.23 2.45 -17.36
C HIS D 204 -7.79 2.89 -17.58
N TYR D 205 -7.50 3.81 -18.49
CA TYR D 205 -6.14 4.37 -18.65
C TYR D 205 -5.65 4.84 -17.29
N LEU D 206 -6.48 5.57 -16.58
CA LEU D 206 -6.08 6.17 -15.29
C LEU D 206 -5.96 5.06 -14.25
N GLU D 207 -6.88 4.09 -14.22
CA GLU D 207 -6.79 2.99 -13.25
C GLU D 207 -5.50 2.21 -13.52
N ALA D 208 -5.13 1.99 -14.77
CA ALA D 208 -3.95 1.17 -15.15
C ALA D 208 -2.69 1.96 -14.77
N LEU D 209 -2.69 3.27 -14.94
CA LEU D 209 -1.52 4.08 -14.57
C LEU D 209 -1.29 3.96 -13.07
N ASP D 210 -2.36 3.95 -12.30
CA ASP D 210 -2.23 3.78 -10.83
C ASP D 210 -1.76 2.34 -10.60
N PHE D 211 -2.48 1.36 -11.12
CA PHE D 211 -2.29 -0.03 -10.65
C PHE D 211 -0.95 -0.59 -11.06
N GLN D 212 -0.39 -0.17 -12.19
CA GLN D 212 0.86 -0.81 -12.65
C GLN D 212 1.96 -0.70 -11.59
N ARG D 213 2.00 0.35 -10.80
CA ARG D 213 3.06 0.48 -9.77
C ARG D 213 3.01 -0.68 -8.79
N GLU D 214 1.88 -1.32 -8.55
CA GLU D 214 1.80 -2.42 -7.56
C GLU D 214 2.45 -3.67 -8.10
N ILE D 215 2.32 -3.92 -9.39
CA ILE D 215 2.77 -5.21 -9.98
C ILE D 215 4.24 -5.41 -9.64
N VAL D 216 5.02 -4.34 -9.79
CA VAL D 216 6.49 -4.46 -9.70
C VAL D 216 6.94 -4.59 -8.25
N LYS D 217 6.03 -4.55 -7.26
CA LYS D 217 6.45 -4.87 -5.89
C LYS D 217 7.00 -6.29 -5.83
N ILE D 218 6.57 -7.18 -6.73
CA ILE D 218 7.16 -8.55 -6.75
C ILE D 218 8.64 -8.45 -7.10
N HIS D 219 9.02 -7.66 -8.09
CA HIS D 219 10.45 -7.38 -8.39
C HIS D 219 11.16 -6.79 -7.19
N ALA D 220 10.50 -5.90 -6.45
CA ALA D 220 11.21 -5.32 -5.30
C ALA D 220 11.49 -6.40 -4.24
N VAL D 221 10.55 -7.32 -3.98
CA VAL D 221 10.80 -8.38 -2.97
C VAL D 221 12.02 -9.23 -3.39
N PHE D 222 12.02 -9.78 -4.59
CA PHE D 222 13.06 -10.75 -4.99
C PHE D 222 14.30 -10.07 -5.54
N GLY D 223 14.15 -8.87 -6.09
CA GLY D 223 15.22 -8.19 -6.84
C GLY D 223 15.58 -6.82 -6.30
N GLY D 224 15.04 -6.41 -5.15
CA GLY D 224 15.44 -5.17 -4.49
C GLY D 224 14.74 -3.91 -4.90
N LYS D 225 14.42 -3.77 -6.19
CA LYS D 225 13.90 -2.51 -6.73
C LYS D 225 13.38 -2.76 -8.12
N ASN D 226 12.49 -1.88 -8.54
CA ASN D 226 12.10 -1.75 -9.95
C ASN D 226 11.87 -0.28 -10.23
N PRO D 227 12.37 0.26 -11.36
CA PRO D 227 13.13 -0.46 -12.38
C PRO D 227 14.51 -0.98 -11.97
N HIS D 228 15.01 -1.92 -12.76
CA HIS D 228 16.38 -2.46 -12.72
C HIS D 228 16.70 -3.25 -11.46
N PRO D 229 15.99 -4.36 -11.23
CA PRO D 229 16.27 -5.25 -10.09
C PRO D 229 17.64 -5.91 -10.25
N ASN D 230 18.03 -6.58 -9.18
CA ASN D 230 19.34 -7.27 -9.08
C ASN D 230 19.19 -8.77 -9.21
N TRP D 231 20.26 -9.37 -9.74
CA TRP D 231 20.36 -10.79 -10.11
C TRP D 231 21.77 -11.27 -9.74
N ILE D 232 22.04 -12.58 -9.79
CA ILE D 232 23.44 -13.09 -9.79
C ILE D 232 23.60 -14.24 -10.78
N VAL D 233 24.82 -14.37 -11.25
CA VAL D 233 25.25 -15.62 -11.90
C VAL D 233 25.26 -16.68 -10.80
N GLY D 234 24.54 -17.75 -11.00
CA GLY D 234 24.43 -18.80 -9.99
C GLY D 234 23.04 -18.88 -9.40
N GLY D 235 22.19 -17.87 -9.56
CA GLY D 235 20.79 -17.98 -9.08
C GLY D 235 20.19 -16.63 -8.85
N MET D 236 19.83 -16.36 -7.59
CA MET D 236 19.33 -15.03 -7.17
C MET D 236 19.90 -14.72 -5.80
N PRO D 237 20.08 -13.43 -5.45
CA PRO D 237 20.70 -13.06 -4.18
C PRO D 237 19.72 -13.04 -3.00
N CYS D 238 18.44 -13.24 -3.28
CA CYS D 238 17.35 -13.12 -2.30
C CYS D 238 17.25 -14.43 -1.53
N ALA D 239 18.21 -14.61 -0.63
CA ALA D 239 18.24 -15.80 0.27
C ALA D 239 16.92 -15.91 1.04
N ILE D 240 16.49 -17.15 1.27
CA ILE D 240 15.21 -17.49 1.90
C ILE D 240 15.48 -18.01 3.29
N ASN D 241 14.65 -17.56 4.22
CA ASN D 241 14.67 -18.07 5.61
C ASN D 241 13.25 -17.98 6.14
N ILE D 242 12.59 -19.12 6.33
CA ILE D 242 11.16 -19.08 6.74
C ILE D 242 11.09 -19.23 8.26
N ASP D 243 11.87 -20.13 8.85
CA ASP D 243 11.55 -20.67 10.21
C ASP D 243 12.77 -20.66 11.10
N GLU D 244 13.79 -19.88 10.81
CA GLU D 244 15.03 -19.84 11.61
C GLU D 244 15.28 -18.43 12.10
N SER D 245 16.12 -18.31 13.09
CA SER D 245 16.54 -17.01 13.62
C SER D 245 17.04 -16.15 12.46
N GLY D 246 16.69 -14.88 12.46
CA GLY D 246 17.23 -14.01 11.40
C GLY D 246 16.43 -14.06 10.11
N ALA D 247 15.24 -14.65 10.13
CA ALA D 247 14.34 -14.60 8.96
C ALA D 247 13.98 -13.16 8.62
N VAL D 248 14.08 -12.22 9.57
CA VAL D 248 13.86 -10.77 9.30
C VAL D 248 14.91 -10.24 8.33
N GLY D 249 15.99 -10.95 8.11
CA GLY D 249 17.03 -10.56 7.14
C GLY D 249 16.92 -11.27 5.81
N ALA D 250 15.78 -11.87 5.47
CA ALA D 250 15.70 -12.72 4.28
C ALA D 250 14.29 -12.73 3.73
N VAL D 251 14.07 -13.45 2.66
CA VAL D 251 12.72 -13.70 2.14
C VAL D 251 12.09 -14.67 3.11
N ASN D 252 11.11 -14.16 3.83
CA ASN D 252 10.39 -14.87 4.92
C ASN D 252 8.90 -14.94 4.58
N MET D 253 8.09 -15.48 5.48
CA MET D 253 6.67 -15.70 5.17
C MET D 253 5.95 -14.40 4.93
N GLU D 254 6.34 -13.34 5.62
CA GLU D 254 5.68 -12.02 5.41
C GLU D 254 6.00 -11.51 4.00
N ARG D 255 7.24 -11.66 3.56
CA ARG D 255 7.61 -11.23 2.18
C ARG D 255 6.85 -12.06 1.15
N LEU D 256 6.77 -13.37 1.35
CA LEU D 256 6.02 -14.21 0.40
C LEU D 256 4.53 -13.88 0.40
N ASN D 257 4.00 -13.58 1.56
CA ASN D 257 2.60 -13.10 1.65
C ASN D 257 2.38 -11.84 0.80
N LEU D 258 3.32 -10.92 0.85
CA LEU D 258 3.18 -9.70 0.01
CA LEU D 258 3.23 -9.69 0.01
C LEU D 258 3.16 -10.10 -1.46
N VAL D 259 4.06 -10.97 -1.87
CA VAL D 259 4.07 -11.44 -3.29
C VAL D 259 2.70 -12.03 -3.62
N GLN D 260 2.18 -12.92 -2.80
CA GLN D 260 0.87 -13.54 -3.13
C GLN D 260 -0.22 -12.46 -3.30
N SER D 261 -0.26 -11.47 -2.41
CA SER D 261 -1.27 -10.40 -2.51
CA SER D 261 -1.25 -10.37 -2.49
C SER D 261 -1.16 -9.67 -3.85
N ILE D 262 0.04 -9.40 -4.29
CA ILE D 262 0.22 -8.73 -5.59
C ILE D 262 -0.23 -9.64 -6.72
N ILE D 263 0.12 -10.91 -6.70
CA ILE D 263 -0.29 -11.81 -7.80
C ILE D 263 -1.81 -11.76 -7.96
N THR D 264 -2.53 -11.93 -6.86
CA THR D 264 -4.03 -11.98 -6.99
C THR D 264 -4.54 -10.66 -7.57
N ARG D 265 -4.05 -9.54 -7.08
CA ARG D 265 -4.56 -8.23 -7.58
C ARG D 265 -4.22 -8.07 -9.05
N THR D 266 -3.04 -8.52 -9.45
CA THR D 266 -2.59 -8.36 -10.85
C THR D 266 -3.49 -9.21 -11.77
N ALA D 267 -3.72 -10.45 -11.43
CA ALA D 267 -4.63 -11.29 -12.23
C ALA D 267 -6.00 -10.60 -12.31
N ASP D 268 -6.51 -10.10 -11.19
CA ASP D 268 -7.88 -9.54 -11.18
C ASP D 268 -7.92 -8.33 -12.10
N PHE D 269 -6.94 -7.45 -12.07
CA PHE D 269 -6.97 -6.25 -12.92
C PHE D 269 -6.92 -6.65 -14.40
N ILE D 270 -5.99 -7.54 -14.77
CA ILE D 270 -5.81 -7.94 -16.18
C ILE D 270 -7.10 -8.62 -16.64
N ASN D 271 -7.63 -9.51 -15.87
CA ASN D 271 -8.78 -10.33 -16.33
C ASN D 271 -10.03 -9.46 -16.45
N ASN D 272 -10.21 -8.48 -15.57
CA ASN D 272 -11.53 -7.78 -15.50
C ASN D 272 -11.46 -6.38 -16.06
N VAL D 273 -10.30 -5.86 -16.41
CA VAL D 273 -10.13 -4.50 -17.00
C VAL D 273 -9.46 -4.61 -18.35
N MET D 274 -8.25 -5.12 -18.46
CA MET D 274 -7.54 -5.12 -19.74
C MET D 274 -8.19 -6.08 -20.75
N ILE D 275 -8.54 -7.28 -20.34
CA ILE D 275 -9.10 -8.30 -21.28
C ILE D 275 -10.39 -7.76 -21.88
N PRO D 276 -11.34 -7.25 -21.10
CA PRO D 276 -12.60 -6.80 -21.71
C PRO D 276 -12.38 -5.56 -22.56
N ASP D 277 -11.43 -4.70 -22.22
CA ASP D 277 -11.12 -3.51 -23.04
C ASP D 277 -10.51 -3.94 -24.38
N ALA D 278 -9.67 -4.95 -24.40
CA ALA D 278 -9.06 -5.41 -25.66
C ALA D 278 -10.18 -5.95 -26.57
N LEU D 279 -11.07 -6.74 -26.00
CA LEU D 279 -12.19 -7.29 -26.78
C LEU D 279 -13.04 -6.11 -27.25
N ALA D 280 -13.29 -5.09 -26.46
CA ALA D 280 -14.13 -3.95 -26.89
C ALA D 280 -13.42 -3.24 -28.04
N ILE D 281 -12.12 -3.01 -27.97
CA ILE D 281 -11.40 -2.39 -29.11
C ILE D 281 -11.59 -3.28 -30.32
N GLY D 282 -11.49 -4.60 -30.18
CA GLY D 282 -11.77 -5.52 -31.30
C GLY D 282 -13.17 -5.32 -31.86
N GLN D 283 -14.18 -5.33 -31.01
CA GLN D 283 -15.59 -5.22 -31.45
C GLN D 283 -15.82 -3.94 -32.27
N PHE D 284 -15.23 -2.82 -31.93
CA PHE D 284 -15.45 -1.53 -32.61
C PHE D 284 -14.49 -1.27 -33.77
N ASN D 285 -13.45 -2.10 -33.98
CA ASN D 285 -12.36 -1.86 -34.95
C ASN D 285 -12.07 -3.13 -35.74
N LYS D 286 -13.13 -3.88 -36.10
CA LYS D 286 -12.93 -5.17 -36.81
C LYS D 286 -12.17 -5.03 -38.12
N PRO D 287 -12.28 -3.92 -38.88
CA PRO D 287 -11.49 -3.76 -40.10
C PRO D 287 -9.98 -3.90 -39.87
N TRP D 288 -9.53 -3.58 -38.64
CA TRP D 288 -8.08 -3.65 -38.33
C TRP D 288 -7.62 -5.07 -38.09
N SER D 289 -8.53 -6.06 -38.23
CA SER D 289 -8.15 -7.49 -38.32
C SER D 289 -7.65 -7.83 -39.73
N GLU D 290 -7.69 -6.88 -40.62
CA GLU D 290 -7.25 -7.08 -42.04
CA GLU D 290 -7.21 -7.10 -42.02
C GLU D 290 -6.17 -6.06 -42.43
N ILE D 291 -5.67 -5.26 -41.50
CA ILE D 291 -4.68 -4.20 -41.76
C ILE D 291 -3.44 -4.56 -40.96
N GLY D 292 -2.26 -4.30 -41.49
CA GLY D 292 -1.01 -4.50 -40.73
C GLY D 292 -0.60 -5.93 -40.63
N THR D 293 -1.03 -6.84 -41.50
CA THR D 293 -0.59 -8.22 -41.45
C THR D 293 0.92 -8.31 -41.48
N GLY D 294 1.55 -7.70 -42.45
CA GLY D 294 2.99 -7.79 -42.61
C GLY D 294 3.45 -9.23 -42.72
N LEU D 295 4.52 -9.58 -41.99
CA LEU D 295 5.12 -10.89 -42.02
C LEU D 295 4.30 -11.91 -41.24
N SER D 296 3.27 -11.51 -40.48
CA SER D 296 2.62 -12.41 -39.52
C SER D 296 1.90 -13.59 -40.20
N ASP D 297 1.65 -13.50 -41.52
CA ASP D 297 1.12 -14.68 -42.27
C ASP D 297 2.20 -15.32 -43.12
N LYS D 298 3.46 -15.01 -42.89
CA LYS D 298 4.60 -15.50 -43.70
C LYS D 298 5.65 -16.15 -42.78
N CYS D 299 6.28 -15.36 -41.92
CA CYS D 299 7.44 -15.79 -41.14
C CYS D 299 7.34 -15.26 -39.70
N VAL D 300 7.29 -16.19 -38.73
CA VAL D 300 7.24 -15.82 -37.28
C VAL D 300 8.22 -16.67 -36.52
N LEU D 301 8.69 -16.13 -35.38
CA LEU D 301 9.81 -16.71 -34.64
C LEU D 301 9.61 -16.57 -33.14
N SER D 302 9.80 -17.65 -32.43
CA SER D 302 9.88 -17.68 -30.96
C SER D 302 11.07 -18.53 -30.56
N TYR D 303 11.87 -18.10 -29.61
CA TYR D 303 12.88 -18.99 -29.00
C TYR D 303 12.26 -19.85 -27.91
N GLY D 304 11.17 -19.42 -27.31
CA GLY D 304 10.59 -20.08 -26.14
C GLY D 304 11.15 -19.54 -24.84
N ALA D 305 10.42 -19.80 -23.78
CA ALA D 305 10.77 -19.18 -22.48
C ALA D 305 10.15 -19.97 -21.33
N PHE D 306 10.53 -19.54 -20.11
CA PHE D 306 9.95 -20.10 -18.86
C PHE D 306 10.26 -21.59 -18.74
N PRO D 307 11.54 -21.96 -18.61
CA PRO D 307 11.91 -23.35 -18.39
C PRO D 307 11.34 -23.77 -17.04
N ASP D 308 10.50 -24.79 -17.04
CA ASP D 308 9.84 -25.30 -15.81
C ASP D 308 10.71 -26.33 -15.11
N ILE D 309 11.60 -26.98 -15.86
CA ILE D 309 12.60 -27.94 -15.32
C ILE D 309 13.90 -27.15 -15.22
N ALA D 310 14.39 -26.94 -14.01
CA ALA D 310 15.50 -26.02 -13.80
C ALA D 310 16.69 -26.46 -14.66
N ASN D 311 17.29 -25.50 -15.36
CA ASN D 311 18.49 -25.68 -16.20
C ASN D 311 18.21 -26.54 -17.43
N ASP D 312 16.95 -26.79 -17.78
CA ASP D 312 16.62 -27.54 -19.00
C ASP D 312 15.91 -26.55 -19.90
N PHE D 313 16.54 -26.19 -21.01
CA PHE D 313 16.00 -25.19 -21.97
C PHE D 313 15.39 -25.91 -23.17
N GLY D 314 15.09 -27.19 -23.03
CA GLY D 314 14.46 -27.96 -24.12
C GLY D 314 12.97 -27.81 -24.22
N GLU D 315 12.40 -28.39 -25.27
CA GLU D 315 10.96 -28.32 -25.59
C GLU D 315 10.09 -28.91 -24.49
N LYS D 316 10.55 -29.91 -23.75
CA LYS D 316 9.71 -30.48 -22.67
C LYS D 316 9.67 -29.57 -21.44
N SER D 317 10.60 -28.66 -21.33
CA SER D 317 10.74 -27.75 -20.16
C SER D 317 10.07 -26.39 -20.40
N LEU D 318 10.27 -25.79 -21.56
CA LEU D 318 9.83 -24.39 -21.77
C LEU D 318 8.30 -24.31 -21.76
N LEU D 319 7.70 -23.52 -20.86
CA LEU D 319 6.24 -23.38 -20.83
C LEU D 319 5.72 -22.48 -21.93
N MET D 320 6.54 -21.56 -22.43
CA MET D 320 6.15 -20.77 -23.60
C MET D 320 6.90 -21.32 -24.80
N PRO D 321 6.18 -21.98 -25.76
CA PRO D 321 6.88 -22.70 -26.81
C PRO D 321 7.83 -21.85 -27.68
N GLY D 322 8.84 -22.51 -28.23
CA GLY D 322 9.68 -21.98 -29.31
C GLY D 322 9.42 -22.68 -30.63
N GLY D 323 9.81 -21.99 -31.67
CA GLY D 323 9.73 -22.50 -33.04
C GLY D 323 9.73 -21.42 -34.06
N ALA D 324 9.90 -21.80 -35.32
CA ALA D 324 9.90 -20.83 -36.44
C ALA D 324 8.97 -21.35 -37.52
N VAL D 325 8.26 -20.43 -38.12
CA VAL D 325 7.46 -20.69 -39.35
C VAL D 325 8.03 -19.80 -40.45
N ILE D 326 8.20 -20.38 -41.65
CA ILE D 326 8.56 -19.59 -42.85
C ILE D 326 7.61 -19.96 -44.00
N ASN D 327 7.58 -19.11 -45.00
CA ASN D 327 6.89 -19.36 -46.29
C ASN D 327 5.39 -19.51 -46.05
N GLY D 328 4.89 -18.98 -44.94
CA GLY D 328 3.48 -19.08 -44.61
C GLY D 328 3.07 -20.47 -44.29
N ASP D 329 4.01 -21.39 -44.03
CA ASP D 329 3.68 -22.79 -43.75
C ASP D 329 3.60 -23.06 -42.22
N PHE D 330 2.43 -22.77 -41.67
CA PHE D 330 2.15 -22.95 -40.22
C PHE D 330 1.94 -24.43 -39.86
N ASN D 331 1.92 -25.34 -40.87
CA ASN D 331 1.95 -26.79 -40.63
C ASN D 331 3.37 -27.27 -40.31
N ASN D 332 4.39 -26.44 -40.43
CA ASN D 332 5.78 -26.89 -40.27
C ASN D 332 6.46 -25.97 -39.25
N VAL D 333 6.19 -26.18 -37.98
CA VAL D 333 6.91 -25.37 -36.97
C VAL D 333 8.29 -25.97 -36.81
N LEU D 334 9.30 -25.19 -37.14
CA LEU D 334 10.68 -25.65 -37.22
C LEU D 334 11.41 -25.42 -35.90
N PRO D 335 12.34 -26.27 -35.47
CA PRO D 335 13.12 -26.07 -34.26
C PRO D 335 14.19 -25.02 -34.52
N VAL D 336 14.48 -24.25 -33.50
CA VAL D 336 15.46 -23.15 -33.56
C VAL D 336 16.68 -23.57 -32.76
N ASP D 337 17.87 -23.37 -33.32
CA ASP D 337 19.13 -23.64 -32.60
C ASP D 337 19.96 -22.38 -32.66
N LEU D 338 20.20 -21.80 -31.50
CA LEU D 338 20.89 -20.50 -31.46
C LEU D 338 22.40 -20.62 -31.58
N VAL D 339 22.95 -21.85 -31.62
CA VAL D 339 24.40 -22.06 -31.90
C VAL D 339 24.65 -22.26 -33.40
N ASP D 340 23.66 -22.69 -34.14
CA ASP D 340 23.82 -23.03 -35.58
C ASP D 340 24.15 -21.76 -36.38
N PRO D 341 25.33 -21.67 -37.00
CA PRO D 341 25.72 -20.45 -37.70
C PRO D 341 24.85 -20.13 -38.92
N GLN D 342 24.07 -21.09 -39.38
CA GLN D 342 23.23 -20.92 -40.57
C GLN D 342 21.86 -20.38 -40.17
N GLN D 343 21.53 -20.31 -38.88
CA GLN D 343 20.17 -19.90 -38.44
C GLN D 343 20.19 -18.38 -38.18
N VAL D 344 20.48 -17.94 -36.95
CA VAL D 344 20.39 -16.49 -36.66
C VAL D 344 21.62 -15.83 -37.24
N GLN D 345 21.42 -14.84 -38.13
CA GLN D 345 22.53 -14.01 -38.64
C GLN D 345 22.08 -12.56 -38.63
N GLU D 346 23.02 -11.63 -38.53
CA GLU D 346 22.68 -10.19 -38.71
C GLU D 346 23.48 -9.62 -39.87
N PHE D 347 22.77 -8.81 -40.64
CA PHE D 347 23.29 -8.08 -41.79
C PHE D 347 23.39 -6.61 -41.45
N VAL D 348 24.32 -5.94 -42.11
CA VAL D 348 24.49 -4.49 -41.87
C VAL D 348 24.66 -3.71 -43.19
N ASP D 349 24.31 -4.29 -44.35
CA ASP D 349 24.45 -3.49 -45.60
C ASP D 349 23.55 -2.25 -45.58
N HIS D 350 22.47 -2.24 -44.83
CA HIS D 350 21.56 -1.10 -44.73
C HIS D 350 21.59 -0.49 -43.32
N ALA D 351 22.65 -0.72 -42.57
CA ALA D 351 22.77 -0.18 -41.20
C ALA D 351 24.12 0.50 -41.02
N TRP D 352 24.23 1.29 -39.98
CA TRP D 352 25.40 2.15 -39.70
C TRP D 352 26.50 1.40 -38.95
N TYR D 353 27.04 0.36 -39.57
CA TYR D 353 28.10 -0.49 -39.04
C TYR D 353 29.06 -0.95 -40.14
N ARG D 354 30.23 -1.39 -39.75
CA ARG D 354 31.21 -1.92 -40.69
C ARG D 354 31.25 -3.44 -40.53
N TYR D 355 31.22 -4.16 -41.65
CA TYR D 355 31.58 -5.59 -41.76
C TYR D 355 32.68 -5.75 -42.79
N PRO D 356 33.49 -6.80 -42.66
CA PRO D 356 34.41 -7.12 -43.74
C PRO D 356 33.70 -7.40 -45.06
N ASN D 357 32.56 -8.05 -45.00
CA ASN D 357 31.74 -8.29 -46.22
C ASN D 357 30.28 -7.97 -45.86
N ASP D 358 29.78 -6.84 -46.27
CA ASP D 358 28.41 -6.42 -45.90
C ASP D 358 27.35 -7.13 -46.72
N GLN D 359 27.74 -8.00 -47.66
CA GLN D 359 26.73 -8.75 -48.42
C GLN D 359 26.44 -10.10 -47.74
N VAL D 360 27.01 -10.37 -46.56
CA VAL D 360 26.72 -11.63 -45.85
C VAL D 360 26.32 -11.33 -44.42
N GLY D 361 25.66 -12.31 -43.86
CA GLY D 361 25.15 -12.19 -42.48
C GLY D 361 26.17 -12.80 -41.56
N ARG D 362 26.22 -12.32 -40.32
CA ARG D 362 27.12 -12.92 -39.31
C ARG D 362 26.33 -13.43 -38.10
N HIS D 363 26.53 -14.68 -37.76
CA HIS D 363 25.94 -15.28 -36.54
C HIS D 363 26.54 -14.51 -35.37
N PRO D 364 25.82 -14.37 -34.23
CA PRO D 364 26.33 -13.49 -33.18
C PRO D 364 27.65 -13.91 -32.54
N PHE D 365 27.99 -15.22 -32.55
CA PHE D 365 29.32 -15.62 -32.08
C PHE D 365 30.46 -15.09 -33.00
N ASP D 366 30.08 -14.70 -34.23
CA ASP D 366 31.00 -13.98 -35.16
C ASP D 366 30.60 -12.52 -35.28
N GLY D 367 29.83 -11.99 -34.35
CA GLY D 367 29.26 -10.63 -34.51
C GLY D 367 30.33 -9.58 -34.41
N ILE D 368 30.02 -8.45 -35.01
CA ILE D 368 30.89 -7.26 -35.03
C ILE D 368 30.01 -6.04 -34.82
N THR D 369 30.41 -5.21 -33.88
CA THR D 369 29.74 -3.94 -33.60
C THR D 369 30.74 -2.79 -33.74
N ASP D 370 30.93 -2.34 -35.00
CA ASP D 370 31.90 -1.31 -35.38
C ASP D 370 31.08 -0.18 -35.99
N PRO D 371 30.64 0.80 -35.18
CA PRO D 371 29.70 1.81 -35.64
C PRO D 371 30.29 2.70 -36.73
N TRP D 372 29.44 2.99 -37.72
CA TRP D 372 29.85 3.78 -38.89
C TRP D 372 28.69 4.60 -39.35
N TYR D 373 28.61 5.84 -38.90
CA TYR D 373 27.49 6.73 -39.30
C TYR D 373 27.74 7.18 -40.75
N ASN D 374 27.01 6.62 -41.68
CA ASN D 374 27.17 6.90 -43.13
C ASN D 374 25.80 6.84 -43.76
N PRO D 375 25.03 7.93 -43.72
CA PRO D 375 23.70 7.92 -44.32
C PRO D 375 23.72 8.20 -45.84
N GLY D 376 24.91 8.48 -46.36
CA GLY D 376 25.04 8.66 -47.83
C GLY D 376 24.15 9.75 -48.37
N ASP D 377 23.58 9.47 -49.53
CA ASP D 377 22.93 10.48 -50.38
C ASP D 377 21.53 10.75 -49.86
N VAL D 378 21.43 11.35 -48.68
CA VAL D 378 20.11 11.75 -48.14
C VAL D 378 19.64 13.02 -48.83
N LYS D 379 18.35 13.26 -48.73
CA LYS D 379 17.84 14.61 -48.98
C LYS D 379 18.20 15.36 -47.71
N GLY D 380 18.87 16.48 -47.87
CA GLY D 380 19.45 17.23 -46.75
C GLY D 380 20.91 16.94 -46.64
N SER D 381 21.39 16.70 -45.41
CA SER D 381 22.81 16.44 -45.12
C SER D 381 22.96 15.45 -43.94
N ASP D 382 24.18 15.04 -43.68
CA ASP D 382 24.43 13.98 -42.67
C ASP D 382 24.02 14.46 -41.28
N THR D 383 23.89 15.76 -40.98
CA THR D 383 23.44 16.26 -39.66
C THR D 383 22.09 16.95 -39.80
N ASN D 384 21.45 16.83 -40.95
CA ASN D 384 20.14 17.46 -41.14
C ASN D 384 19.36 16.67 -42.16
N ILE D 385 18.81 15.54 -41.73
CA ILE D 385 18.24 14.56 -42.67
C ILE D 385 16.82 15.00 -42.98
N GLN D 386 16.49 15.25 -44.25
CA GLN D 386 15.09 15.44 -44.67
C GLN D 386 14.50 14.11 -45.15
N GLN D 387 15.29 13.26 -45.81
CA GLN D 387 14.88 11.92 -46.27
C GLN D 387 16.11 11.02 -46.21
N LEU D 388 15.97 9.94 -45.43
CA LEU D 388 16.93 8.81 -45.43
C LEU D 388 17.01 8.27 -46.85
N ASN D 389 18.17 7.69 -47.17
CA ASN D 389 18.29 6.91 -48.41
C ASN D 389 18.22 5.43 -48.10
N GLU D 390 17.03 4.84 -48.25
CA GLU D 390 16.82 3.41 -47.94
C GLU D 390 17.51 2.49 -48.95
N GLN D 391 18.07 3.03 -50.06
CA GLN D 391 18.85 2.21 -50.96
C GLN D 391 20.25 2.05 -50.37
N GLU D 392 20.63 2.81 -49.32
CA GLU D 392 21.91 2.56 -48.66
C GLU D 392 21.68 2.43 -47.16
N ARG D 393 22.60 2.95 -46.35
CA ARG D 393 22.50 2.66 -44.89
C ARG D 393 21.57 3.67 -44.25
N TYR D 394 20.62 3.21 -43.43
CA TYR D 394 19.55 4.09 -42.94
C TYR D 394 19.10 3.82 -41.51
N SER D 395 19.93 3.18 -40.70
CA SER D 395 19.49 2.84 -39.32
C SER D 395 20.66 2.45 -38.43
N TRP D 396 20.48 2.67 -37.11
CA TRP D 396 21.38 2.11 -36.08
C TRP D 396 20.97 0.67 -35.75
N ILE D 397 19.92 0.14 -36.33
CA ILE D 397 19.42 -1.23 -36.03
C ILE D 397 20.05 -2.22 -37.02
N LYS D 398 20.72 -3.26 -36.54
CA LYS D 398 21.20 -4.35 -37.45
C LYS D 398 19.99 -5.13 -37.99
N ALA D 399 20.19 -5.90 -39.06
CA ALA D 399 19.12 -6.66 -39.73
C ALA D 399 19.26 -8.14 -39.43
N PRO D 400 18.56 -8.69 -38.40
CA PRO D 400 18.62 -10.12 -38.15
C PRO D 400 17.72 -10.86 -39.13
N ARG D 401 18.16 -12.06 -39.46
CA ARG D 401 17.37 -12.98 -40.30
C ARG D 401 17.51 -14.37 -39.70
N TRP D 402 16.60 -15.27 -40.04
CA TRP D 402 16.68 -16.67 -39.57
C TRP D 402 16.71 -17.56 -40.81
N ARG D 403 17.82 -18.25 -41.02
CA ARG D 403 18.04 -19.02 -42.26
C ARG D 403 17.80 -18.07 -43.44
N GLY D 404 18.15 -16.80 -43.34
CA GLY D 404 17.99 -15.86 -44.46
C GLY D 404 16.62 -15.26 -44.58
N ASN D 405 15.66 -15.66 -43.76
CA ASN D 405 14.28 -15.18 -43.81
C ASN D 405 14.07 -14.01 -42.86
N ALA D 406 13.23 -13.07 -43.26
CA ALA D 406 12.83 -11.96 -42.38
C ALA D 406 11.63 -12.41 -41.56
N MET D 407 11.73 -12.27 -40.23
CA MET D 407 10.75 -12.83 -39.28
C MET D 407 10.11 -11.73 -38.45
N GLU D 408 8.86 -11.95 -38.07
CA GLU D 408 8.21 -11.18 -36.99
C GLU D 408 8.34 -11.94 -35.68
N VAL D 409 8.61 -11.21 -34.60
CA VAL D 409 8.66 -11.75 -33.21
C VAL D 409 7.66 -11.01 -32.35
N GLY D 410 7.36 -11.55 -31.16
CA GLY D 410 6.50 -10.88 -30.18
C GLY D 410 5.23 -11.67 -29.92
N PRO D 411 4.26 -11.07 -29.22
CA PRO D 411 3.11 -11.82 -28.74
C PRO D 411 2.32 -12.50 -29.88
N LEU D 412 2.14 -11.84 -31.00
CA LEU D 412 1.40 -12.51 -32.12
C LEU D 412 2.24 -13.68 -32.62
N ALA D 413 3.52 -13.50 -32.87
CA ALA D 413 4.41 -14.58 -33.29
C ALA D 413 4.31 -15.76 -32.35
N ARG D 414 4.43 -15.53 -31.04
CA ARG D 414 4.42 -16.62 -30.06
C ARG D 414 3.07 -17.30 -30.08
N THR D 415 2.00 -16.52 -30.17
CA THR D 415 0.64 -17.08 -30.13
C THR D 415 0.52 -18.04 -31.34
N LEU D 416 0.96 -17.59 -32.51
CA LEU D 416 0.85 -18.43 -33.74
C LEU D 416 1.69 -19.69 -33.55
N ILE D 417 2.89 -19.61 -33.03
CA ILE D 417 3.77 -20.80 -32.85
C ILE D 417 3.06 -21.73 -31.89
N ALA D 418 2.66 -21.22 -30.71
CA ALA D 418 2.03 -22.11 -29.71
C ALA D 418 0.75 -22.73 -30.26
N TYR D 419 -0.08 -21.96 -30.93
CA TYR D 419 -1.34 -22.47 -31.50
C TYR D 419 -1.02 -23.62 -32.44
N HIS D 420 -0.05 -23.42 -33.32
CA HIS D 420 0.20 -24.42 -34.41
C HIS D 420 1.04 -25.56 -33.91
N LYS D 421 1.66 -25.49 -32.74
CA LYS D 421 2.26 -26.66 -32.07
C LYS D 421 1.20 -27.43 -31.27
N GLY D 422 -0.01 -26.89 -31.11
CA GLY D 422 -1.10 -27.58 -30.41
C GLY D 422 -1.08 -27.38 -28.91
N ASP D 423 -0.51 -26.28 -28.43
CA ASP D 423 -0.61 -25.98 -26.98
C ASP D 423 -2.10 -25.79 -26.66
N ALA D 424 -2.64 -26.62 -25.79
CA ALA D 424 -4.10 -26.66 -25.53
C ALA D 424 -4.60 -25.30 -25.00
N ALA D 425 -3.91 -24.68 -24.05
CA ALA D 425 -4.39 -23.44 -23.42
C ALA D 425 -4.41 -22.34 -24.48
N THR D 426 -3.41 -22.32 -25.35
CA THR D 426 -3.32 -21.26 -26.39
C THR D 426 -4.45 -21.47 -27.39
N VAL D 427 -4.62 -22.68 -27.86
CA VAL D 427 -5.72 -22.95 -28.83
C VAL D 427 -7.07 -22.58 -28.23
N GLU D 428 -7.34 -22.97 -26.99
CA GLU D 428 -8.62 -22.63 -26.35
C GLU D 428 -8.80 -21.11 -26.27
N SER D 429 -7.81 -20.39 -25.79
CA SER D 429 -7.88 -18.93 -25.58
C SER D 429 -8.16 -18.24 -26.92
N VAL D 430 -7.38 -18.57 -27.93
CA VAL D 430 -7.42 -17.89 -29.24
C VAL D 430 -8.78 -18.17 -29.87
N ASP D 431 -9.21 -19.42 -29.78
CA ASP D 431 -10.49 -19.80 -30.41
C ASP D 431 -11.62 -19.04 -29.73
N ARG D 432 -11.60 -18.96 -28.40
CA ARG D 432 -12.68 -18.27 -27.65
CA ARG D 432 -12.63 -18.26 -27.58
C ARG D 432 -12.66 -16.79 -28.02
N MET D 433 -11.49 -16.18 -28.12
CA MET D 433 -11.34 -14.74 -28.42
C MET D 433 -11.88 -14.48 -29.83
N MET D 434 -11.48 -15.25 -30.83
CA MET D 434 -11.87 -14.93 -32.21
C MET D 434 -13.35 -15.30 -32.39
N SER D 435 -13.85 -16.30 -31.66
CA SER D 435 -15.30 -16.61 -31.66
C SER D 435 -16.09 -15.40 -31.14
N ALA D 436 -15.64 -14.74 -30.07
CA ALA D 436 -16.36 -13.63 -29.45
C ALA D 436 -16.45 -12.46 -30.43
N LEU D 437 -15.44 -12.28 -31.29
CA LEU D 437 -15.41 -11.20 -32.30
C LEU D 437 -16.08 -11.62 -33.60
N ASN D 438 -16.51 -12.87 -33.70
CA ASN D 438 -17.01 -13.43 -35.00
C ASN D 438 -15.97 -13.21 -36.10
N LEU D 439 -14.71 -13.48 -35.80
CA LEU D 439 -13.65 -13.31 -36.83
C LEU D 439 -12.96 -14.63 -37.04
N PRO D 440 -12.48 -14.85 -38.27
CA PRO D 440 -11.73 -16.04 -38.57
C PRO D 440 -10.37 -16.02 -37.82
N LEU D 441 -9.74 -17.19 -37.64
CA LEU D 441 -8.41 -17.25 -37.02
C LEU D 441 -7.40 -16.32 -37.73
N SER D 442 -7.46 -16.15 -39.04
CA SER D 442 -6.60 -15.25 -39.85
C SER D 442 -6.71 -13.80 -39.34
N GLY D 443 -7.79 -13.41 -38.68
CA GLY D 443 -7.96 -12.05 -38.13
C GLY D 443 -6.91 -11.72 -37.08
N ILE D 444 -6.28 -12.71 -36.51
CA ILE D 444 -5.23 -12.43 -35.49
C ILE D 444 -3.95 -11.97 -36.19
N GLN D 445 -3.79 -12.26 -37.50
CA GLN D 445 -2.57 -11.89 -38.23
C GLN D 445 -2.76 -10.49 -38.75
N SER D 446 -2.61 -9.50 -37.85
CA SER D 446 -3.03 -8.14 -38.13
C SER D 446 -2.58 -7.22 -37.00
N THR D 447 -2.68 -5.94 -37.26
CA THR D 447 -2.47 -4.92 -36.21
C THR D 447 -3.42 -5.17 -35.04
N LEU D 448 -4.72 -5.35 -35.26
CA LEU D 448 -5.64 -5.63 -34.15
C LEU D 448 -5.16 -6.92 -33.45
N GLY D 449 -4.75 -7.96 -34.17
CA GLY D 449 -4.36 -9.23 -33.56
C GLY D 449 -3.17 -9.04 -32.63
N ARG D 450 -2.23 -8.15 -32.97
CA ARG D 450 -1.06 -7.98 -32.08
C ARG D 450 -1.51 -7.47 -30.72
N ILE D 451 -2.53 -6.61 -30.73
CA ILE D 451 -3.09 -6.07 -29.46
C ILE D 451 -3.86 -7.15 -28.72
N LEU D 452 -4.68 -7.92 -29.42
CA LEU D 452 -5.44 -9.01 -28.75
C LEU D 452 -4.49 -10.03 -28.17
N CYS D 453 -3.41 -10.37 -28.87
CA CYS D 453 -2.47 -11.38 -28.36
C CYS D 453 -1.75 -10.84 -27.09
N ARG D 454 -1.41 -9.57 -27.09
CA ARG D 454 -0.75 -8.96 -25.92
C ARG D 454 -1.66 -9.09 -24.72
N ALA D 455 -2.93 -8.79 -24.86
CA ALA D 455 -3.88 -8.92 -23.74
C ALA D 455 -3.96 -10.38 -23.30
N HIS D 456 -4.10 -11.34 -24.23
CA HIS D 456 -4.14 -12.81 -23.95
C HIS D 456 -2.89 -13.15 -23.12
N GLU D 457 -1.71 -12.67 -23.51
CA GLU D 457 -0.45 -13.01 -22.84
C GLU D 457 -0.38 -12.42 -21.44
N ALA D 458 -0.92 -11.25 -21.22
CA ALA D 458 -0.97 -10.68 -19.86
C ALA D 458 -1.78 -11.63 -18.99
N GLN D 459 -2.93 -12.13 -19.49
CA GLN D 459 -3.73 -13.10 -18.72
C GLN D 459 -2.95 -14.39 -18.49
N TRP D 460 -2.26 -14.89 -19.52
CA TRP D 460 -1.46 -16.12 -19.43
C TRP D 460 -0.41 -15.94 -18.33
N ALA D 461 0.35 -14.84 -18.38
CA ALA D 461 1.46 -14.63 -17.46
C ALA D 461 0.95 -14.43 -16.02
N ALA D 462 -0.20 -13.77 -15.84
CA ALA D 462 -0.77 -13.63 -14.49
C ALA D 462 -1.12 -14.99 -13.92
N GLY D 463 -1.64 -15.92 -14.72
CA GLY D 463 -1.88 -17.28 -14.26
C GLY D 463 -0.60 -18.01 -13.93
N LYS D 464 0.40 -17.88 -14.78
CA LYS D 464 1.69 -18.54 -14.53
C LYS D 464 2.32 -18.00 -13.26
N LEU D 465 2.11 -16.73 -12.92
CA LEU D 465 2.69 -16.18 -11.65
C LEU D 465 2.21 -17.04 -10.48
N GLN D 466 0.92 -17.38 -10.45
CA GLN D 466 0.40 -18.19 -9.33
C GLN D 466 1.03 -19.59 -9.37
N TYR D 467 1.11 -20.18 -10.58
CA TYR D 467 1.71 -21.51 -10.74
C TYR D 467 3.14 -21.51 -10.18
N PHE D 468 3.95 -20.52 -10.53
CA PHE D 468 5.35 -20.50 -10.08
C PHE D 468 5.40 -20.27 -8.57
N PHE D 469 4.57 -19.36 -8.06
CA PHE D 469 4.53 -19.10 -6.60
C PHE D 469 4.23 -20.39 -5.85
N ASP D 470 3.22 -21.10 -6.34
CA ASP D 470 2.84 -22.37 -5.68
C ASP D 470 3.98 -23.39 -5.74
N LYS D 471 4.75 -23.43 -6.83
CA LYS D 471 5.90 -24.32 -6.94
C LYS D 471 6.95 -23.94 -5.92
N LEU D 472 7.22 -22.65 -5.77
CA LEU D 472 8.18 -22.17 -4.76
C LEU D 472 7.73 -22.62 -3.39
N MET D 473 6.46 -22.37 -3.06
CA MET D 473 5.99 -22.75 -1.70
C MET D 473 6.03 -24.27 -1.48
N THR D 474 5.76 -25.04 -2.52
CA THR D 474 5.90 -26.53 -2.42
C THR D 474 7.34 -26.91 -2.07
N ASN D 475 8.33 -26.28 -2.70
CA ASN D 475 9.74 -26.56 -2.35
C ASN D 475 9.98 -26.17 -0.88
N LEU D 476 9.50 -25.01 -0.45
CA LEU D 476 9.80 -24.56 0.93
C LEU D 476 9.16 -25.55 1.93
N LYS D 477 7.97 -26.02 1.63
CA LYS D 477 7.27 -26.99 2.53
C LYS D 477 8.12 -28.25 2.64
N ASN D 478 8.91 -28.56 1.62
CA ASN D 478 9.77 -29.77 1.55
C ASN D 478 11.18 -29.47 2.10
N GLY D 479 11.45 -28.29 2.62
CA GLY D 479 12.74 -27.90 3.20
C GLY D 479 13.80 -27.60 2.14
N ASN D 480 13.38 -27.31 0.93
CA ASN D 480 14.29 -26.98 -0.20
C ASN D 480 14.35 -25.46 -0.29
N LEU D 481 15.38 -24.84 0.27
CA LEU D 481 15.44 -23.37 0.38
C LEU D 481 16.47 -22.78 -0.61
N ALA D 482 17.32 -23.58 -1.22
CA ALA D 482 18.52 -23.05 -1.91
C ALA D 482 18.15 -22.06 -3.02
N THR D 483 18.89 -20.95 -3.08
CA THR D 483 18.68 -19.92 -4.12
C THR D 483 19.96 -19.60 -4.90
N ALA D 484 21.11 -20.18 -4.56
CA ALA D 484 22.36 -19.92 -5.34
C ALA D 484 23.23 -21.16 -5.39
N SER D 485 23.87 -21.35 -6.54
CA SER D 485 25.01 -22.29 -6.74
CA SER D 485 25.01 -22.29 -6.71
C SER D 485 26.27 -21.45 -6.81
N THR D 486 27.24 -21.69 -5.95
CA THR D 486 28.44 -20.88 -5.91
C THR D 486 29.73 -21.70 -6.18
N GLU D 487 29.60 -22.96 -6.57
CA GLU D 487 30.84 -23.78 -6.75
C GLU D 487 31.65 -23.25 -7.94
N LYS D 488 31.04 -22.51 -8.87
CA LYS D 488 31.79 -21.89 -9.99
C LYS D 488 31.67 -20.36 -9.95
N TRP D 489 31.52 -19.79 -8.78
CA TRP D 489 31.48 -18.32 -8.67
C TRP D 489 32.85 -17.73 -8.93
N GLU D 490 33.93 -18.32 -8.42
CA GLU D 490 35.27 -17.72 -8.57
C GLU D 490 35.84 -17.93 -9.97
N PRO D 491 36.42 -16.87 -10.61
CA PRO D 491 36.96 -17.01 -11.97
C PRO D 491 37.94 -18.16 -12.18
N ALA D 492 38.67 -18.58 -11.14
CA ALA D 492 39.67 -19.64 -11.36
C ALA D 492 39.01 -20.98 -11.61
N THR D 493 37.72 -21.12 -11.29
CA THR D 493 36.95 -22.33 -11.60
C THR D 493 36.44 -22.41 -13.01
N TRP D 494 36.48 -21.32 -13.78
CA TRP D 494 35.89 -21.30 -15.13
C TRP D 494 36.82 -21.93 -16.16
N PRO D 495 36.25 -22.36 -17.26
CA PRO D 495 37.07 -22.72 -18.43
C PRO D 495 37.88 -21.49 -18.84
N THR D 496 39.12 -21.70 -19.28
CA THR D 496 39.95 -20.60 -19.81
C THR D 496 39.30 -19.97 -21.05
N GLU D 497 38.62 -20.75 -21.84
CA GLU D 497 37.90 -20.29 -23.03
C GLU D 497 36.58 -21.04 -23.10
N CYS D 498 35.48 -20.31 -23.16
CA CYS D 498 34.15 -20.90 -23.27
C CYS D 498 33.18 -19.88 -23.86
N ARG D 499 32.06 -20.38 -24.33
CA ARG D 499 31.02 -19.49 -24.88
CA ARG D 499 31.03 -19.48 -24.88
C ARG D 499 29.65 -20.05 -24.57
N GLY D 500 28.68 -19.16 -24.49
CA GLY D 500 27.33 -19.52 -24.09
C GLY D 500 26.27 -18.68 -24.77
N VAL D 501 25.07 -19.20 -24.79
CA VAL D 501 23.86 -18.49 -25.28
CA VAL D 501 23.90 -18.41 -25.26
C VAL D 501 22.84 -18.39 -24.16
N GLY D 502 22.31 -17.21 -23.92
CA GLY D 502 21.19 -17.03 -23.00
C GLY D 502 20.03 -16.52 -23.79
N PHE D 503 18.87 -17.17 -23.71
CA PHE D 503 17.73 -16.76 -24.54
C PHE D 503 16.46 -16.80 -23.72
N THR D 504 15.49 -16.00 -24.16
CA THR D 504 14.17 -15.97 -23.51
C THR D 504 13.21 -15.31 -24.46
N GLU D 505 11.94 -15.19 -24.02
CA GLU D 505 10.93 -14.38 -24.71
C GLU D 505 10.66 -13.16 -23.84
N ALA D 506 11.23 -12.04 -24.24
CA ALA D 506 10.94 -10.74 -23.61
C ALA D 506 9.52 -10.38 -24.02
N PRO D 507 8.86 -9.41 -23.38
CA PRO D 507 7.52 -9.00 -23.80
C PRO D 507 7.42 -8.71 -25.29
N LYS D 508 8.45 -8.14 -25.89
CA LYS D 508 8.37 -7.80 -27.33
C LYS D 508 8.81 -8.95 -28.24
N GLY D 509 9.37 -10.04 -27.74
CA GLY D 509 9.71 -11.19 -28.57
C GLY D 509 11.04 -11.84 -28.22
N ALA D 510 11.58 -12.55 -29.19
CA ALA D 510 12.72 -13.46 -29.01
C ALA D 510 13.99 -12.66 -28.69
N LEU D 511 14.60 -12.93 -27.55
CA LEU D 511 15.83 -12.26 -27.08
C LEU D 511 16.96 -13.26 -26.94
N GLY D 512 18.13 -12.93 -27.43
CA GLY D 512 19.32 -13.73 -27.23
C GLY D 512 20.52 -12.90 -26.87
N HIS D 513 21.34 -13.41 -25.96
CA HIS D 513 22.66 -12.85 -25.64
C HIS D 513 23.70 -13.94 -25.87
N TRP D 514 24.69 -13.68 -26.70
CA TRP D 514 25.77 -14.61 -27.02
C TRP D 514 27.05 -14.09 -26.40
N ALA D 515 27.67 -14.87 -25.52
CA ALA D 515 28.83 -14.41 -24.76
C ALA D 515 29.98 -15.37 -24.97
N ALA D 516 31.18 -14.85 -25.12
CA ALA D 516 32.43 -15.62 -25.13
C ALA D 516 33.28 -15.11 -24.00
N ILE D 517 33.77 -16.03 -23.17
CA ILE D 517 34.64 -15.71 -22.03
C ILE D 517 36.02 -16.26 -22.35
N ARG D 518 37.04 -15.48 -22.10
CA ARG D 518 38.44 -15.94 -22.28
C ARG D 518 39.26 -15.31 -21.15
N ASP D 519 40.01 -16.12 -20.42
CA ASP D 519 40.96 -15.59 -19.42
C ASP D 519 40.20 -14.76 -18.38
N GLY D 520 39.01 -15.23 -18.02
CA GLY D 520 38.22 -14.61 -16.95
C GLY D 520 37.49 -13.35 -17.35
N LYS D 521 37.53 -12.95 -18.62
CA LYS D 521 36.95 -11.67 -19.05
C LYS D 521 36.03 -11.92 -20.22
N ILE D 522 35.10 -10.97 -20.41
CA ILE D 522 34.23 -11.04 -21.62
C ILE D 522 35.10 -10.74 -22.84
N ASP D 523 35.12 -11.67 -23.78
CA ASP D 523 35.88 -11.56 -25.06
C ASP D 523 34.94 -11.05 -26.14
N LEU D 524 33.67 -11.44 -26.09
CA LEU D 524 32.65 -11.03 -27.07
C LEU D 524 31.30 -11.07 -26.34
N TYR D 525 30.45 -10.13 -26.61
CA TYR D 525 29.10 -10.12 -26.02
C TYR D 525 28.20 -9.49 -27.10
N GLN D 526 27.36 -10.28 -27.71
CA GLN D 526 26.51 -9.83 -28.81
C GLN D 526 25.07 -10.06 -28.40
N CYS D 527 24.25 -9.04 -28.60
CA CYS D 527 22.82 -9.09 -28.30
C CYS D 527 22.02 -9.00 -29.60
N VAL D 528 20.98 -9.80 -29.71
CA VAL D 528 19.98 -9.67 -30.79
C VAL D 528 18.64 -9.58 -30.07
N VAL D 529 17.93 -8.49 -30.16
CA VAL D 529 16.82 -8.18 -29.25
C VAL D 529 15.56 -8.12 -30.09
N PRO D 530 14.39 -8.31 -29.50
CA PRO D 530 13.19 -8.49 -30.33
C PRO D 530 12.89 -7.31 -31.26
N THR D 531 13.04 -6.08 -30.79
CA THR D 531 12.78 -4.94 -31.69
C THR D 531 13.90 -4.85 -32.75
N THR D 532 15.09 -5.42 -32.51
CA THR D 532 16.09 -5.55 -33.62
C THR D 532 15.45 -6.30 -34.77
N TRP D 533 14.79 -7.42 -34.46
CA TRP D 533 14.09 -8.19 -35.49
C TRP D 533 13.02 -7.30 -36.11
N ASN D 534 12.08 -6.82 -35.33
CA ASN D 534 10.86 -6.24 -35.93
C ASN D 534 11.16 -4.94 -36.65
N ALA D 535 12.03 -4.09 -36.11
CA ALA D 535 12.31 -2.76 -36.67
C ALA D 535 13.44 -2.83 -37.68
N SER D 536 13.94 -4.02 -37.99
CA SER D 536 15.09 -4.28 -38.90
C SER D 536 15.03 -3.44 -40.17
N PRO D 537 16.19 -3.01 -40.66
CA PRO D 537 16.25 -2.48 -42.03
C PRO D 537 16.38 -3.66 -42.99
N ARG D 538 16.55 -3.32 -44.27
CA ARG D 538 16.61 -4.33 -45.34
C ARG D 538 17.96 -5.05 -45.33
N ASP D 539 17.99 -6.14 -46.10
CA ASP D 539 19.18 -7.02 -46.26
C ASP D 539 19.64 -6.98 -47.73
N PRO D 540 20.69 -7.75 -48.08
CA PRO D 540 21.24 -7.64 -49.46
C PRO D 540 20.26 -8.09 -50.53
N LYS D 541 19.28 -8.88 -50.22
CA LYS D 541 18.21 -9.31 -51.16
C LYS D 541 17.12 -8.25 -51.22
N GLY D 542 17.17 -7.19 -50.42
CA GLY D 542 16.13 -6.16 -50.33
C GLY D 542 14.92 -6.62 -49.50
N GLN D 543 15.03 -7.74 -48.78
CA GLN D 543 13.91 -8.24 -47.93
C GLN D 543 13.66 -7.25 -46.79
N ILE D 544 12.38 -6.97 -46.58
CA ILE D 544 11.93 -5.97 -45.58
C ILE D 544 11.62 -6.73 -44.30
N GLY D 545 11.82 -5.99 -43.21
CA GLY D 545 11.50 -6.43 -41.85
C GLY D 545 10.03 -6.29 -41.47
N ALA D 546 9.69 -6.67 -40.24
CA ALA D 546 8.29 -6.79 -39.83
C ALA D 546 7.57 -5.44 -39.84
N TYR D 547 8.18 -4.36 -39.33
CA TYR D 547 7.52 -3.05 -39.33
C TYR D 547 7.28 -2.57 -40.76
N GLU D 548 8.31 -2.64 -41.58
CA GLU D 548 8.16 -2.13 -42.99
C GLU D 548 7.08 -2.93 -43.68
N ALA D 549 7.05 -4.23 -43.54
CA ALA D 549 6.01 -5.07 -44.18
C ALA D 549 4.63 -4.76 -43.62
N ALA D 550 4.47 -4.61 -42.29
CA ALA D 550 3.13 -4.34 -41.71
C ALA D 550 2.61 -2.97 -42.18
N LEU D 551 3.48 -2.01 -42.47
CA LEU D 551 3.05 -0.67 -42.96
C LEU D 551 2.69 -0.75 -44.44
N MET D 552 3.34 -1.61 -45.21
CA MET D 552 3.00 -1.71 -46.65
C MET D 552 1.50 -1.89 -46.88
N ASN D 553 1.03 -1.18 -47.91
CA ASN D 553 -0.35 -1.33 -48.46
C ASN D 553 -1.41 -0.71 -47.54
N THR D 554 -1.00 0.11 -46.56
CA THR D 554 -1.94 0.70 -45.59
C THR D 554 -2.52 1.99 -46.18
N LYS D 555 -3.83 2.09 -46.10
CA LYS D 555 -4.56 3.31 -46.49
C LYS D 555 -4.41 4.35 -45.38
N MET D 556 -4.24 5.61 -45.75
CA MET D 556 -4.25 6.75 -44.80
C MET D 556 -5.43 7.65 -45.12
N ALA D 557 -6.25 7.99 -44.15
CA ALA D 557 -7.39 8.91 -44.41
C ALA D 557 -6.87 10.32 -44.66
N ILE D 558 -5.83 10.76 -43.93
CA ILE D 558 -5.31 12.14 -43.94
C ILE D 558 -3.79 12.04 -43.94
N PRO D 559 -3.10 12.17 -45.07
CA PRO D 559 -1.66 11.94 -45.15
C PRO D 559 -0.89 12.67 -44.05
N GLU D 560 -1.28 13.88 -43.66
CA GLU D 560 -0.48 14.70 -42.72
C GLU D 560 -0.65 14.21 -41.27
N GLN D 561 -1.61 13.33 -41.01
CA GLN D 561 -1.91 12.81 -39.64
C GLN D 561 -1.59 11.32 -39.62
N PRO D 562 -0.46 10.90 -39.07
CA PRO D 562 -0.01 9.50 -39.24
C PRO D 562 -0.74 8.51 -38.33
N LEU D 563 -2.05 8.62 -38.10
CA LEU D 563 -2.70 7.76 -37.10
C LEU D 563 -2.53 6.29 -37.48
N GLU D 564 -2.71 5.95 -38.75
CA GLU D 564 -2.68 4.52 -39.14
C GLU D 564 -1.26 4.00 -38.99
N ILE D 565 -0.26 4.81 -39.28
CA ILE D 565 1.17 4.41 -39.13
C ILE D 565 1.41 4.14 -37.64
N LEU D 566 1.02 5.08 -36.81
CA LEU D 566 1.19 4.90 -35.33
C LEU D 566 0.46 3.68 -34.82
N ARG D 567 -0.76 3.43 -35.27
CA ARG D 567 -1.51 2.24 -34.82
C ARG D 567 -0.68 0.99 -35.08
N THR D 568 -0.20 0.81 -36.29
CA THR D 568 0.48 -0.45 -36.65
C THR D 568 1.84 -0.48 -35.95
N LEU D 569 2.60 0.61 -35.90
CA LEU D 569 3.92 0.53 -35.25
C LEU D 569 3.70 0.30 -33.76
N HIS D 570 2.81 1.02 -33.14
CA HIS D 570 2.57 0.82 -31.69
C HIS D 570 2.11 -0.59 -31.38
N SER D 571 1.44 -1.27 -32.31
CA SER D 571 0.94 -2.62 -32.03
C SER D 571 2.08 -3.60 -31.75
N PHE D 572 3.30 -3.32 -32.22
CA PHE D 572 4.49 -4.15 -31.94
C PHE D 572 5.18 -3.75 -30.62
N ASP D 573 4.77 -2.68 -29.98
CA ASP D 573 5.41 -2.13 -28.76
C ASP D 573 6.89 -1.86 -29.06
N PRO D 574 7.22 -0.92 -29.95
CA PRO D 574 8.61 -0.68 -30.27
C PRO D 574 9.47 -0.24 -29.08
N CYS D 575 10.60 -0.90 -28.88
CA CYS D 575 11.56 -0.56 -27.84
C CYS D 575 12.87 -0.28 -28.53
N LEU D 576 13.12 0.98 -28.81
CA LEU D 576 14.24 1.35 -29.68
C LEU D 576 15.59 1.26 -28.96
N ALA D 577 15.62 1.52 -27.65
CA ALA D 577 16.86 1.34 -26.87
C ALA D 577 17.25 -0.12 -26.92
N CYS D 578 16.27 -1.00 -26.69
CA CYS D 578 16.50 -2.46 -26.88
C CYS D 578 17.06 -2.74 -28.29
N SER D 579 16.45 -2.15 -29.33
CA SER D 579 16.74 -2.57 -30.72
C SER D 579 18.20 -2.29 -31.08
N THR D 580 18.82 -1.27 -30.50
CA THR D 580 20.12 -0.72 -30.89
C THR D 580 21.20 -1.06 -29.86
N HIS D 581 20.82 -1.01 -28.57
CA HIS D 581 21.71 -1.34 -27.44
C HIS D 581 23.08 -0.69 -27.67
#